data_5QH2
# 
_entry.id   5QH2 
# 
_audit_conform.dict_name       mmcif_pdbx.dic 
_audit_conform.dict_version    5.381 
_audit_conform.dict_location   http://mmcif.pdb.org/dictionaries/ascii/mmcif_pdbx.dic 
# 
loop_
_database_2.database_id 
_database_2.database_code 
_database_2.pdbx_database_accession 
_database_2.pdbx_DOI 
PDB   5QH2         pdb_00005qh2 10.2210/pdb5qh2/pdb 
WWPDB D_1001401939 ?            ?                   
# 
_pdbx_database_status.entry_id                        5QH2 
_pdbx_database_status.status_code                     REL 
_pdbx_database_status.status_code_sf                  REL 
_pdbx_database_status.status_code_mr                  ? 
_pdbx_database_status.status_code_cs                  ? 
_pdbx_database_status.recvd_initial_deposition_date   2018-05-15 
_pdbx_database_status.deposit_site                    RCSB 
_pdbx_database_status.process_site                    RCSB 
_pdbx_database_status.SG_entry                        ? 
_pdbx_database_status.pdb_format_compatible           Y 
_pdbx_database_status.methods_development_category    ? 
_pdbx_database_status.status_code_nmr_data            ? 
# 
loop_
_audit_author.name 
_audit_author.pdbx_ordinal 
_audit_author.identifier_ORCID 
'Krojer, T.'         1  ? 
'Talon, R.'          2  ? 
'Fairhead, M.'       3  ? 
'Diaz Saez, L.'      4  ? 
'Bradley, A.R.'      5  ? 
'Aimon, A.'          6  ? 
'Collins, P.'        7  ? 
'Brandao-Neto, J.'   8  ? 
'Douangamath, A.'    9  ? 
'Ruda, G.F.'         10 ? 
'Szommer, T.'        11 ? 
'Srikannathasan, V.' 12 ? 
'Elkins, J.'         13 ? 
'Spencer, J.'        14 ? 
'London, N.'         15 ? 
'Nelson, A.'         16 ? 
'Brennan, P.E.'      17 ? 
'Huber, K.'          18 ? 
'Bountra, C.'        19 ? 
'Arrowsmith, C.H.'   20 ? 
'Edwards, A.'        21 ? 
'von Delft, F.'      22 ? 
# 
_citation.id                        primary 
_citation.title                     'PanDDA analysis group deposition of models with modelled events (e.g. bound ligands)' 
_citation.journal_abbrev            'To Be Published' 
_citation.journal_volume            ? 
_citation.page_first                ? 
_citation.page_last                 ? 
_citation.year                      ? 
_citation.journal_id_ASTM           ? 
_citation.country                   ? 
_citation.journal_id_ISSN           ? 
_citation.journal_id_CSD            0353 
_citation.book_publisher            ? 
_citation.pdbx_database_id_PubMed   ? 
_citation.pdbx_database_id_DOI      ? 
# 
loop_
_citation_author.citation_id 
_citation_author.name 
_citation_author.identifier_ORCID 
_citation_author.ordinal 
primary 'Krojer, T.'         ? 1  
primary 'Talon, R.'          ? 2  
primary 'Fairhead, M.'       ? 3  
primary 'Diaz Saez, L.'      ? 4  
primary 'Bradley, A.R.'      ? 5  
primary 'Aimon, A.'          ? 6  
primary 'Collins, P.'        ? 7  
primary 'Brandao-Neto, J.'   ? 8  
primary 'Douangamath, A.'    ? 9  
primary 'Ruda, G.F.'         ? 10 
primary 'Szommer, T.'        ? 11 
primary 'Srikannathasan, V.' ? 12 
primary 'Elkins, J.'         ? 13 
primary 'Spencer, J.'        ? 14 
primary 'London, N.'         ? 15 
primary 'Nelson, A.'         ? 16 
primary 'Brennan, P.E.'      ? 17 
primary 'Huber, K.'          ? 18 
primary 'Bountra, C.'        ? 19 
primary 'Arrowsmith, C.H.'   ? 20 
primary 'Edwards, A.'        ? 21 
primary 'von Delft, F.'      ? 22 
# 
_cell.entry_id           5QH2 
_cell.length_a           123.856 
_cell.length_b           123.856 
_cell.length_c           40.893 
_cell.angle_alpha        90.000 
_cell.angle_beta         90.000 
_cell.angle_gamma        120.000 
_cell.Z_PDB              6 
_cell.pdbx_unique_axis   ? 
# 
_symmetry.entry_id                         5QH2 
_symmetry.space_group_name_H-M             'P 3 2 1' 
_symmetry.pdbx_full_space_group_name_H-M   ? 
_symmetry.cell_setting                     ? 
_symmetry.Int_Tables_number                150 
# 
loop_
_entity.id 
_entity.type 
_entity.src_method 
_entity.pdbx_description 
_entity.formula_weight 
_entity.pdbx_number_of_molecules 
_entity.pdbx_ec 
_entity.pdbx_mutation 
_entity.pdbx_fragment 
_entity.details 
1 polymer     man 'Peroxisomal coenzyme A diphosphatase NUDT7'   22197.600 1   3.6.1.- ? ? ? 
2 non-polymer syn 'ACETATE ION'                                  59.044    2   ?       ? ? ? 
3 non-polymer syn 'DIMETHYL SULFOXIDE'                           78.133    2   ?       ? ? ? 
4 non-polymer syn '2-(3-methylphenyl)-N-(pyridin-3-yl)acetamide' 226.274   1   ?       ? ? ? 
5 water       nat water                                          18.015    159 ?       ? ? ? 
# 
_entity_name_com.entity_id   1 
_entity_name_com.name        'Nucleoside diphosphate-linked moiety X motif 7,Nudix motif 7' 
# 
_entity_poly.entity_id                      1 
_entity_poly.type                           'polypeptide(L)' 
_entity_poly.nstd_linkage                   no 
_entity_poly.nstd_monomer                   yes 
_entity_poly.pdbx_seq_one_letter_code       
;SMLDDAKARLRKYDIGGKYSHLPYNKYSVLLPLVAKEGKLHLLFTVRSEKLRRAPGEVCFPGGKRDPTDMDDAATALREA
QEEVGLR(HYP)HQVEVV(CSO)CLVPCLIDTDTLITPFVGLIDHNFQAQPNPAEVKDVFLVPLAYFLHPQVHDQHYVTR
LGHRFINHIFEYTNPEDGVTYQIKGMTANLAVLVAFIILEKKPT
;
_entity_poly.pdbx_seq_one_letter_code_can   
;SMLDDAKARLRKYDIGGKYSHLPYNKYSVLLPLVAKEGKLHLLFTVRSEKLRRAPGEVCFPGGKRDPTDMDDAATALREA
QEEVGLRPHQVEVVCCLVPCLIDTDTLITPFVGLIDHNFQAQPNPAEVKDVFLVPLAYFLHPQVHDQHYVTRLGHRFINH
IFEYTNPEDGVTYQIKGMTANLAVLVAFIILEKKPT
;
_entity_poly.pdbx_strand_id                 A 
_entity_poly.pdbx_target_identifier         ? 
# 
loop_
_entity_poly_seq.entity_id 
_entity_poly_seq.num 
_entity_poly_seq.mon_id 
_entity_poly_seq.hetero 
1 1   SER n 
1 2   MET n 
1 3   LEU n 
1 4   ASP n 
1 5   ASP n 
1 6   ALA n 
1 7   LYS n 
1 8   ALA n 
1 9   ARG n 
1 10  LEU n 
1 11  ARG n 
1 12  LYS n 
1 13  TYR n 
1 14  ASP n 
1 15  ILE n 
1 16  GLY n 
1 17  GLY n 
1 18  LYS n 
1 19  TYR n 
1 20  SER n 
1 21  HIS n 
1 22  LEU n 
1 23  PRO n 
1 24  TYR n 
1 25  ASN n 
1 26  LYS n 
1 27  TYR n 
1 28  SER n 
1 29  VAL n 
1 30  LEU n 
1 31  LEU n 
1 32  PRO n 
1 33  LEU n 
1 34  VAL n 
1 35  ALA n 
1 36  LYS n 
1 37  GLU n 
1 38  GLY n 
1 39  LYS n 
1 40  LEU n 
1 41  HIS n 
1 42  LEU n 
1 43  LEU n 
1 44  PHE n 
1 45  THR n 
1 46  VAL n 
1 47  ARG n 
1 48  SER n 
1 49  GLU n 
1 50  LYS n 
1 51  LEU n 
1 52  ARG n 
1 53  ARG n 
1 54  ALA n 
1 55  PRO n 
1 56  GLY n 
1 57  GLU n 
1 58  VAL n 
1 59  CYS n 
1 60  PHE n 
1 61  PRO n 
1 62  GLY n 
1 63  GLY n 
1 64  LYS n 
1 65  ARG n 
1 66  ASP n 
1 67  PRO n 
1 68  THR n 
1 69  ASP n 
1 70  MET n 
1 71  ASP n 
1 72  ASP n 
1 73  ALA n 
1 74  ALA n 
1 75  THR n 
1 76  ALA n 
1 77  LEU n 
1 78  ARG n 
1 79  GLU n 
1 80  ALA n 
1 81  GLN n 
1 82  GLU n 
1 83  GLU n 
1 84  VAL n 
1 85  GLY n 
1 86  LEU n 
1 87  ARG n 
1 88  HYP n 
1 89  HIS n 
1 90  GLN n 
1 91  VAL n 
1 92  GLU n 
1 93  VAL n 
1 94  VAL n 
1 95  CSO n 
1 96  CYS n 
1 97  LEU n 
1 98  VAL n 
1 99  PRO n 
1 100 CYS n 
1 101 LEU n 
1 102 ILE n 
1 103 ASP n 
1 104 THR n 
1 105 ASP n 
1 106 THR n 
1 107 LEU n 
1 108 ILE n 
1 109 THR n 
1 110 PRO n 
1 111 PHE n 
1 112 VAL n 
1 113 GLY n 
1 114 LEU n 
1 115 ILE n 
1 116 ASP n 
1 117 HIS n 
1 118 ASN n 
1 119 PHE n 
1 120 GLN n 
1 121 ALA n 
1 122 GLN n 
1 123 PRO n 
1 124 ASN n 
1 125 PRO n 
1 126 ALA n 
1 127 GLU n 
1 128 VAL n 
1 129 LYS n 
1 130 ASP n 
1 131 VAL n 
1 132 PHE n 
1 133 LEU n 
1 134 VAL n 
1 135 PRO n 
1 136 LEU n 
1 137 ALA n 
1 138 TYR n 
1 139 PHE n 
1 140 LEU n 
1 141 HIS n 
1 142 PRO n 
1 143 GLN n 
1 144 VAL n 
1 145 HIS n 
1 146 ASP n 
1 147 GLN n 
1 148 HIS n 
1 149 TYR n 
1 150 VAL n 
1 151 THR n 
1 152 ARG n 
1 153 LEU n 
1 154 GLY n 
1 155 HIS n 
1 156 ARG n 
1 157 PHE n 
1 158 ILE n 
1 159 ASN n 
1 160 HIS n 
1 161 ILE n 
1 162 PHE n 
1 163 GLU n 
1 164 TYR n 
1 165 THR n 
1 166 ASN n 
1 167 PRO n 
1 168 GLU n 
1 169 ASP n 
1 170 GLY n 
1 171 VAL n 
1 172 THR n 
1 173 TYR n 
1 174 GLN n 
1 175 ILE n 
1 176 LYS n 
1 177 GLY n 
1 178 MET n 
1 179 THR n 
1 180 ALA n 
1 181 ASN n 
1 182 LEU n 
1 183 ALA n 
1 184 VAL n 
1 185 LEU n 
1 186 VAL n 
1 187 ALA n 
1 188 PHE n 
1 189 ILE n 
1 190 ILE n 
1 191 LEU n 
1 192 GLU n 
1 193 LYS n 
1 194 LYS n 
1 195 PRO n 
1 196 THR n 
# 
_entity_src_gen.entity_id                          1 
_entity_src_gen.pdbx_src_id                        1 
_entity_src_gen.pdbx_alt_source_flag               sample 
_entity_src_gen.pdbx_seq_type                      'Biological sequence' 
_entity_src_gen.pdbx_beg_seq_num                   1 
_entity_src_gen.pdbx_end_seq_num                   196 
_entity_src_gen.gene_src_common_name               Human 
_entity_src_gen.gene_src_genus                     ? 
_entity_src_gen.pdbx_gene_src_gene                 NUDT7 
_entity_src_gen.gene_src_species                   ? 
_entity_src_gen.gene_src_strain                    ? 
_entity_src_gen.gene_src_tissue                    ? 
_entity_src_gen.gene_src_tissue_fraction           ? 
_entity_src_gen.gene_src_details                   ? 
_entity_src_gen.pdbx_gene_src_fragment             ? 
_entity_src_gen.pdbx_gene_src_scientific_name      'Homo sapiens' 
_entity_src_gen.pdbx_gene_src_ncbi_taxonomy_id     9606 
_entity_src_gen.pdbx_gene_src_variant              ? 
_entity_src_gen.pdbx_gene_src_cell_line            ? 
_entity_src_gen.pdbx_gene_src_atcc                 ? 
_entity_src_gen.pdbx_gene_src_organ                ? 
_entity_src_gen.pdbx_gene_src_organelle            ? 
_entity_src_gen.pdbx_gene_src_cell                 ? 
_entity_src_gen.pdbx_gene_src_cellular_location    ? 
_entity_src_gen.host_org_common_name               ? 
_entity_src_gen.pdbx_host_org_scientific_name      'Escherichia coli' 
_entity_src_gen.pdbx_host_org_ncbi_taxonomy_id     562 
_entity_src_gen.host_org_genus                     ? 
_entity_src_gen.pdbx_host_org_gene                 ? 
_entity_src_gen.pdbx_host_org_organ                ? 
_entity_src_gen.host_org_species                   ? 
_entity_src_gen.pdbx_host_org_tissue               ? 
_entity_src_gen.pdbx_host_org_tissue_fraction      ? 
_entity_src_gen.pdbx_host_org_strain               ? 
_entity_src_gen.pdbx_host_org_variant              ? 
_entity_src_gen.pdbx_host_org_cell_line            ? 
_entity_src_gen.pdbx_host_org_atcc                 ? 
_entity_src_gen.pdbx_host_org_culture_collection   ? 
_entity_src_gen.pdbx_host_org_cell                 ? 
_entity_src_gen.pdbx_host_org_organelle            ? 
_entity_src_gen.pdbx_host_org_cellular_location    ? 
_entity_src_gen.pdbx_host_org_vector_type          ? 
_entity_src_gen.pdbx_host_org_vector               ? 
_entity_src_gen.host_org_details                   ? 
_entity_src_gen.expression_system_id               ? 
_entity_src_gen.plasmid_name                       ? 
_entity_src_gen.plasmid_details                    ? 
_entity_src_gen.pdbx_description                   ? 
# 
_struct_ref.id                         1 
_struct_ref.db_name                    UNP 
_struct_ref.db_code                    NUDT7_HUMAN 
_struct_ref.pdbx_db_accession          P0C024 
_struct_ref.pdbx_db_isoform            ? 
_struct_ref.entity_id                  1 
_struct_ref.pdbx_seq_one_letter_code   
;SLLDDAKARLRKYDIGGKYSHLPYNKYSVLLPLVAKEGKLHLLFTVRSEKLRRAPGEVCFPGGKRDPTDMDDAATALREA
QEEVGLRPHQVEVVCCLVPCLIDTDTLITPFVGLIDHNFQAQPNPAEVKDVFLVPLAYFLHPQVHDQHYVTRLGHRFINH
IFEYTNPEDGVTYQIKGMTANLAVLVAFIILEKKPT
;
_struct_ref.pdbx_align_begin           14 
# 
_struct_ref_seq.align_id                      1 
_struct_ref_seq.ref_id                        1 
_struct_ref_seq.pdbx_PDB_id_code              5QH2 
_struct_ref_seq.pdbx_strand_id                A 
_struct_ref_seq.seq_align_beg                 1 
_struct_ref_seq.pdbx_seq_align_beg_ins_code   ? 
_struct_ref_seq.seq_align_end                 196 
_struct_ref_seq.pdbx_seq_align_end_ins_code   ? 
_struct_ref_seq.pdbx_db_accession             P0C024 
_struct_ref_seq.db_align_beg                  14 
_struct_ref_seq.pdbx_db_align_beg_ins_code    ? 
_struct_ref_seq.db_align_end                  209 
_struct_ref_seq.pdbx_db_align_end_ins_code    ? 
_struct_ref_seq.pdbx_auth_seq_align_beg       15 
_struct_ref_seq.pdbx_auth_seq_align_end       210 
# 
_struct_ref_seq_dif.align_id                     1 
_struct_ref_seq_dif.pdbx_pdb_id_code             5QH2 
_struct_ref_seq_dif.mon_id                       MET 
_struct_ref_seq_dif.pdbx_pdb_strand_id           A 
_struct_ref_seq_dif.seq_num                      2 
_struct_ref_seq_dif.pdbx_pdb_ins_code            ? 
_struct_ref_seq_dif.pdbx_seq_db_name             UNP 
_struct_ref_seq_dif.pdbx_seq_db_accession_code   P0C024 
_struct_ref_seq_dif.db_mon_id                    LEU 
_struct_ref_seq_dif.pdbx_seq_db_seq_num          15 
_struct_ref_seq_dif.details                      conflict 
_struct_ref_seq_dif.pdbx_auth_seq_num            16 
_struct_ref_seq_dif.pdbx_ordinal                 1 
# 
loop_
_chem_comp.id 
_chem_comp.type 
_chem_comp.mon_nstd_flag 
_chem_comp.name 
_chem_comp.pdbx_synonyms 
_chem_comp.formula 
_chem_comp.formula_weight 
ACT non-polymer         . 'ACETATE ION'                                  ?              'C2 H3 O2 -1'    59.044  
ALA 'L-peptide linking' y ALANINE                                        ?              'C3 H7 N O2'     89.093  
ARG 'L-peptide linking' y ARGININE                                       ?              'C6 H15 N4 O2 1' 175.209 
ASN 'L-peptide linking' y ASPARAGINE                                     ?              'C4 H8 N2 O3'    132.118 
ASP 'L-peptide linking' y 'ASPARTIC ACID'                                ?              'C4 H7 N O4'     133.103 
CSO 'L-peptide linking' n S-HYDROXYCYSTEINE                              ?              'C3 H7 N O3 S'   137.158 
CYS 'L-peptide linking' y CYSTEINE                                       ?              'C3 H7 N O2 S'   121.158 
DMS non-polymer         . 'DIMETHYL SULFOXIDE'                           ?              'C2 H6 O S'      78.133  
GLN 'L-peptide linking' y GLUTAMINE                                      ?              'C5 H10 N2 O3'   146.144 
GLU 'L-peptide linking' y 'GLUTAMIC ACID'                                ?              'C5 H9 N O4'     147.129 
GLY 'peptide linking'   y GLYCINE                                        ?              'C2 H5 N O2'     75.067  
H54 non-polymer         . '2-(3-methylphenyl)-N-(pyridin-3-yl)acetamide' ?              'C14 H14 N2 O'   226.274 
HIS 'L-peptide linking' y HISTIDINE                                      ?              'C6 H10 N3 O2 1' 156.162 
HOH non-polymer         . WATER                                          ?              'H2 O'           18.015  
HYP 'L-peptide linking' n 4-HYDROXYPROLINE                               HYDROXYPROLINE 'C5 H9 N O3'     131.130 
ILE 'L-peptide linking' y ISOLEUCINE                                     ?              'C6 H13 N O2'    131.173 
LEU 'L-peptide linking' y LEUCINE                                        ?              'C6 H13 N O2'    131.173 
LYS 'L-peptide linking' y LYSINE                                         ?              'C6 H15 N2 O2 1' 147.195 
MET 'L-peptide linking' y METHIONINE                                     ?              'C5 H11 N O2 S'  149.211 
PHE 'L-peptide linking' y PHENYLALANINE                                  ?              'C9 H11 N O2'    165.189 
PRO 'L-peptide linking' y PROLINE                                        ?              'C5 H9 N O2'     115.130 
SER 'L-peptide linking' y SERINE                                         ?              'C3 H7 N O3'     105.093 
THR 'L-peptide linking' y THREONINE                                      ?              'C4 H9 N O3'     119.119 
TYR 'L-peptide linking' y TYROSINE                                       ?              'C9 H11 N O3'    181.189 
VAL 'L-peptide linking' y VALINE                                         ?              'C5 H11 N O2'    117.146 
# 
_exptl.crystals_number   1 
_exptl.entry_id          5QH2 
_exptl.method            'X-RAY DIFFRACTION' 
# 
_exptl_crystal.id                    1 
_exptl_crystal.pdbx_mosaicity        0.090 
_exptl_crystal.pdbx_mosaicity_esd    ? 
_exptl_crystal.density_Matthews      4.08 
_exptl_crystal.density_diffrn        ? 
_exptl_crystal.density_meas          ? 
_exptl_crystal.density_meas_temp     ? 
_exptl_crystal.density_percent_sol   69.85 
_exptl_crystal.size_max              ? 
_exptl_crystal.size_mid              ? 
_exptl_crystal.size_min              ? 
_exptl_crystal.size_rad              ? 
_exptl_crystal.description           ? 
_exptl_crystal.preparation           ? 
# 
_exptl_crystal_grow.crystal_id      1 
_exptl_crystal_grow.method          'VAPOR DIFFUSION, SITTING DROP' 
_exptl_crystal_grow.pH              5.5 
_exptl_crystal_grow.temp            293 
_exptl_crystal_grow.pdbx_details    '0.1M bis-tris pH 5.5 -- 0.1M ammonium acetate -- 5%(w/v) PEG10K' 
_exptl_crystal_grow.temp_details    ? 
_exptl_crystal_grow.pdbx_pH_range   ? 
# 
_diffrn.id                     1 
_diffrn.ambient_temp           100 
_diffrn.crystal_id             1 
_diffrn.ambient_temp_details   ? 
# 
_diffrn_detector.detector               PIXEL 
_diffrn_detector.type                   'DECTRIS PILATUS 6M' 
_diffrn_detector.pdbx_collection_date   2017-05-11 
_diffrn_detector.diffrn_id              1 
_diffrn_detector.details                ? 
# 
_diffrn_radiation.diffrn_id                        1 
_diffrn_radiation.wavelength_id                    1 
_diffrn_radiation.pdbx_diffrn_protocol             'SINGLE WAVELENGTH' 
_diffrn_radiation.pdbx_monochromatic_or_laue_m_l   ? 
_diffrn_radiation.monochromator                    ? 
_diffrn_radiation.pdbx_scattering_type             x-ray 
# 
_diffrn_radiation_wavelength.id           1 
_diffrn_radiation_wavelength.wavelength   0.91587 
_diffrn_radiation_wavelength.wt           1.0 
# 
_diffrn_source.diffrn_id                   1 
_diffrn_source.source                      SYNCHROTRON 
_diffrn_source.type                        'DIAMOND BEAMLINE I04-1' 
_diffrn_source.pdbx_wavelength_list        0.91587 
_diffrn_source.pdbx_synchrotron_site       Diamond 
_diffrn_source.pdbx_synchrotron_beamline   I04-1 
_diffrn_source.pdbx_wavelength             ? 
# 
_reflns.entry_id                     5QH2 
_reflns.pdbx_diffrn_id               1 
_reflns.pdbx_ordinal                 1 
_reflns.observed_criterion_sigma_I   ? 
_reflns.observed_criterion_sigma_F   ? 
_reflns.d_resolution_low             29.750 
_reflns.d_resolution_high            1.740 
_reflns.number_obs                   37135 
_reflns.number_all                   ? 
_reflns.percent_possible_obs         99.900 
_reflns.pdbx_Rmerge_I_obs            0.046 
_reflns.pdbx_Rsym_value              ? 
_reflns.pdbx_netI_over_sigmaI        29.900 
_reflns.B_iso_Wilson_estimate        ? 
_reflns.pdbx_redundancy              11.300 
_reflns.pdbx_Rrim_I_all              0.048 
_reflns.pdbx_Rpim_I_all              0.014 
_reflns.pdbx_CC_half                 1.000 
_reflns.pdbx_netI_over_av_sigmaI     ? 
_reflns.pdbx_number_measured_all     419747 
_reflns.pdbx_scaling_rejects         0 
_reflns.pdbx_chi_squared             ? 
_reflns.Rmerge_F_all                 ? 
_reflns.Rmerge_F_obs                 ? 
_reflns.observed_criterion_F_max     ? 
_reflns.observed_criterion_F_min     ? 
_reflns.observed_criterion_I_max     ? 
_reflns.observed_criterion_I_min     ? 
_reflns.pdbx_d_res_high_opt          ? 
_reflns.pdbx_d_res_low_opt           ? 
_reflns.details                      ? 
# 
loop_
_reflns_shell.pdbx_diffrn_id 
_reflns_shell.pdbx_ordinal 
_reflns_shell.d_res_high 
_reflns_shell.d_res_low 
_reflns_shell.number_measured_obs 
_reflns_shell.number_measured_all 
_reflns_shell.number_unique_obs 
_reflns_shell.pdbx_rejects 
_reflns_shell.Rmerge_I_obs 
_reflns_shell.meanI_over_sigI_obs 
_reflns_shell.pdbx_Rsym_value 
_reflns_shell.pdbx_chi_squared 
_reflns_shell.pdbx_redundancy 
_reflns_shell.percent_possible_obs 
_reflns_shell.pdbx_netI_over_sigmaI_obs 
_reflns_shell.number_possible 
_reflns_shell.number_unique_all 
_reflns_shell.Rmerge_F_all 
_reflns_shell.Rmerge_F_obs 
_reflns_shell.Rmerge_I_all 
_reflns_shell.meanI_over_sigI_all 
_reflns_shell.percent_possible_all 
_reflns_shell.pdbx_Rrim_I_all 
_reflns_shell.pdbx_Rpim_I_all 
_reflns_shell.pdbx_CC_half 
1 1 1.740 1.780  ? 28531 ? ? 0.766 ? ? ? 10.500 ? 3.000  ? 2725 ? ? ? ? 99.300 0.806 0.248 0.892 
1 2 7.780 29.750 ? 5095  ? ? 0.026 ? ? ? 11.300 ? 99.300 ? 452  ? ? ? ? 98.300 0.028 0.008 1.000 
# 
_refine.entry_id                                 5QH2 
_refine.pdbx_refine_id                           'X-RAY DIFFRACTION' 
_refine.ls_d_res_high                            1.7400 
_refine.ls_d_res_low                             107.4900 
_refine.pdbx_ls_sigma_F                          0.000 
_refine.pdbx_data_cutoff_high_absF               ? 
_refine.pdbx_data_cutoff_low_absF                ? 
_refine.ls_percent_reflns_obs                    99.9000 
_refine.ls_number_reflns_obs                     35130 
_refine.ls_number_reflns_all                     ? 
_refine.pdbx_ls_cross_valid_method               THROUGHOUT 
_refine.ls_matrix_type                           ? 
_refine.pdbx_R_Free_selection_details            RANDOM 
_refine.details                                  
'HYDROGENS HAVE BEEN ADDED IN THE RIDING POSITIONS U VALUES      : REFINED INDIVIDUALLY' 
_refine.ls_R_factor_all                          ? 
_refine.ls_R_factor_obs                          0.1979 
_refine.ls_R_factor_R_work                       0.1972 
_refine.ls_wR_factor_R_work                      ? 
_refine.ls_R_factor_R_free                       0.2094 
_refine.ls_wR_factor_R_free                      ? 
_refine.ls_percent_reflns_R_free                 5.4000 
_refine.ls_number_reflns_R_free                  2004 
_refine.ls_number_reflns_R_work                  ? 
_refine.ls_R_factor_R_free_error                 ? 
_refine.B_iso_mean                               34.0380 
_refine.solvent_model_param_bsol                 ? 
_refine.solvent_model_param_ksol                 ? 
_refine.pdbx_isotropic_thermal_model             ? 
_refine.aniso_B[1][1]                            0.3200 
_refine.aniso_B[2][2]                            0.3200 
_refine.aniso_B[3][3]                            -1.0400 
_refine.aniso_B[1][2]                            0.1600 
_refine.aniso_B[1][3]                            0.0000 
_refine.aniso_B[2][3]                            -0.0000 
_refine.correlation_coeff_Fo_to_Fc               0.9570 
_refine.correlation_coeff_Fo_to_Fc_free          0.9570 
_refine.overall_SU_R_Cruickshank_DPI             ? 
_refine.pdbx_overall_SU_R_free_Cruickshank_DPI   ? 
_refine.pdbx_overall_SU_R_Blow_DPI               ? 
_refine.pdbx_overall_SU_R_free_Blow_DPI          ? 
_refine.overall_SU_R_free                        ? 
_refine.pdbx_overall_ESU_R                       0.0850 
_refine.pdbx_overall_ESU_R_Free                  0.0810 
_refine.overall_SU_ML                            0.0600 
_refine.overall_SU_B                             1.8770 
_refine.solvent_model_details                    MASK 
_refine.pdbx_solvent_vdw_probe_radii             1.2000 
_refine.pdbx_solvent_ion_probe_radii             0.8000 
_refine.pdbx_solvent_shrinkage_radii             0.8000 
_refine.ls_number_parameters                     ? 
_refine.ls_number_restraints                     ? 
_refine.pdbx_starting_model                      5T3P 
_refine.pdbx_method_to_determine_struct          'FOURIER SYNTHESIS' 
_refine.pdbx_stereochemistry_target_values       'MAXIMUM LIKELIHOOD' 
_refine.pdbx_stereochem_target_val_spec_case     ? 
_refine.overall_FOM_work_R_set                   ? 
_refine.B_iso_max                                103.880 
_refine.B_iso_min                                15.890 
_refine.pdbx_overall_phase_error                 ? 
_refine.occupancy_max                            ? 
_refine.occupancy_min                            ? 
_refine.pdbx_diffrn_id                           1 
_refine.pdbx_TLS_residual_ADP_flag               ? 
_refine.pdbx_ls_sigma_I                          ? 
_refine.pdbx_data_cutoff_high_rms_absF           ? 
_refine.ls_R_factor_R_free_error_details         ? 
# 
_refine_hist.cycle_id                         final 
_refine_hist.pdbx_refine_id                   'X-RAY DIFFRACTION' 
_refine_hist.d_res_high                       1.7400 
_refine_hist.d_res_low                        107.4900 
_refine_hist.pdbx_number_atoms_ligand         33 
_refine_hist.number_atoms_solvent             159 
_refine_hist.number_atoms_total               1659 
_refine_hist.pdbx_number_residues_total       186 
_refine_hist.pdbx_B_iso_mean_ligand           51.42 
_refine_hist.pdbx_B_iso_mean_solvent          44.15 
_refine_hist.pdbx_number_atoms_protein        1467 
_refine_hist.pdbx_number_atoms_nucleic_acid   0 
# 
loop_
_refine_ls_restr.pdbx_refine_id 
_refine_ls_restr.type 
_refine_ls_restr.number 
_refine_ls_restr.dev_ideal 
_refine_ls_restr.dev_ideal_target 
_refine_ls_restr.weight 
_refine_ls_restr.pdbx_restraint_function 
'X-RAY DIFFRACTION' r_bond_refined_d       1550 0.013  0.019  ? ? 
'X-RAY DIFFRACTION' r_bond_other_d         1465 0.002  0.020  ? ? 
'X-RAY DIFFRACTION' r_angle_refined_deg    2105 1.659  1.989  ? ? 
'X-RAY DIFFRACTION' r_angle_other_deg      3397 0.957  2.988  ? ? 
'X-RAY DIFFRACTION' r_dihedral_angle_1_deg 188  6.065  5.000  ? ? 
'X-RAY DIFFRACTION' r_dihedral_angle_2_deg 67   34.039 24.179 ? ? 
'X-RAY DIFFRACTION' r_dihedral_angle_3_deg 254  14.027 15.000 ? ? 
'X-RAY DIFFRACTION' r_dihedral_angle_4_deg 8    15.317 15.000 ? ? 
'X-RAY DIFFRACTION' r_chiral_restr         239  0.102  0.200  ? ? 
'X-RAY DIFFRACTION' r_gen_planes_refined   1704 0.008  0.021  ? ? 
'X-RAY DIFFRACTION' r_gen_planes_other     299  0.002  0.020  ? ? 
'X-RAY DIFFRACTION' r_mcbond_it            754  2.417  3.017  ? ? 
'X-RAY DIFFRACTION' r_mcbond_other         751  2.381  3.004  ? ? 
'X-RAY DIFFRACTION' r_mcangle_it           940  3.588  4.483  ? ? 
# 
_refine_ls_shell.d_res_high                       1.7400 
_refine_ls_shell.d_res_low                        1.7850 
_refine_ls_shell.pdbx_total_number_of_bins_used   20 
_refine_ls_shell.percent_reflns_obs               99.6700 
_refine_ls_shell.number_reflns_R_work             2588 
_refine_ls_shell.R_factor_all                     ? 
_refine_ls_shell.R_factor_R_work                  0.2620 
_refine_ls_shell.R_factor_R_free                  0.2860 
_refine_ls_shell.percent_reflns_R_free            ? 
_refine_ls_shell.number_reflns_R_free             144 
_refine_ls_shell.R_factor_R_free_error            ? 
_refine_ls_shell.number_reflns_all                2732 
_refine_ls_shell.number_reflns_obs                ? 
_refine_ls_shell.pdbx_refine_id                   'X-RAY DIFFRACTION' 
# 
_struct.entry_id                  5QH2 
_struct.title                     
;PanDDA analysis group deposition of models with modelled events (e.g. bound ligands) -- Crystal Structure of NUDT7 in complex with NUOOA000188
;
_struct.pdbx_model_details        ? 
_struct.pdbx_CASP_flag            ? 
_struct.pdbx_model_type_details   ? 
# 
_struct_keywords.entry_id        5QH2 
_struct_keywords.text            'PanDDA, SGC - Diamond I04-1 fragment screening, NUDIX domain, XChemExplorer, HYDROLASE' 
_struct_keywords.pdbx_keywords   HYDROLASE 
# 
loop_
_struct_asym.id 
_struct_asym.pdbx_blank_PDB_chainid_flag 
_struct_asym.pdbx_modified 
_struct_asym.entity_id 
_struct_asym.details 
A N N 1 ? 
B N N 2 ? 
C N N 2 ? 
D N N 3 ? 
E N N 3 ? 
F N N 4 ? 
G N N 5 ? 
# 
loop_
_struct_conf.conf_type_id 
_struct_conf.id 
_struct_conf.pdbx_PDB_helix_id 
_struct_conf.beg_label_comp_id 
_struct_conf.beg_label_asym_id 
_struct_conf.beg_label_seq_id 
_struct_conf.pdbx_beg_PDB_ins_code 
_struct_conf.end_label_comp_id 
_struct_conf.end_label_asym_id 
_struct_conf.end_label_seq_id 
_struct_conf.pdbx_end_PDB_ins_code 
_struct_conf.beg_auth_comp_id 
_struct_conf.beg_auth_asym_id 
_struct_conf.beg_auth_seq_id 
_struct_conf.end_auth_comp_id 
_struct_conf.end_auth_asym_id 
_struct_conf.end_auth_seq_id 
_struct_conf.pdbx_PDB_helix_class 
_struct_conf.details 
_struct_conf.pdbx_PDB_helix_length 
HELX_P HELX_P1 AA1 SER A 1   ? LYS A 12  ? SER A 15  LYS A 26  1 ? 12 
HELX_P HELX_P2 AA2 ASP A 71  ? GLY A 85  ? ASP A 85  GLY A 99  1 ? 15 
HELX_P HELX_P3 AA3 ARG A 87  ? HIS A 89  ? ARG A 101 HIS A 103 5 ? 3  
HELX_P HELX_P4 AA4 ALA A 137 ? HIS A 141 ? ALA A 151 HIS A 155 5 ? 5  
HELX_P HELX_P5 AA5 LYS A 176 ? GLU A 192 ? LYS A 190 GLU A 206 1 ? 17 
# 
_struct_conf_type.id          HELX_P 
_struct_conf_type.criteria    ? 
_struct_conf_type.reference   ? 
# 
loop_
_struct_conn.id 
_struct_conn.conn_type_id 
_struct_conn.pdbx_leaving_atom_flag 
_struct_conn.pdbx_PDB_id 
_struct_conn.ptnr1_label_asym_id 
_struct_conn.ptnr1_label_comp_id 
_struct_conn.ptnr1_label_seq_id 
_struct_conn.ptnr1_label_atom_id 
_struct_conn.pdbx_ptnr1_label_alt_id 
_struct_conn.pdbx_ptnr1_PDB_ins_code 
_struct_conn.pdbx_ptnr1_standard_comp_id 
_struct_conn.ptnr1_symmetry 
_struct_conn.ptnr2_label_asym_id 
_struct_conn.ptnr2_label_comp_id 
_struct_conn.ptnr2_label_seq_id 
_struct_conn.ptnr2_label_atom_id 
_struct_conn.pdbx_ptnr2_label_alt_id 
_struct_conn.pdbx_ptnr2_PDB_ins_code 
_struct_conn.ptnr1_auth_asym_id 
_struct_conn.ptnr1_auth_comp_id 
_struct_conn.ptnr1_auth_seq_id 
_struct_conn.ptnr2_auth_asym_id 
_struct_conn.ptnr2_auth_comp_id 
_struct_conn.ptnr2_auth_seq_id 
_struct_conn.ptnr2_symmetry 
_struct_conn.pdbx_ptnr3_label_atom_id 
_struct_conn.pdbx_ptnr3_label_seq_id 
_struct_conn.pdbx_ptnr3_label_comp_id 
_struct_conn.pdbx_ptnr3_label_asym_id 
_struct_conn.pdbx_ptnr3_label_alt_id 
_struct_conn.pdbx_ptnr3_PDB_ins_code 
_struct_conn.details 
_struct_conn.pdbx_dist_value 
_struct_conn.pdbx_value_order 
_struct_conn.pdbx_role 
covale1 covale both ? A ARG 87 C ? ? ? 1_555 A HYP 88 N ? ? A ARG 101 A HYP 102 1_555 ? ? ? ? ? ? ? 1.343 ? ? 
covale2 covale both ? A HYP 88 C ? ? ? 1_555 A HIS 89 N ? ? A HYP 102 A HIS 103 1_555 ? ? ? ? ? ? ? 1.336 ? ? 
covale3 covale both ? A VAL 94 C ? ? ? 1_555 A CSO 95 N ? ? A VAL 108 A CSO 109 1_555 ? ? ? ? ? ? ? 1.326 ? ? 
covale4 covale both ? A CSO 95 C ? ? ? 1_555 A CYS 96 N ? ? A CSO 109 A CYS 110 1_555 ? ? ? ? ? ? ? 1.322 ? ? 
# 
_struct_conn_type.id          covale 
_struct_conn_type.criteria    ? 
_struct_conn_type.reference   ? 
# 
loop_
_struct_sheet.id 
_struct_sheet.type 
_struct_sheet.number_strands 
_struct_sheet.details 
AA1 ? 4 ? 
AA2 ? 4 ? 
AA3 ? 3 ? 
AA4 ? 3 ? 
# 
loop_
_struct_sheet_order.sheet_id 
_struct_sheet_order.range_id_1 
_struct_sheet_order.range_id_2 
_struct_sheet_order.offset 
_struct_sheet_order.sense 
AA1 1 2 ? anti-parallel 
AA1 2 3 ? parallel      
AA1 3 4 ? anti-parallel 
AA2 1 2 ? anti-parallel 
AA2 2 3 ? parallel      
AA2 3 4 ? anti-parallel 
AA3 1 2 ? anti-parallel 
AA3 2 3 ? anti-parallel 
AA4 1 2 ? anti-parallel 
AA4 2 3 ? anti-parallel 
# 
loop_
_struct_sheet_range.sheet_id 
_struct_sheet_range.id 
_struct_sheet_range.beg_label_comp_id 
_struct_sheet_range.beg_label_asym_id 
_struct_sheet_range.beg_label_seq_id 
_struct_sheet_range.pdbx_beg_PDB_ins_code 
_struct_sheet_range.end_label_comp_id 
_struct_sheet_range.end_label_asym_id 
_struct_sheet_range.end_label_seq_id 
_struct_sheet_range.pdbx_end_PDB_ins_code 
_struct_sheet_range.beg_auth_comp_id 
_struct_sheet_range.beg_auth_asym_id 
_struct_sheet_range.beg_auth_seq_id 
_struct_sheet_range.end_auth_comp_id 
_struct_sheet_range.end_auth_asym_id 
_struct_sheet_range.end_auth_seq_id 
AA1 1 VAL A 91  ? CYS A 96  ? VAL A 105 CYS A 110 
AA1 2 THR A 106 ? ILE A 115 ? THR A 120 ILE A 129 
AA1 3 ASN A 25  ? LYS A 36  ? ASN A 39  LYS A 50  
AA1 4 LYS A 39  ? ARG A 47  ? LYS A 53  ARG A 61  
AA2 1 CYS A 100 ? ILE A 102 ? CYS A 114 ILE A 116 
AA2 2 THR A 106 ? ILE A 115 ? THR A 120 ILE A 129 
AA2 3 ASN A 25  ? LYS A 36  ? ASN A 39  LYS A 50  
AA2 4 GLY A 62  ? LYS A 64  ? GLY A 76  LYS A 78  
AA3 1 VAL A 128 ? PRO A 135 ? VAL A 142 PRO A 149 
AA3 2 LYS A 39  ? ARG A 47  ? LYS A 53  ARG A 61  
AA3 3 VAL A 58  ? CYS A 59  ? VAL A 72  CYS A 73  
AA4 1 VAL A 144 ? ASP A 146 ? VAL A 158 ASP A 160 
AA4 2 HIS A 160 ? THR A 165 ? HIS A 174 THR A 179 
AA4 3 THR A 172 ? ILE A 175 ? THR A 186 ILE A 189 
# 
loop_
_pdbx_struct_sheet_hbond.sheet_id 
_pdbx_struct_sheet_hbond.range_id_1 
_pdbx_struct_sheet_hbond.range_id_2 
_pdbx_struct_sheet_hbond.range_1_label_atom_id 
_pdbx_struct_sheet_hbond.range_1_label_comp_id 
_pdbx_struct_sheet_hbond.range_1_label_asym_id 
_pdbx_struct_sheet_hbond.range_1_label_seq_id 
_pdbx_struct_sheet_hbond.range_1_PDB_ins_code 
_pdbx_struct_sheet_hbond.range_1_auth_atom_id 
_pdbx_struct_sheet_hbond.range_1_auth_comp_id 
_pdbx_struct_sheet_hbond.range_1_auth_asym_id 
_pdbx_struct_sheet_hbond.range_1_auth_seq_id 
_pdbx_struct_sheet_hbond.range_2_label_atom_id 
_pdbx_struct_sheet_hbond.range_2_label_comp_id 
_pdbx_struct_sheet_hbond.range_2_label_asym_id 
_pdbx_struct_sheet_hbond.range_2_label_seq_id 
_pdbx_struct_sheet_hbond.range_2_PDB_ins_code 
_pdbx_struct_sheet_hbond.range_2_auth_atom_id 
_pdbx_struct_sheet_hbond.range_2_auth_comp_id 
_pdbx_struct_sheet_hbond.range_2_auth_asym_id 
_pdbx_struct_sheet_hbond.range_2_auth_seq_id 
AA1 1 2 N GLU A 92  ? N GLU A 106 O LEU A 114 ? O LEU A 128 
AA1 2 3 O PHE A 111 ? O PHE A 125 N LEU A 31  ? N LEU A 45  
AA1 3 4 N VAL A 34  ? N VAL A 48  O HIS A 41  ? O HIS A 55  
AA2 1 2 N CYS A 100 ? N CYS A 114 O ILE A 108 ? O ILE A 122 
AA2 2 3 O PHE A 111 ? O PHE A 125 N LEU A 31  ? N LEU A 45  
AA2 3 4 N SER A 28  ? N SER A 42  O GLY A 63  ? O GLY A 77  
AA3 1 2 O PHE A 132 ? O PHE A 146 N PHE A 44  ? N PHE A 58  
AA3 2 3 N THR A 45  ? N THR A 59  O CYS A 59  ? O CYS A 73  
AA4 1 2 N HIS A 145 ? N HIS A 159 O ILE A 161 ? O ILE A 175 
AA4 2 3 N TYR A 164 ? N TYR A 178 O TYR A 173 ? O TYR A 187 
# 
loop_
_struct_site.id 
_struct_site.pdbx_evidence_code 
_struct_site.pdbx_auth_asym_id 
_struct_site.pdbx_auth_comp_id 
_struct_site.pdbx_auth_seq_id 
_struct_site.pdbx_auth_ins_code 
_struct_site.pdbx_num_residues 
_struct_site.details 
AC1 Software A ACT 301 ? 5  'binding site for residue ACT A 301' 
AC2 Software A ACT 302 ? 3  'binding site for residue ACT A 302' 
AC3 Software A DMS 303 ? 6  'binding site for residue DMS A 303' 
AC4 Software A DMS 304 ? 4  'binding site for residue DMS A 304' 
AC5 Software A H54 305 ? 14 'binding site for residue H54 A 305' 
# 
loop_
_struct_site_gen.id 
_struct_site_gen.site_id 
_struct_site_gen.pdbx_num_res 
_struct_site_gen.label_comp_id 
_struct_site_gen.label_asym_id 
_struct_site_gen.label_seq_id 
_struct_site_gen.pdbx_auth_ins_code 
_struct_site_gen.auth_comp_id 
_struct_site_gen.auth_asym_id 
_struct_site_gen.auth_seq_id 
_struct_site_gen.label_atom_id 
_struct_site_gen.label_alt_id 
_struct_site_gen.symmetry 
_struct_site_gen.details 
1  AC1 5  GLY A 56  ? GLY A 70  . ? 1_555 ? 
2  AC1 5  VAL A 58  ? VAL A 72  . ? 1_555 ? 
3  AC1 5  TYR A 173 ? TYR A 187 . ? 1_555 ? 
4  AC1 5  GLN A 174 ? GLN A 188 . ? 1_555 ? 
5  AC1 5  HOH G .   ? HOH A 458 . ? 1_555 ? 
6  AC2 3  HYP A 88  ? HYP A 102 . ? 1_555 ? 
7  AC2 3  HIS A 89  ? HIS A 103 . ? 1_555 ? 
8  AC2 3  VAL A 91  ? VAL A 105 . ? 1_555 ? 
9  AC3 6  GLY A 85  ? GLY A 99  . ? 1_555 ? 
10 AC3 6  ARG A 87  ? ARG A 101 . ? 1_555 ? 
11 AC3 6  GLN A 90  ? GLN A 104 . ? 1_555 ? 
12 AC3 6  PHE A 119 ? PHE A 133 . ? 1_555 ? 
13 AC3 6  GLN A 120 ? GLN A 134 . ? 1_555 ? 
14 AC3 6  GLN A 122 ? GLN A 136 . ? 1_555 ? 
15 AC4 4  ASP A 116 ? ASP A 130 . ? 1_555 ? 
16 AC4 4  HIS A 117 ? HIS A 131 . ? 1_555 ? 
17 AC4 4  ASP A 130 ? ASP A 144 . ? 2_545 ? 
18 AC4 4  TYR A 173 ? TYR A 187 . ? 2_545 ? 
19 AC5 14 VAL A 29  ? VAL A 43  . ? 1_555 ? 
20 AC5 14 THR A 45  ? THR A 59  . ? 1_555 ? 
21 AC5 14 ARG A 47  ? ARG A 61  . ? 1_555 ? 
22 AC5 14 CYS A 59  ? CYS A 73  . ? 1_555 ? 
23 AC5 14 PHE A 60  ? PHE A 74  . ? 1_555 ? 
24 AC5 14 GLY A 62  ? GLY A 76  . ? 1_555 ? 
25 AC5 14 GLY A 63  ? GLY A 77  . ? 1_555 ? 
26 AC5 14 GLU A 83  ? GLU A 97  . ? 1_555 ? 
27 AC5 14 GLU A 127 ? GLU A 141 . ? 1_555 ? 
28 AC5 14 VAL A 128 ? VAL A 142 . ? 1_555 ? 
29 AC5 14 MET A 178 ? MET A 192 . ? 1_555 ? 
30 AC5 14 THR A 179 ? THR A 193 . ? 1_555 ? 
31 AC5 14 HOH G .   ? HOH A 469 . ? 1_555 ? 
32 AC5 14 HOH G .   ? HOH A 522 . ? 1_555 ? 
# 
_atom_sites.entry_id                    5QH2 
_atom_sites.fract_transf_matrix[1][1]   0.00531232 
_atom_sites.fract_transf_matrix[1][2]   0.00507357 
_atom_sites.fract_transf_matrix[1][3]   0.00574043 
_atom_sites.fract_transf_matrix[2][1]   0.00007879 
_atom_sites.fract_transf_matrix[2][2]   0.00929496 
_atom_sites.fract_transf_matrix[2][3]   -0.00071819 
_atom_sites.fract_transf_matrix[3][1]   -0.01851770 
_atom_sites.fract_transf_matrix[3][2]   0.00138638 
_atom_sites.fract_transf_matrix[3][3]   0.01591134 
_atom_sites.fract_transf_vector[1]      0.135821 
_atom_sites.fract_transf_vector[2]      -0.434902 
_atom_sites.fract_transf_vector[3]      1.979807 
# 
loop_
_atom_type.symbol 
C 
N 
O 
S 
# 
loop_
_atom_site.group_PDB 
_atom_site.id 
_atom_site.type_symbol 
_atom_site.label_atom_id 
_atom_site.label_alt_id 
_atom_site.label_comp_id 
_atom_site.label_asym_id 
_atom_site.label_entity_id 
_atom_site.label_seq_id 
_atom_site.pdbx_PDB_ins_code 
_atom_site.Cartn_x 
_atom_site.Cartn_y 
_atom_site.Cartn_z 
_atom_site.occupancy 
_atom_site.B_iso_or_equiv 
_atom_site.pdbx_formal_charge 
_atom_site.auth_seq_id 
_atom_site.auth_comp_id 
_atom_site.auth_asym_id 
_atom_site.auth_atom_id 
_atom_site.pdbx_PDB_model_num 
ATOM   1    N N   . SER A 1 1   ? 0.787   -10.403 20.620  1.00 47.99  ? 15  SER A N   1 
ATOM   2    C CA  . SER A 1 1   ? 0.977   -8.932  20.467  1.00 43.95  ? 15  SER A CA  1 
ATOM   3    C C   . SER A 1 1   ? 0.215   -8.411  19.242  1.00 42.35  ? 15  SER A C   1 
ATOM   4    O O   . SER A 1 1   ? -0.269  -9.207  18.421  1.00 43.18  ? 15  SER A O   1 
ATOM   5    C CB  . SER A 1 1   ? 2.472   -8.591  20.369  1.00 43.54  ? 15  SER A CB  1 
ATOM   6    O OG  . SER A 1 1   ? 3.061   -8.987  19.127  1.00 40.97  ? 15  SER A OG  1 
ATOM   7    N N   . MET A 1 2   ? 0.101   -7.089  19.156  1.00 39.53  ? 16  MET A N   1 
ATOM   8    C CA  . MET A 1 2   ? -0.582  -6.416  18.049  1.00 40.61  ? 16  MET A CA  1 
ATOM   9    C C   . MET A 1 2   ? 0.056   -6.822  16.721  1.00 41.32  ? 16  MET A C   1 
ATOM   10   O O   . MET A 1 2   ? -0.657  -7.116  15.751  1.00 36.64  ? 16  MET A O   1 
ATOM   11   C CB  . MET A 1 2   ? -0.559  -4.891  18.205  1.00 41.05  ? 16  MET A CB  1 
ATOM   12   C CG  . MET A 1 2   ? -0.872  -4.093  16.941  1.00 43.84  ? 16  MET A CG  1 
ATOM   13   S SD  . MET A 1 2   ? -1.295  -2.358  17.263  1.00 48.31  ? 16  MET A SD  1 
ATOM   14   C CE  . MET A 1 2   ? 0.268   -1.552  17.421  1.00 41.19  ? 16  MET A CE  1 
ATOM   15   N N   . LEU A 1 3   ? 1.383   -6.843  16.679  1.00 41.36  ? 17  LEU A N   1 
ATOM   16   C CA  . LEU A 1 3   ? 2.062   -7.064  15.407  1.00 40.61  ? 17  LEU A CA  1 
ATOM   17   C C   . LEU A 1 3   ? 2.018   -8.525  15.019  1.00 38.84  ? 17  LEU A C   1 
ATOM   18   O O   . LEU A 1 3   ? 1.834   -8.858  13.844  1.00 40.54  ? 17  LEU A O   1 
ATOM   19   C CB  . LEU A 1 3   ? 3.504   -6.553  15.450  1.00 40.43  ? 17  LEU A CB  1 
ATOM   20   C CG  . LEU A 1 3   ? 3.609   -5.028  15.419  1.00 44.34  ? 17  LEU A CG  1 
ATOM   21   C CD1 . LEU A 1 3   ? 5.058   -4.575  15.599  1.00 40.45  ? 17  LEU A CD1 1 
ATOM   22   C CD2 . LEU A 1 3   ? 3.005   -4.471  14.135  1.00 46.68  ? 17  LEU A CD2 1 
ATOM   23   N N   . ASP A 1 4   ? 2.183   -9.396  16.007  1.00 40.34  ? 18  ASP A N   1 
ATOM   24   C CA  . ASP A 1 4   ? 2.095   -10.816 15.778  1.00 40.76  ? 18  ASP A CA  1 
ATOM   25   C C   . ASP A 1 4   ? 0.681   -11.216 15.355  1.00 40.04  ? 18  ASP A C   1 
ATOM   26   O O   . ASP A 1 4   ? 0.511   -12.130 14.552  1.00 35.42  ? 18  ASP A O   1 
ATOM   27   C CB  . ASP A 1 4   ? 2.528   -11.604 17.017  1.00 46.82  ? 18  ASP A CB  1 
ATOM   28   C CG  . ASP A 1 4   ? 4.038   -11.513 17.277  1.00 54.11  ? 18  ASP A CG  1 
ATOM   29   O OD1 . ASP A 1 4   ? 4.775   -10.834 16.502  1.00 56.72  ? 18  ASP A OD1 1 
ATOM   30   O OD2 . ASP A 1 4   ? 4.482   -12.135 18.261  1.00 57.13  ? 18  ASP A OD2 1 
ATOM   31   N N   . ASP A 1 5   ? -0.312  -10.521 15.905  1.00 37.07  ? 19  ASP A N   1 
ATOM   32   C CA  . ASP A 1 5   ? -1.698  -10.769 15.589  1.00 36.29  ? 19  ASP A CA  1 
ATOM   33   C C   . ASP A 1 5   ? -1.983  -10.320 14.138  1.00 33.37  ? 19  ASP A C   1 
ATOM   34   O O   . ASP A 1 5   ? -2.657  -11.045 13.410  1.00 31.69  ? 19  ASP A O   1 
ATOM   35   C CB  . ASP A 1 5   ? -2.631  -10.043 16.573  1.00 39.24  ? 19  ASP A CB  1 
ATOM   36   C CG  . ASP A 1 5   ? -2.685  -10.709 17.964  1.00 45.09  ? 19  ASP A CG  1 
ATOM   37   O OD1 . ASP A 1 5   ? -2.325  -11.901 18.111  1.00 48.02  ? 19  ASP A OD1 1 
ATOM   38   O OD2 . ASP A 1 5   ? -3.085  -10.007 18.923  1.00 55.50  ? 19  ASP A OD2 1 
ATOM   39   N N   . ALA A 1 6   ? -1.461  -9.164  13.743  1.00 28.32  ? 20  ALA A N   1 
ATOM   40   C CA  . ALA A 1 6   ? -1.639  -8.689  12.357  1.00 29.81  ? 20  ALA A CA  1 
ATOM   41   C C   . ALA A 1 6   ? -1.020  -9.636  11.340  1.00 30.03  ? 20  ALA A C   1 
ATOM   42   O O   . ALA A 1 6   ? -1.654  -10.002 10.342  1.00 26.40  ? 20  ALA A O   1 
ATOM   43   C CB  . ALA A 1 6   ? -1.078  -7.310  12.175  1.00 30.13  ? 20  ALA A CB  1 
ATOM   44   N N   . LYS A 1 7   ? 0.221   -10.054 11.606  1.00 27.63  ? 21  LYS A N   1 
ATOM   45   C CA  . LYS A 1 7   ? 0.898   -10.973 10.707  1.00 29.87  ? 21  LYS A CA  1 
ATOM   46   C C   . LYS A 1 7   ? 0.152   -12.325 10.619  1.00 27.51  ? 21  LYS A C   1 
ATOM   47   O O   . LYS A 1 7   ? -0.009  -12.892 9.529   1.00 26.80  ? 21  LYS A O   1 
ATOM   48   C CB  . LYS A 1 7   ? 2.336   -11.213 11.150  1.00 32.55  ? 21  LYS A CB  1 
ATOM   49   C CG  . LYS A 1 7   ? 3.194   -9.986  11.093  1.00 38.68  ? 21  LYS A CG  1 
ATOM   50   C CD  . LYS A 1 7   ? 4.674   -10.321 11.333  1.00 44.05  ? 21  LYS A CD  1 
ATOM   51   C CE  . LYS A 1 7   ? 5.169   -9.969  12.731  1.00 48.03  ? 21  LYS A CE  1 
ATOM   52   N NZ  . LYS A 1 7   ? 6.671   -9.994  12.758  1.00 51.64  ? 21  LYS A NZ  1 
ATOM   53   N N   . ALA A 1 8   ? -0.318  -12.822 11.755  1.00 28.15  ? 22  ALA A N   1 
ATOM   54   C CA  . ALA A 1 8   ? -1.069  -14.084 11.768  1.00 28.75  ? 22  ALA A CA  1 
ATOM   55   C C   . ALA A 1 8   ? -2.350  -13.973 10.894  1.00 27.96  ? 22  ALA A C   1 
ATOM   56   O O   . ALA A 1 8   ? -2.682  -14.903 10.130  1.00 29.01  ? 22  ALA A O   1 
ATOM   57   C CB  . ALA A 1 8   ? -1.412  -14.486 13.194  1.00 30.85  ? 22  ALA A CB  1 
ATOM   58   N N   . ARG A 1 9   ? -3.031  -12.820 10.977  1.00 24.51  ? 23  ARG A N   1 
ATOM   59   C CA  . ARG A 1 9   ? -4.264  -12.611 10.203  1.00 24.14  ? 23  ARG A CA  1 
ATOM   60   C C   . ARG A 1 9   ? -3.916  -12.557 8.725   1.00 25.24  ? 23  ARG A C   1 
ATOM   61   O O   . ARG A 1 9   ? -4.548  -13.190 7.901   1.00 24.45  ? 23  ARG A O   1 
ATOM   62   C CB  . ARG A 1 9   ? -4.956  -11.314 10.569  1.00 26.86  ? 23  ARG A CB  1 
ATOM   63   C CG  . ARG A 1 9   ? -5.684  -11.311 11.907  1.00 30.77  ? 23  ARG A CG  1 
ATOM   64   C CD  . ARG A 1 9   ? -6.926  -12.160 11.847  1.00 33.28  ? 23  ARG A CD  1 
ATOM   65   N NE  . ARG A 1 9   ? -7.728  -11.972 13.078  1.00 36.66  ? 23  ARG A NE  1 
ATOM   66   C CZ  . ARG A 1 9   ? -8.574  -10.963 13.334  1.00 36.12  ? 23  ARG A CZ  1 
ATOM   67   N NH1 . ARG A 1 9   ? -8.813  -9.990  12.455  1.00 30.40  ? 23  ARG A NH1 1 
ATOM   68   N NH2 . ARG A 1 9   ? -9.240  -10.953 14.503  1.00 36.78  ? 23  ARG A NH2 1 
ATOM   69   N N   . LEU A 1 10  ? -2.901  -11.766 8.404   1.00 22.42  ? 24  LEU A N   1 
ATOM   70   C CA  . LEU A 1 10  ? -2.486  -11.578 7.024   1.00 23.24  ? 24  LEU A CA  1 
ATOM   71   C C   . LEU A 1 10  ? -2.081  -12.850 6.316   1.00 23.82  ? 24  LEU A C   1 
ATOM   72   O O   . LEU A 1 10  ? -2.406  -13.022 5.130   1.00 25.83  ? 24  LEU A O   1 
ATOM   73   C CB  . LEU A 1 10  ? -1.361  -10.554 6.941   1.00 23.47  ? 24  LEU A CB  1 
ATOM   74   C CG  . LEU A 1 10  ? -1.724  -9.104  7.232   1.00 24.11  ? 24  LEU A CG  1 
ATOM   75   C CD1 . LEU A 1 10  ? -0.474  -8.300  7.614   1.00 24.92  ? 24  LEU A CD1 1 
ATOM   76   C CD2 . LEU A 1 10  ? -2.397  -8.445  6.064   1.00 24.39  ? 24  LEU A CD2 1 
ATOM   77   N N   . ARG A 1 11  ? -1.393  -13.730 7.026   1.00 23.25  ? 25  ARG A N   1 
ATOM   78   C CA  . ARG A 1 11  ? -0.903  -14.978 6.434   1.00 26.37  ? 25  ARG A CA  1 
ATOM   79   C C   . ARG A 1 11  ? -2.032  -15.870 5.921   1.00 28.00  ? 25  ARG A C   1 
ATOM   80   O O   . ARG A 1 11  ? -1.847  -16.590 4.930   1.00 28.33  ? 25  ARG A O   1 
ATOM   81   C CB  . ARG A 1 11  ? 0.012   -15.729 7.396   1.00 30.39  ? 25  ARG A CB  1 
ATOM   82   C CG  . ARG A 1 11  ? 1.360   -15.055 7.554   1.00 35.58  ? 25  ARG A CG  1 
ATOM   83   C CD  . ARG A 1 11  ? 2.306   -15.824 8.468   1.00 41.24  ? 25  ARG A CD  1 
ATOM   84   N NE  . ARG A 1 11  ? 3.451   -14.987 8.847   1.00 44.96  ? 25  ARG A NE  1 
ATOM   85   C CZ  . ARG A 1 11  ? 3.796   -14.620 10.094  1.00 51.21  ? 25  ARG A CZ  1 
ATOM   86   N NH1 . ARG A 1 11  ? 3.093   -15.015 11.180  1.00 49.90  ? 25  ARG A NH1 1 
ATOM   87   N NH2 . ARG A 1 11  ? 4.871   -13.841 10.257  1.00 48.80  ? 25  ARG A NH2 1 
ATOM   88   N N   . LYS A 1 12  ? -3.186  -15.790 6.563   1.00 28.91  ? 26  LYS A N   1 
ATOM   89   C CA  . LYS A 1 12  ? -4.362  -16.541 6.134   1.00 30.35  ? 26  LYS A CA  1 
ATOM   90   C C   . LYS A 1 12  ? -4.911  -16.133 4.758   1.00 29.33  ? 26  LYS A C   1 
ATOM   91   O O   . LYS A 1 12  ? -5.669  -16.884 4.179   1.00 29.74  ? 26  LYS A O   1 
ATOM   92   C CB  . LYS A 1 12  ? -5.465  -16.434 7.191   1.00 33.02  ? 26  LYS A CB  1 
ATOM   93   C CG  . LYS A 1 12  ? -5.048  -17.018 8.539   1.00 37.14  ? 26  LYS A CG  1 
ATOM   94   C CD  . LYS A 1 12  ? -6.216  -17.139 9.508   1.00 42.68  ? 26  LYS A CD  1 
ATOM   95   C CE  . LYS A 1 12  ? -5.755  -17.457 10.932  1.00 48.99  ? 26  LYS A CE  1 
ATOM   96   N NZ  . LYS A 1 12  ? -5.746  -18.920 11.204  1.00 56.19  ? 26  LYS A NZ  1 
ATOM   97   N N   . TYR A 1 13  ? -4.557  -14.945 4.252   1.00 25.24  ? 27  TYR A N   1 
ATOM   98   C CA  . TYR A 1 13  ? -5.009  -14.443 2.988   1.00 23.07  ? 27  TYR A CA  1 
ATOM   99   C C   . TYR A 1 13  ? -3.929  -14.473 1.907   1.00 23.65  ? 27  TYR A C   1 
ATOM   100  O O   . TYR A 1 13  ? -4.179  -13.994 0.822   1.00 25.05  ? 27  TYR A O   1 
ATOM   101  C CB  . TYR A 1 13  ? -5.541  -13.020 3.138   1.00 22.60  ? 27  TYR A CB  1 
ATOM   102  C CG  . TYR A 1 13  ? -6.722  -12.973 4.049   1.00 22.93  ? 27  TYR A CG  1 
ATOM   103  C CD1 . TYR A 1 13  ? -6.527  -12.904 5.434   1.00 23.67  ? 27  TYR A CD1 1 
ATOM   104  C CD2 . TYR A 1 13  ? -8.018  -13.020 3.569   1.00 23.69  ? 27  TYR A CD2 1 
ATOM   105  C CE1 . TYR A 1 13  ? -7.580  -12.896 6.295   1.00 26.27  ? 27  TYR A CE1 1 
ATOM   106  C CE2 . TYR A 1 13  ? -9.111  -13.004 4.455   1.00 26.39  ? 27  TYR A CE2 1 
ATOM   107  C CZ  . TYR A 1 13  ? -8.858  -12.934 5.823   1.00 27.41  ? 27  TYR A CZ  1 
ATOM   108  O OH  . TYR A 1 13  ? -9.871  -12.909 6.772   1.00 29.88  ? 27  TYR A OH  1 
ATOM   109  N N   . ASP A 1 14  ? -2.761  -15.004 2.231   1.00 24.83  ? 28  ASP A N   1 
ATOM   110  C CA  . ASP A 1 14  ? -1.595  -15.028 1.327   1.00 26.53  ? 28  ASP A CA  1 
ATOM   111  C C   . ASP A 1 14  ? -1.931  -15.967 0.179   1.00 32.39  ? 28  ASP A C   1 
ATOM   112  O O   . ASP A 1 14  ? -2.287  -17.110 0.410   1.00 33.19  ? 28  ASP A O   1 
ATOM   113  C CB  . ASP A 1 14  ? -0.378  -15.529 2.081   1.00 28.55  ? 28  ASP A CB  1 
ATOM   114  C CG  . ASP A 1 14  ? 0.948   -15.349 1.341   1.00 32.02  ? 28  ASP A CG  1 
ATOM   115  O OD1 . ASP A 1 14  ? 1.063   -14.600 0.365   1.00 31.47  ? 28  ASP A OD1 1 
ATOM   116  O OD2 . ASP A 1 14  ? 1.927   -15.919 1.848   1.00 41.61  ? 28  ASP A OD2 1 
ATOM   117  N N   . ILE A 1 15  ? -1.895  -15.449 -1.035  1.00 31.27  ? 29  ILE A N   1 
ATOM   118  C CA  . ILE A 1 15  ? -2.044  -16.326 -2.202  1.00 39.54  ? 29  ILE A CA  1 
ATOM   119  C C   . ILE A 1 15  ? -0.668  -16.818 -2.657  1.00 39.46  ? 29  ILE A C   1 
ATOM   120  O O   . ILE A 1 15  ? -0.579  -17.747 -3.437  1.00 43.63  ? 29  ILE A O   1 
ATOM   121  C CB  . ILE A 1 15  ? -2.868  -15.665 -3.317  1.00 43.60  ? 29  ILE A CB  1 
ATOM   122  C CG1 . ILE A 1 15  ? -2.103  -14.551 -4.015  1.00 45.37  ? 29  ILE A CG1 1 
ATOM   123  C CG2 . ILE A 1 15  ? -4.207  -15.129 -2.761  1.00 47.13  ? 29  ILE A CG2 1 
ATOM   124  C CD1 . ILE A 1 15  ? -2.415  -14.506 -5.494  1.00 48.84  ? 29  ILE A CD1 1 
ATOM   125  N N   . GLY A 1 16  ? 0.405   -16.191 -2.159  1.00 44.22  ? 30  GLY A N   1 
ATOM   126  C CA  . GLY A 1 16  ? 1.766   -16.563 -2.549  1.00 43.26  ? 30  GLY A CA  1 
ATOM   127  C C   . GLY A 1 16  ? 2.014   -16.292 -4.031  1.00 41.43  ? 30  GLY A C   1 
ATOM   128  O O   . GLY A 1 16  ? 1.570   -15.258 -4.565  1.00 39.76  ? 30  GLY A O   1 
ATOM   129  N N   . GLY A 1 17  ? 2.694   -17.240 -4.692  1.00 44.95  ? 31  GLY A N   1 
ATOM   130  C CA  . GLY A 1 17  ? 3.154   -17.081 -6.086  1.00 40.13  ? 31  GLY A CA  1 
ATOM   131  C C   . GLY A 1 17  ? 2.243   -17.677 -7.150  1.00 37.94  ? 31  GLY A C   1 
ATOM   132  O O   . GLY A 1 17  ? 2.583   -17.684 -8.324  1.00 32.66  ? 31  GLY A O   1 
ATOM   133  N N   . LYS A 1 18  ? 1.077   -18.137 -6.708  1.00 41.58  ? 32  LYS A N   1 
ATOM   134  C CA  . LYS A 1 18  ? 0.043   -18.743 -7.537  1.00 40.87  ? 32  LYS A CA  1 
ATOM   135  C C   . LYS A 1 18  ? -0.160  -18.047 -8.930  1.00 36.54  ? 32  LYS A C   1 
ATOM   136  O O   . LYS A 1 18  ? -0.043  -18.695 -9.965  1.00 39.59  ? 32  LYS A O   1 
ATOM   137  C CB  . LYS A 1 18  ? -1.251  -18.818 -6.674  1.00 41.66  ? 32  LYS A CB  1 
ATOM   138  C CG  . LYS A 1 18  ? -2.336  -19.751 -7.174  1.00 44.16  ? 32  LYS A CG  1 
ATOM   139  C CD  . LYS A 1 18  ? -3.352  -20.071 -6.084  1.00 42.45  ? 32  LYS A CD  1 
ATOM   140  C CE  . LYS A 1 18  ? -2.850  -21.160 -5.153  1.00 44.47  ? 32  LYS A CE  1 
ATOM   141  N NZ  . LYS A 1 18  ? -3.903  -21.517 -4.163  1.00 47.65  ? 32  LYS A NZ  1 
ATOM   142  N N   . TYR A 1 19  ? -0.339  -16.731 -8.946  1.00 32.92  ? 33  TYR A N   1 
ATOM   143  C CA  . TYR A 1 19  ? -0.614  -15.978 -10.169 1.00 28.82  ? 33  TYR A CA  1 
ATOM   144  C C   . TYR A 1 19  ? 0.632   -15.293 -10.786 1.00 28.63  ? 33  TYR A C   1 
ATOM   145  O O   . TYR A 1 19  ? 0.536   -14.659 -11.835 1.00 28.24  ? 33  TYR A O   1 
ATOM   146  C CB  . TYR A 1 19  ? -1.687  -14.926 -9.875  1.00 29.50  ? 33  TYR A CB  1 
ATOM   147  C CG  . TYR A 1 19  ? -3.048  -15.538 -9.700  1.00 26.80  ? 33  TYR A CG  1 
ATOM   148  C CD1 . TYR A 1 19  ? -3.342  -16.338 -8.594  1.00 27.50  ? 33  TYR A CD1 1 
ATOM   149  C CD2 . TYR A 1 19  ? -4.028  -15.381 -10.670 1.00 26.50  ? 33  TYR A CD2 1 
ATOM   150  C CE1 . TYR A 1 19  ? -4.598  -16.967 -8.455  1.00 27.31  ? 33  TYR A CE1 1 
ATOM   151  C CE2 . TYR A 1 19  ? -5.290  -15.947 -10.505 1.00 25.61  ? 33  TYR A CE2 1 
ATOM   152  C CZ  . TYR A 1 19  ? -5.558  -16.754 -9.433  1.00 26.70  ? 33  TYR A CZ  1 
ATOM   153  O OH  . TYR A 1 19  ? -6.803  -17.288 -9.276  1.00 26.67  ? 33  TYR A OH  1 
ATOM   154  N N   . SER A 1 20  ? 1.791   -15.508 -10.170 1.00 27.04  ? 34  SER A N   1 
ATOM   155  C CA  . SER A 1 20  ? 2.973   -14.708 -10.496 1.00 27.09  ? 34  SER A CA  1 
ATOM   156  C C   . SER A 1 20  ? 3.630   -14.973 -11.852 1.00 26.37  ? 34  SER A C   1 
ATOM   157  O O   . SER A 1 20  ? 4.294   -14.066 -12.371 1.00 29.34  ? 34  SER A O   1 
ATOM   158  C CB  . SER A 1 20  ? 4.002   -14.901 -9.395  1.00 28.85  ? 34  SER A CB  1 
ATOM   159  O OG  . SER A 1 20  ? 4.456   -16.253 -9.327  1.00 35.67  ? 34  SER A OG  1 
ATOM   160  N N   A HIS A 1 21  ? 3.482   -16.161 -12.431 0.35 21.02  ? 35  HIS A N   1 
ATOM   161  N N   B HIS A 1 21  ? 3.491   -16.179 -12.400 0.15 23.92  ? 35  HIS A N   1 
ATOM   162  C CA  A HIS A 1 21  ? 4.156   -16.446 -13.715 0.35 20.98  ? 35  HIS A CA  1 
ATOM   163  C CA  B HIS A 1 21  ? 4.145   -16.505 -13.674 0.15 23.59  ? 35  HIS A CA  1 
ATOM   164  C C   A HIS A 1 21  ? 3.309   -16.097 -14.928 0.35 21.79  ? 35  HIS A C   1 
ATOM   165  C C   B HIS A 1 21  ? 3.270   -16.252 -14.906 0.15 23.73  ? 35  HIS A C   1 
ATOM   166  O O   A HIS A 1 21  ? 3.811   -16.092 -16.055 0.35 18.73  ? 35  HIS A O   1 
ATOM   167  O O   B HIS A 1 21  ? 3.731   -16.474 -16.023 0.15 22.34  ? 35  HIS A O   1 
ATOM   168  C CB  A HIS A 1 21  ? 4.490   -17.907 -13.852 0.35 21.60  ? 35  HIS A CB  1 
ATOM   169  C CB  B HIS A 1 21  ? 4.675   -17.943 -13.676 0.15 23.91  ? 35  HIS A CB  1 
ATOM   170  C CG  A HIS A 1 21  ? 3.305   -18.712 -14.238 0.35 21.42  ? 35  HIS A CG  1 
ATOM   171  C CG  B HIS A 1 21  ? 5.574   -18.258 -12.518 0.15 23.59  ? 35  HIS A CG  1 
ATOM   172  N ND1 A HIS A 1 21  ? 2.424   -19.196 -13.303 0.35 21.43  ? 35  HIS A ND1 1 
ATOM   173  N ND1 B HIS A 1 21  ? 6.008   -17.299 -11.629 0.15 24.25  ? 35  HIS A ND1 1 
ATOM   174  C CD2 A HIS A 1 21  ? 2.786   -19.030 -15.448 0.35 21.57  ? 35  HIS A CD2 1 
ATOM   175  C CD2 B HIS A 1 21  ? 6.123   -19.425 -12.108 0.15 24.18  ? 35  HIS A CD2 1 
ATOM   176  C CE1 A HIS A 1 21  ? 1.440   -19.823 -13.913 0.35 19.45  ? 35  HIS A CE1 1 
ATOM   177  C CE1 B HIS A 1 21  ? 6.775   -17.862 -10.714 0.15 23.77  ? 35  HIS A CE1 1 
ATOM   178  N NE2 A HIS A 1 21  ? 1.633   -19.734 -15.214 0.35 21.16  ? 35  HIS A NE2 1 
ATOM   179  N NE2 B HIS A 1 21  ? 6.855   -19.154 -10.978 0.15 23.77  ? 35  HIS A NE2 1 
ATOM   180  N N   . LEU A 1 22  ? 2.028   -15.793 -14.714 1.00 24.39  ? 36  LEU A N   1 
ATOM   181  C CA  . LEU A 1 22  ? 1.139   -15.490 -15.831 1.00 26.20  ? 36  LEU A CA  1 
ATOM   182  C C   . LEU A 1 22  ? 1.680   -14.348 -16.677 1.00 26.91  ? 36  LEU A C   1 
ATOM   183  O O   . LEU A 1 22  ? 2.257   -13.363 -16.150 1.00 27.33  ? 36  LEU A O   1 
ATOM   184  C CB  . LEU A 1 22  ? -0.282  -15.198 -15.360 1.00 25.71  ? 36  LEU A CB  1 
ATOM   185  C CG  . LEU A 1 22  ? -1.017  -16.407 -14.779 1.00 24.98  ? 36  LEU A CG  1 
ATOM   186  C CD1 . LEU A 1 22  ? -2.250  -15.942 -14.060 1.00 26.44  ? 36  LEU A CD1 1 
ATOM   187  C CD2 . LEU A 1 22  ? -1.392  -17.411 -15.865 1.00 27.04  ? 36  LEU A CD2 1 
ATOM   188  N N   . PRO A 1 23  ? 1.501   -14.441 -18.000 1.00 28.41  ? 37  PRO A N   1 
ATOM   189  C CA  . PRO A 1 23  ? 2.231   -13.549 -18.909 1.00 28.21  ? 37  PRO A CA  1 
ATOM   190  C C   . PRO A 1 23  ? 1.637   -12.137 -19.069 1.00 29.18  ? 37  PRO A C   1 
ATOM   191  O O   . PRO A 1 23  ? 1.309   -11.693 -20.173 1.00 31.14  ? 37  PRO A O   1 
ATOM   192  C CB  . PRO A 1 23  ? 2.218   -14.376 -20.238 1.00 30.25  ? 37  PRO A CB  1 
ATOM   193  C CG  . PRO A 1 23  ? 0.893   -15.047 -20.193 1.00 29.37  ? 37  PRO A CG  1 
ATOM   194  C CD  . PRO A 1 23  ? 0.707   -15.456 -18.747 1.00 29.44  ? 37  PRO A CD  1 
ATOM   195  N N   . TYR A 1 24  ? 1.503   -11.397 -17.959 1.00 25.59  ? 38  TYR A N   1 
ATOM   196  C CA  . TYR A 1 24  ? 0.992   -10.061 -17.985 1.00 24.02  ? 38  TYR A CA  1 
ATOM   197  C C   . TYR A 1 24  ? 2.091   -8.991  -18.013 1.00 23.38  ? 38  TYR A C   1 
ATOM   198  O O   . TYR A 1 24  ? 3.245   -9.279  -17.722 1.00 24.64  ? 38  TYR A O   1 
ATOM   199  C CB  . TYR A 1 24  ? 0.207   -9.841  -16.673 1.00 25.09  ? 38  TYR A CB  1 
ATOM   200  C CG  . TYR A 1 24  ? -1.146  -10.501 -16.699 1.00 24.29  ? 38  TYR A CG  1 
ATOM   201  C CD1 . TYR A 1 24  ? -2.187  -9.884  -17.338 1.00 26.82  ? 38  TYR A CD1 1 
ATOM   202  C CD2 . TYR A 1 24  ? -1.372  -11.702 -16.067 1.00 23.68  ? 38  TYR A CD2 1 
ATOM   203  C CE1 . TYR A 1 24  ? -3.462  -10.446 -17.361 1.00 27.88  ? 38  TYR A CE1 1 
ATOM   204  C CE2 . TYR A 1 24  ? -2.649  -12.281 -16.073 1.00 25.12  ? 38  TYR A CE2 1 
ATOM   205  C CZ  . TYR A 1 24  ? -3.675  -11.647 -16.714 1.00 25.60  ? 38  TYR A CZ  1 
ATOM   206  O OH  . TYR A 1 24  ? -4.952  -12.235 -16.764 1.00 27.08  ? 38  TYR A OH  1 
ATOM   207  N N   . ASN A 1 25  ? 1.691   -7.771  -18.294 1.00 22.53  ? 39  ASN A N   1 
ATOM   208  C CA  . ASN A 1 25  ? 2.502   -6.591  -17.901 1.00 25.58  ? 39  ASN A CA  1 
ATOM   209  C C   . ASN A 1 25  ? 2.370   -6.519  -16.383 1.00 25.81  ? 39  ASN A C   1 
ATOM   210  O O   . ASN A 1 25  ? 1.252   -6.451  -15.873 1.00 24.60  ? 39  ASN A O   1 
ATOM   211  C CB  . ASN A 1 25  ? 1.976   -5.332  -18.506 1.00 28.30  ? 39  ASN A CB  1 
ATOM   212  C CG  . ASN A 1 25  ? 2.144   -5.296  -20.018 1.00 33.98  ? 39  ASN A CG  1 
ATOM   213  O OD1 . ASN A 1 25  ? 3.212   -5.585  -20.546 1.00 38.81  ? 39  ASN A OD1 1 
ATOM   214  N ND2 . ASN A 1 25  ? 1.083   -4.947  -20.706 1.00 36.12  ? 39  ASN A ND2 1 
ATOM   215  N N   . LYS A 1 26  ? 3.491   -6.600  -15.682 1.00 25.67  ? 40  LYS A N   1 
ATOM   216  C CA  . LYS A 1 26  ? 3.462   -6.875  -14.243 1.00 22.65  ? 40  LYS A CA  1 
ATOM   217  C C   . LYS A 1 26  ? 3.922   -5.658  -13.447 1.00 24.76  ? 40  LYS A C   1 
ATOM   218  O O   . LYS A 1 26  ? 4.979   -5.061  -13.720 1.00 23.77  ? 40  LYS A O   1 
ATOM   219  C CB  . LYS A 1 26  ? 4.272   -8.083  -13.949 1.00 24.26  ? 40  LYS A CB  1 
ATOM   220  C CG  . LYS A 1 26  ? 3.598   -9.391  -14.382 1.00 25.41  ? 40  LYS A CG  1 
ATOM   221  C CD  . LYS A 1 26  ? 4.492   -10.584 -14.262 1.00 27.59  ? 40  LYS A CD  1 
ATOM   222  C CE  . LYS A 1 26  ? 4.850   -10.974 -12.837 1.00 27.76  ? 40  LYS A CE  1 
ATOM   223  N NZ  . LYS A 1 26  ? 3.649   -11.099 -11.948 1.00 28.12  ? 40  LYS A NZ  1 
ATOM   224  N N   . TYR A 1 27  ? 3.096   -5.296  -12.467 1.00 24.05  ? 41  TYR A N   1 
ATOM   225  C CA  . TYR A 1 27  ? 3.421   -4.245  -11.462 1.00 23.51  ? 41  TYR A CA  1 
ATOM   226  C C   . TYR A 1 27  ? 3.209   -4.804  -10.083 1.00 23.36  ? 41  TYR A C   1 
ATOM   227  O O   . TYR A 1 27  ? 2.349   -5.666  -9.867  1.00 20.97  ? 41  TYR A O   1 
ATOM   228  C CB  . TYR A 1 27  ? 2.486   -3.053  -11.600 1.00 24.64  ? 41  TYR A CB  1 
ATOM   229  C CG  . TYR A 1 27  ? 2.639   -2.294  -12.875 1.00 27.29  ? 41  TYR A CG  1 
ATOM   230  C CD1 . TYR A 1 27  ? 2.213   -2.844  -14.100 1.00 29.17  ? 41  TYR A CD1 1 
ATOM   231  C CD2 . TYR A 1 27  ? 3.220   -1.032  -12.882 1.00 28.56  ? 41  TYR A CD2 1 
ATOM   232  C CE1 . TYR A 1 27  ? 2.380   -2.145  -15.283 1.00 32.94  ? 41  TYR A CE1 1 
ATOM   233  C CE2 . TYR A 1 27  ? 3.366   -0.333  -14.051 1.00 30.96  ? 41  TYR A CE2 1 
ATOM   234  C CZ  . TYR A 1 27  ? 2.956   -0.895  -15.241 1.00 34.51  ? 41  TYR A CZ  1 
ATOM   235  O OH  . TYR A 1 27  ? 3.116   -0.181  -16.398 1.00 38.70  ? 41  TYR A OH  1 
ATOM   236  N N   . SER A 1 28  ? 3.974   -4.303  -9.105  1.00 20.66  ? 42  SER A N   1 
ATOM   237  C CA  . SER A 1 28  ? 3.741   -4.655  -7.706  1.00 20.59  ? 42  SER A CA  1 
ATOM   238  C C   . SER A 1 28  ? 3.560   -3.387  -6.880  1.00 21.19  ? 42  SER A C   1 
ATOM   239  O O   . SER A 1 28  ? 4.101   -2.331  -7.222  1.00 21.05  ? 42  SER A O   1 
ATOM   240  C CB  . SER A 1 28  ? 4.877   -5.476  -7.098  1.00 21.57  ? 42  SER A CB  1 
ATOM   241  O OG  . SER A 1 28  ? 5.105   -6.747  -7.721  1.00 22.84  ? 42  SER A OG  1 
ATOM   242  N N   . VAL A 1 29  ? 2.785   -3.510  -5.798  1.00 20.47  ? 43  VAL A N   1 
ATOM   243  C CA  . VAL A 1 29  ? 2.639   -2.427  -4.819  1.00 20.62  ? 43  VAL A CA  1 
ATOM   244  C C   . VAL A 1 29  ? 2.927   -2.994  -3.454  1.00 19.06  ? 43  VAL A C   1 
ATOM   245  O O   . VAL A 1 29  ? 2.768   -4.192  -3.174  1.00 19.94  ? 43  VAL A O   1 
ATOM   246  C CB  . VAL A 1 29  ? 1.290   -1.684  -4.825  1.00 22.94  ? 43  VAL A CB  1 
ATOM   247  C CG1 . VAL A 1 29  ? 1.076   -0.983  -6.160  1.00 25.96  ? 43  VAL A CG1 1 
ATOM   248  C CG2 . VAL A 1 29  ? 0.130   -2.614  -4.520  1.00 24.18  ? 43  VAL A CG2 1 
ATOM   249  N N   . LEU A 1 30  ? 3.473   -2.097  -2.612  1.00 19.87  ? 44  LEU A N   1 
ATOM   250  C CA  . LEU A 1 30  ? 3.704   -2.373  -1.215  1.00 20.20  ? 44  LEU A CA  1 
ATOM   251  C C   . LEU A 1 30  ? 2.685   -1.633  -0.375  1.00 18.73  ? 44  LEU A C   1 
ATOM   252  O O   . LEU A 1 30  ? 2.510   -0.435  -0.516  1.00 19.66  ? 44  LEU A O   1 
ATOM   253  C CB  . LEU A 1 30  ? 5.124   -1.957  -0.806  1.00 19.80  ? 44  LEU A CB  1 
ATOM   254  C CG  . LEU A 1 30  ? 5.455   -2.253  0.650   1.00 19.47  ? 44  LEU A CG  1 
ATOM   255  C CD1 . LEU A 1 30  ? 5.575   -3.736  0.913   1.00 22.03  ? 44  LEU A CD1 1 
ATOM   256  C CD2 . LEU A 1 30  ? 6.753   -1.588  1.033   1.00 22.25  ? 44  LEU A CD2 1 
ATOM   257  N N   . LEU A 1 31  ? 1.949   -2.390  0.429   1.00 18.91  ? 45  LEU A N   1 
ATOM   258  C CA  . LEU A 1 31  ? 1.011   -1.854  1.409   1.00 20.79  ? 45  LEU A CA  1 
ATOM   259  C C   . LEU A 1 31  ? 1.791   -1.795  2.752   1.00 19.25  ? 45  LEU A C   1 
ATOM   260  O O   . LEU A 1 31  ? 1.973   -2.818  3.382   1.00 21.48  ? 45  LEU A O   1 
ATOM   261  C CB  . LEU A 1 31  ? -0.175  -2.822  1.523   1.00 22.59  ? 45  LEU A CB  1 
ATOM   262  C CG  . LEU A 1 31  ? -1.281  -2.788  0.424   1.00 29.68  ? 45  LEU A CG  1 
ATOM   263  C CD1 . LEU A 1 31  ? -0.908  -2.300  -0.934  1.00 29.36  ? 45  LEU A CD1 1 
ATOM   264  C CD2 . LEU A 1 31  ? -2.074  -4.106  0.327   1.00 27.74  ? 45  LEU A CD2 1 
ATOM   265  N N   . PRO A 1 32  ? 2.331   -0.624  3.122   1.00 18.69  ? 46  PRO A N   1 
ATOM   266  C CA  . PRO A 1 32  ? 3.283   -0.583  4.219   1.00 19.19  ? 46  PRO A CA  1 
ATOM   267  C C   . PRO A 1 32  ? 2.560   -0.285  5.532   1.00 18.63  ? 46  PRO A C   1 
ATOM   268  O O   . PRO A 1 32  ? 1.905   0.755   5.647   1.00 18.70  ? 46  PRO A O   1 
ATOM   269  C CB  . PRO A 1 32  ? 4.222   0.562   3.825   1.00 20.73  ? 46  PRO A CB  1 
ATOM   270  C CG  . PRO A 1 32  ? 3.758   1.051   2.485   1.00 20.28  ? 46  PRO A CG  1 
ATOM   271  C CD  . PRO A 1 32  ? 2.318   0.684   2.426   1.00 20.61  ? 46  PRO A CD  1 
ATOM   272  N N   . LEU A 1 33  ? 2.638   -1.217  6.464   1.00 19.02  ? 47  LEU A N   1 
ATOM   273  C CA  . LEU A 1 33  ? 1.998   -1.055  7.777   1.00 21.54  ? 47  LEU A CA  1 
ATOM   274  C C   . LEU A 1 33  ? 3.001   -0.524  8.760   1.00 22.48  ? 47  LEU A C   1 
ATOM   275  O O   . LEU A 1 33  ? 4.042   -1.138  8.919   1.00 22.22  ? 47  LEU A O   1 
ATOM   276  C CB  . LEU A 1 33  ? 1.511   -2.387  8.315   1.00 23.37  ? 47  LEU A CB  1 
ATOM   277  C CG  . LEU A 1 33  ? 0.232   -2.913  7.685   1.00 26.11  ? 47  LEU A CG  1 
ATOM   278  C CD1 . LEU A 1 33  ? 0.037   -4.360  8.151   1.00 26.83  ? 47  LEU A CD1 1 
ATOM   279  C CD2 . LEU A 1 33  ? -0.976  -2.070  8.079   1.00 26.08  ? 47  LEU A CD2 1 
ATOM   280  N N   . VAL A 1 34  ? 2.630   0.570   9.407   1.00 24.40  ? 48  VAL A N   1 
ATOM   281  C CA  . VAL A 1 34  ? 3.466   1.297   10.367  1.00 24.56  ? 48  VAL A CA  1 
ATOM   282  C C   . VAL A 1 34  ? 2.703   1.272   11.684  1.00 25.15  ? 48  VAL A C   1 
ATOM   283  O O   . VAL A 1 34  ? 1.523   1.638   11.694  1.00 25.31  ? 48  VAL A O   1 
ATOM   284  C CB  . VAL A 1 34  ? 3.648   2.737   9.854   1.00 26.73  ? 48  VAL A CB  1 
ATOM   285  C CG1 . VAL A 1 34  ? 4.370   3.607   10.864  1.00 29.28  ? 48  VAL A CG1 1 
ATOM   286  C CG2 . VAL A 1 34  ? 4.402   2.741   8.510   1.00 28.87  ? 48  VAL A CG2 1 
ATOM   287  N N   . ALA A 1 35  ? 3.365   0.881   12.781  1.00 24.88  ? 49  ALA A N   1 
ATOM   288  C CA  . ALA A 1 35  ? 2.739   0.980   14.099  1.00 25.82  ? 49  ALA A CA  1 
ATOM   289  C C   . ALA A 1 35  ? 3.199   2.253   14.775  1.00 30.40  ? 49  ALA A C   1 
ATOM   290  O O   . ALA A 1 35  ? 4.398   2.409   14.945  1.00 31.54  ? 49  ALA A O   1 
ATOM   291  C CB  . ALA A 1 35  ? 3.083   -0.209  14.932  1.00 28.32  ? 49  ALA A CB  1 
ATOM   292  N N   . LYS A 1 36  ? 2.260   3.150   15.100  1.00 30.81  ? 50  LYS A N   1 
ATOM   293  C CA  . LYS A 1 36  ? 2.548   4.451   15.790  1.00 35.66  ? 50  LYS A CA  1 
ATOM   294  C C   . LYS A 1 36  ? 1.477   4.639   16.822  1.00 34.70  ? 50  LYS A C   1 
ATOM   295  O O   . LYS A 1 36  ? 0.314   4.331   16.579  1.00 30.29  ? 50  LYS A O   1 
ATOM   296  C CB  . LYS A 1 36  ? 2.464   5.691   14.875  1.00 40.47  ? 50  LYS A CB  1 
ATOM   297  C CG  . LYS A 1 36  ? 3.544   5.908   13.835  1.00 50.10  ? 50  LYS A CG  1 
ATOM   298  C CD  . LYS A 1 36  ? 4.975   5.863   14.363  1.00 56.45  ? 50  LYS A CD  1 
ATOM   299  C CE  . LYS A 1 36  ? 5.980   6.182   13.253  1.00 60.64  ? 50  LYS A CE  1 
ATOM   300  N NZ  . LYS A 1 36  ? 7.359   5.689   13.556  1.00 64.78  ? 50  LYS A NZ  1 
ATOM   301  N N   . GLU A 1 37  ? 1.843   5.173   17.989  1.00 34.00  ? 51  GLU A N   1 
ATOM   302  C CA  . GLU A 1 37  ? 0.850   5.524   19.003  1.00 35.59  ? 51  GLU A CA  1 
ATOM   303  C C   . GLU A 1 37  ? -0.121  4.405   19.329  1.00 32.70  ? 51  GLU A C   1 
ATOM   304  O O   . GLU A 1 37  ? -1.312  4.628   19.576  1.00 34.80  ? 51  GLU A O   1 
ATOM   305  C CB  . GLU A 1 37  ? 0.085   6.776   18.562  1.00 43.05  ? 51  GLU A CB  1 
ATOM   306  C CG  . GLU A 1 37  ? 0.975   7.941   18.173  1.00 51.23  ? 51  GLU A CG  1 
ATOM   307  C CD  . GLU A 1 37  ? 0.186   9.082   17.564  1.00 62.22  ? 51  GLU A CD  1 
ATOM   308  O OE1 . GLU A 1 37  ? 0.468   10.247  17.914  1.00 70.92  ? 51  GLU A OE1 1 
ATOM   309  O OE2 . GLU A 1 37  ? -0.723  8.813   16.740  1.00 72.38  ? 51  GLU A OE2 1 
ATOM   310  N N   . GLY A 1 38  ? 0.405   3.186   19.352  1.00 29.43  ? 52  GLY A N   1 
ATOM   311  C CA  . GLY A 1 38  ? -0.313  2.025   19.723  1.00 27.19  ? 52  GLY A CA  1 
ATOM   312  C C   . GLY A 1 38  ? -1.336  1.535   18.702  1.00 30.62  ? 52  GLY A C   1 
ATOM   313  O O   . GLY A 1 38  ? -2.203  0.731   19.054  1.00 32.43  ? 52  GLY A O   1 
ATOM   314  N N   . LYS A 1 39  ? -1.268  2.033   17.467  1.00 27.69  ? 53  LYS A N   1 
ATOM   315  C CA  . LYS A 1 39  ? -2.257  1.642   16.423  1.00 28.33  ? 53  LYS A CA  1 
ATOM   316  C C   . LYS A 1 39  ? -1.521  1.384   15.123  1.00 26.03  ? 53  LYS A C   1 
ATOM   317  O O   . LYS A 1 39  ? -0.450  1.922   14.911  1.00 25.13  ? 53  LYS A O   1 
ATOM   318  C CB  . LYS A 1 39  ? -3.228  2.775   16.204  1.00 33.06  ? 53  LYS A CB  1 
ATOM   319  C CG  . LYS A 1 39  ? -4.110  2.979   17.427  1.00 41.59  ? 53  LYS A CG  1 
ATOM   320  C CD  . LYS A 1 39  ? -4.942  4.255   17.439  1.00 49.14  ? 53  LYS A CD  1 
ATOM   321  C CE  . LYS A 1 39  ? -4.215  5.546   17.038  1.00 56.16  ? 53  LYS A CE  1 
ATOM   322  N NZ  . LYS A 1 39  ? -4.699  6.067   15.724  1.00 55.30  ? 53  LYS A NZ  1 
ATOM   323  N N   . LEU A 1 40  ? -2.120  0.579   14.246  1.00 23.84  ? 54  LEU A N   1 
ATOM   324  C CA  . LEU A 1 40  ? -1.532  0.394   12.922  1.00 21.65  ? 54  LEU A CA  1 
ATOM   325  C C   . LEU A 1 40  ? -1.996  1.474   11.976  1.00 20.93  ? 54  LEU A C   1 
ATOM   326  O O   . LEU A 1 40  ? -3.158  1.929   12.047  1.00 21.66  ? 54  LEU A O   1 
ATOM   327  C CB  . LEU A 1 40  ? -1.927  -0.982  12.363  1.00 23.79  ? 54  LEU A CB  1 
ATOM   328  C CG  . LEU A 1 40  ? -1.356  -2.170  13.111  1.00 26.59  ? 54  LEU A CG  1 
ATOM   329  C CD1 . LEU A 1 40  ? -2.057  -3.449  12.717  1.00 29.06  ? 54  LEU A CD1 1 
ATOM   330  C CD2 . LEU A 1 40  ? 0.127   -2.263  12.864  1.00 27.60  ? 54  LEU A CD2 1 
ATOM   331  N N   . HIS A 1 41  ? -1.104  1.830   11.047  1.00 20.92  ? 55  HIS A N   1 
ATOM   332  C CA  . HIS A 1 41  ? -1.336  2.840   10.023  1.00 21.45  ? 55  HIS A CA  1 
ATOM   333  C C   . HIS A 1 41  ? -0.870  2.253   8.678   1.00 20.86  ? 55  HIS A C   1 
ATOM   334  O O   . HIS A 1 41  ? -0.035  1.353   8.662   1.00 22.90  ? 55  HIS A O   1 
ATOM   335  C CB  . HIS A 1 41  ? -0.516  4.101   10.271  1.00 22.09  ? 55  HIS A CB  1 
ATOM   336  C CG  . HIS A 1 41  ? -0.859  4.776   11.546  1.00 22.82  ? 55  HIS A CG  1 
ATOM   337  N ND1 . HIS A 1 41  ? -0.542  4.234   12.768  1.00 27.55  ? 55  HIS A ND1 1 
ATOM   338  C CD2 . HIS A 1 41  ? -1.511  5.924   11.791  1.00 25.21  ? 55  HIS A CD2 1 
ATOM   339  C CE1 . HIS A 1 41  ? -1.021  5.022   13.723  1.00 26.44  ? 55  HIS A CE1 1 
ATOM   340  N NE2 . HIS A 1 41  ? -1.600  6.056   13.156  1.00 27.62  ? 55  HIS A NE2 1 
ATOM   341  N N   . LEU A 1 42  ? -1.450  2.729   7.589   1.00 20.21  ? 56  LEU A N   1 
ATOM   342  C CA  . LEU A 1 42  ? -0.895  2.519   6.273   1.00 18.83  ? 56  LEU A CA  1 
ATOM   343  C C   . LEU A 1 42  ? -0.177  3.758   5.800   1.00 19.01  ? 56  LEU A C   1 
ATOM   344  O O   . LEU A 1 42  ? -0.667  4.849   5.992   1.00 20.86  ? 56  LEU A O   1 
ATOM   345  C CB  . LEU A 1 42  ? -2.000  2.156   5.253   1.00 20.59  ? 56  LEU A CB  1 
ATOM   346  C CG  . LEU A 1 42  ? -2.478  0.704   5.343   1.00 20.79  ? 56  LEU A CG  1 
ATOM   347  C CD1 . LEU A 1 42  ? -3.788  0.549   4.546   1.00 22.53  ? 56  LEU A CD1 1 
ATOM   348  C CD2 . LEU A 1 42  ? -1.422  -0.272  4.801   1.00 21.62  ? 56  LEU A CD2 1 
ATOM   349  N N   . LEU A 1 43  ? 0.914   3.550   5.091   1.00 19.82  ? 57  LEU A N   1 
ATOM   350  C CA  . LEU A 1 43  ? 1.703   4.612   4.499   1.00 21.68  ? 57  LEU A CA  1 
ATOM   351  C C   . LEU A 1 43  ? 1.305   4.741   3.039   1.00 23.00  ? 57  LEU A C   1 
ATOM   352  O O   . LEU A 1 43  ? 1.269   3.731   2.303   1.00 22.54  ? 57  LEU A O   1 
ATOM   353  C CB  . LEU A 1 43  ? 3.171   4.267   4.626   1.00 22.79  ? 57  LEU A CB  1 
ATOM   354  C CG  . LEU A 1 43  ? 4.125   5.325   4.023   1.00 24.49  ? 57  LEU A CG  1 
ATOM   355  C CD1 . LEU A 1 43  ? 5.454   5.334   4.749   1.00 27.94  ? 57  LEU A CD1 1 
ATOM   356  C CD2 . LEU A 1 43  ? 4.367   5.050   2.561   1.00 26.50  ? 57  LEU A CD2 1 
ATOM   357  N N   . PHE A 1 44  ? 0.985   5.965   2.642   1.00 20.75  ? 58  PHE A N   1 
ATOM   358  C CA  . PHE A 1 44  ? 0.598   6.301   1.285   1.00 21.90  ? 58  PHE A CA  1 
ATOM   359  C C   . PHE A 1 44  ? 1.559   7.331   0.728   1.00 25.02  ? 58  PHE A C   1 
ATOM   360  O O   . PHE A 1 44  ? 2.245   8.066   1.487   1.00 24.38  ? 58  PHE A O   1 
ATOM   361  C CB  . PHE A 1 44  ? -0.780  6.911   1.245   1.00 21.65  ? 58  PHE A CB  1 
ATOM   362  C CG  . PHE A 1 44  ? -1.877  5.992   1.689   1.00 21.82  ? 58  PHE A CG  1 
ATOM   363  C CD1 . PHE A 1 44  ? -2.171  5.819   3.041   1.00 20.01  ? 58  PHE A CD1 1 
ATOM   364  C CD2 . PHE A 1 44  ? -2.587  5.261   0.761   1.00 21.53  ? 58  PHE A CD2 1 
ATOM   365  C CE1 . PHE A 1 44  ? -3.206  4.979   3.453   1.00 21.39  ? 58  PHE A CE1 1 
ATOM   366  C CE2 . PHE A 1 44  ? -3.602  4.401   1.171   1.00 21.45  ? 58  PHE A CE2 1 
ATOM   367  C CZ  . PHE A 1 44  ? -3.930  4.272   2.515   1.00 20.24  ? 58  PHE A CZ  1 
ATOM   368  N N   . THR A 1 45  ? 1.608   7.385   -0.603  1.00 22.59  ? 59  THR A N   1 
ATOM   369  C CA  . THR A 1 45  ? 2.317   8.448   -1.323  1.00 24.65  ? 59  THR A CA  1 
ATOM   370  C C   . THR A 1 45  ? 1.319   9.302   -2.079  1.00 27.10  ? 59  THR A C   1 
ATOM   371  O O   . THR A 1 45  ? 0.203   8.881   -2.366  1.00 27.62  ? 59  THR A O   1 
ATOM   372  C CB  . THR A 1 45  ? 3.344   7.918   -2.345  1.00 25.13  ? 59  THR A CB  1 
ATOM   373  O OG1 . THR A 1 45  ? 2.682   7.329   -3.484  1.00 28.09  ? 59  THR A OG1 1 
ATOM   374  C CG2 . THR A 1 45  ? 4.287   6.944   -1.758  1.00 26.88  ? 59  THR A CG2 1 
ATOM   375  N N   . VAL A 1 46  ? 1.716   10.542  -2.338  1.00 26.24  ? 60  VAL A N   1 
ATOM   376  C CA  . VAL A 1 46  ? 1.065   11.343  -3.331  1.00 27.13  ? 60  VAL A CA  1 
ATOM   377  C C   . VAL A 1 46  ? 2.052   11.420  -4.490  1.00 29.25  ? 60  VAL A C   1 
ATOM   378  O O   . VAL A 1 46  ? 3.216   11.841  -4.320  1.00 28.95  ? 60  VAL A O   1 
ATOM   379  C CB  . VAL A 1 46  ? 0.731   12.750  -2.808  1.00 29.28  ? 60  VAL A CB  1 
ATOM   380  C CG1 . VAL A 1 46  ? 0.139   13.603  -3.933  1.00 31.18  ? 60  VAL A CG1 1 
ATOM   381  C CG2 . VAL A 1 46  ? -0.204  12.673  -1.616  1.00 29.81  ? 60  VAL A CG2 1 
ATOM   382  N N   . ARG A 1 47  ? 1.583   11.022  -5.665  1.00 28.52  ? 61  ARG A N   1 
ATOM   383  C CA  . ARG A 1 47  ? 2.436   10.943  -6.848  1.00 30.26  ? 61  ARG A CA  1 
ATOM   384  C C   . ARG A 1 47  ? 2.798   12.360  -7.310  1.00 31.41  ? 61  ARG A C   1 
ATOM   385  O O   . ARG A 1 47  ? 1.987   13.283  -7.198  1.00 34.66  ? 61  ARG A O   1 
ATOM   386  C CB  . ARG A 1 47  ? 1.715   10.199  -7.976  1.00 33.31  ? 61  ARG A CB  1 
ATOM   387  C CG  . ARG A 1 47  ? 1.501   8.735   -7.638  1.00 37.07  ? 61  ARG A CG  1 
ATOM   388  C CD  . ARG A 1 47  ? 0.467   8.111   -8.566  1.00 41.52  ? 61  ARG A CD  1 
ATOM   389  N NE  . ARG A 1 47  ? 0.978   8.093   -9.929  1.00 42.17  ? 61  ARG A NE  1 
ATOM   390  C CZ  . ARG A 1 47  ? 1.887   7.237   -10.389 1.00 46.65  ? 61  ARG A CZ  1 
ATOM   391  N NH1 . ARG A 1 47  ? 2.394   6.287   -9.618  1.00 46.73  ? 61  ARG A NH1 1 
ATOM   392  N NH2 . ARG A 1 47  ? 2.290   7.326   -11.655 1.00 54.97  ? 61  ARG A NH2 1 
ATOM   393  N N   . SER A 1 48  ? 4.027   12.531  -7.763  1.00 32.43  ? 62  SER A N   1 
ATOM   394  C CA  . SER A 1 48  ? 4.484   13.832  -8.257  1.00 38.62  ? 62  SER A CA  1 
ATOM   395  C C   . SER A 1 48  ? 3.561   14.330  -9.374  1.00 40.72  ? 62  SER A C   1 
ATOM   396  O O   . SER A 1 48  ? 3.081   13.535  -10.174 1.00 41.24  ? 62  SER A O   1 
ATOM   397  C CB  . SER A 1 48  ? 5.894   13.735  -8.834  1.00 41.01  ? 62  SER A CB  1 
ATOM   398  O OG  . SER A 1 48  ? 6.050   14.717  -9.869  1.00 45.40  ? 62  SER A OG  1 
ATOM   399  N N   . GLU A 1 49  ? 3.366   15.648  -9.442  1.00 49.53  ? 63  GLU A N   1 
ATOM   400  C CA  . GLU A 1 49  ? 2.579   16.258  -10.533 1.00 56.75  ? 63  GLU A CA  1 
ATOM   401  C C   . GLU A 1 49  ? 3.212   16.082  -11.933 1.00 58.17  ? 63  GLU A C   1 
ATOM   402  O O   . GLU A 1 49  ? 2.533   16.278  -12.938 1.00 63.94  ? 63  GLU A O   1 
ATOM   403  C CB  . GLU A 1 49  ? 2.321   17.749  -10.253 1.00 58.77  ? 63  GLU A CB  1 
ATOM   404  C CG  . GLU A 1 49  ? 1.494   18.043  -9.000  1.00 60.72  ? 63  GLU A CG  1 
ATOM   405  C CD  . GLU A 1 49  ? 0.043   17.557  -9.069  1.00 66.28  ? 63  GLU A CD  1 
ATOM   406  O OE1 . GLU A 1 49  ? -0.471  17.222  -10.169 1.00 72.64  ? 63  GLU A OE1 1 
ATOM   407  O OE2 . GLU A 1 49  ? -0.606  17.522  -8.005  1.00 62.11  ? 63  GLU A OE2 1 
ATOM   408  N N   . LYS A 1 50  ? 4.493   15.700  -11.982 1.00 59.64  ? 64  LYS A N   1 
ATOM   409  C CA  . LYS A 1 50  ? 5.254   15.508  -13.225 1.00 65.40  ? 64  LYS A CA  1 
ATOM   410  C C   . LYS A 1 50  ? 5.198   14.092  -13.815 1.00 65.09  ? 64  LYS A C   1 
ATOM   411  O O   . LYS A 1 50  ? 5.723   13.869  -14.908 1.00 65.23  ? 64  LYS A O   1 
ATOM   412  C CB  . LYS A 1 50  ? 6.732   15.893  -12.988 1.00 69.32  ? 64  LYS A CB  1 
ATOM   413  C CG  . LYS A 1 50  ? 6.970   17.311  -12.446 1.00 74.13  ? 64  LYS A CG  1 
ATOM   414  C CD  . LYS A 1 50  ? 6.874   18.406  -13.512 1.00 78.64  ? 64  LYS A CD  1 
ATOM   415  C CE  . LYS A 1 50  ? 5.464   18.961  -13.710 1.00 80.78  ? 64  LYS A CE  1 
ATOM   416  N NZ  . LYS A 1 50  ? 5.107   20.004  -12.710 1.00 83.40  ? 64  LYS A NZ  1 
ATOM   417  N N   . LEU A 1 51  ? 4.597   13.130  -13.112 1.00 61.43  ? 65  LEU A N   1 
ATOM   418  C CA  . LEU A 1 51  ? 4.452   11.783  -13.665 1.00 59.59  ? 65  LEU A CA  1 
ATOM   419  C C   . LEU A 1 51  ? 3.348   11.795  -14.712 1.00 63.18  ? 65  LEU A C   1 
ATOM   420  O O   . LEU A 1 51  ? 2.389   12.564  -14.594 1.00 62.20  ? 65  LEU A O   1 
ATOM   421  C CB  . LEU A 1 51  ? 4.141   10.749  -12.575 1.00 56.50  ? 65  LEU A CB  1 
ATOM   422  C CG  . LEU A 1 51  ? 5.175   10.620  -11.446 1.00 54.31  ? 65  LEU A CG  1 
ATOM   423  C CD1 . LEU A 1 51  ? 4.777   9.503   -10.497 1.00 55.21  ? 65  LEU A CD1 1 
ATOM   424  C CD2 . LEU A 1 51  ? 6.572   10.361  -11.991 1.00 54.59  ? 65  LEU A CD2 1 
ATOM   425  N N   . ARG A 1 52  ? 3.494   10.942  -15.727 1.00 67.59  ? 66  ARG A N   1 
ATOM   426  C CA  . ARG A 1 52  ? 2.541   10.880  -16.836 1.00 73.54  ? 66  ARG A CA  1 
ATOM   427  C C   . ARG A 1 52  ? 1.228   10.259  -16.374 1.00 72.24  ? 66  ARG A C   1 
ATOM   428  O O   . ARG A 1 52  ? 0.156   10.819  -16.603 1.00 65.94  ? 66  ARG A O   1 
ATOM   429  C CB  . ARG A 1 52  ? 3.113   10.075  -18.006 1.00 80.41  ? 66  ARG A CB  1 
ATOM   430  C CG  . ARG A 1 52  ? 2.425   10.372  -19.334 1.00 86.76  ? 66  ARG A CG  1 
ATOM   431  C CD  . ARG A 1 52  ? 3.239   11.290  -20.242 1.00 91.31  ? 66  ARG A CD  1 
ATOM   432  N NE  . ARG A 1 52  ? 4.020   10.521  -21.220 1.00 97.90  ? 66  ARG A NE  1 
ATOM   433  C CZ  . ARG A 1 52  ? 3.531   9.959   -22.332 1.00 97.71  ? 66  ARG A CZ  1 
ATOM   434  N NH1 . ARG A 1 52  ? 2.240   10.053  -22.654 1.00 96.10  ? 66  ARG A NH1 1 
ATOM   435  N NH2 . ARG A 1 52  ? 4.347   9.283   -23.138 1.00 99.18  ? 66  ARG A NH2 1 
ATOM   436  N N   . ARG A 1 53  ? 1.332   9.104   -15.719 1.00 74.98  ? 67  ARG A N   1 
ATOM   437  C CA  . ARG A 1 53  ? 0.178   8.423   -15.142 1.00 74.63  ? 67  ARG A CA  1 
ATOM   438  C C   . ARG A 1 53  ? -0.173  8.976   -13.759 1.00 70.37  ? 67  ARG A C   1 
ATOM   439  O O   . ARG A 1 53  ? 0.609   8.837   -12.815 1.00 62.17  ? 67  ARG A O   1 
ATOM   440  C CB  . ARG A 1 53  ? 0.448   6.918   -15.034 1.00 80.20  ? 67  ARG A CB  1 
ATOM   441  C CG  . ARG A 1 53  ? -0.783  6.097   -14.644 1.00 86.20  ? 67  ARG A CG  1 
ATOM   442  C CD  . ARG A 1 53  ? -0.826  4.766   -15.374 1.00 91.66  ? 67  ARG A CD  1 
ATOM   443  N NE  . ARG A 1 53  ? -0.872  4.961   -16.831 1.00 98.69  ? 67  ARG A NE  1 
ATOM   444  C CZ  . ARG A 1 53  ? -0.653  4.017   -17.750 1.00 101.32 ? 67  ARG A CZ  1 
ATOM   445  N NH1 . ARG A 1 53  ? -0.370  2.761   -17.398 1.00 103.88 ? 67  ARG A NH1 1 
ATOM   446  N NH2 . ARG A 1 53  ? -0.717  4.333   -19.043 1.00 101.20 ? 67  ARG A NH2 1 
ATOM   447  N N   . ALA A 1 54  ? -1.344  9.607   -13.665 1.00 67.62  ? 68  ALA A N   1 
ATOM   448  C CA  . ALA A 1 54  ? -2.004  9.931   -12.390 1.00 64.31  ? 68  ALA A CA  1 
ATOM   449  C C   . ALA A 1 54  ? -1.201  10.887  -11.505 1.00 61.51  ? 68  ALA A C   1 
ATOM   450  O O   . ALA A 1 54  ? -0.889  10.555  -10.356 1.00 57.07  ? 68  ALA A O   1 
ATOM   451  C CB  . ALA A 1 54  ? -2.354  8.647   -11.635 1.00 62.77  ? 68  ALA A CB  1 
ATOM   452  N N   . PRO A 1 55  ? -0.887  12.086  -12.031 1.00 56.59  ? 69  PRO A N   1 
ATOM   453  C CA  . PRO A 1 55  ? -0.151  13.058  -11.249 1.00 51.93  ? 69  PRO A CA  1 
ATOM   454  C C   . PRO A 1 55  ? -0.980  13.550  -10.087 1.00 49.96  ? 69  PRO A C   1 
ATOM   455  O O   . PRO A 1 55  ? -2.188  13.752  -10.227 1.00 50.24  ? 69  PRO A O   1 
ATOM   456  C CB  . PRO A 1 55  ? 0.100   14.196  -12.243 1.00 54.88  ? 69  PRO A CB  1 
ATOM   457  C CG  . PRO A 1 55  ? -1.026  14.100  -13.203 1.00 55.60  ? 69  PRO A CG  1 
ATOM   458  C CD  . PRO A 1 55  ? -1.277  12.631  -13.349 1.00 53.89  ? 69  PRO A CD  1 
ATOM   459  N N   . GLY A 1 56  ? -0.342  13.709  -8.933  1.00 42.99  ? 70  GLY A N   1 
ATOM   460  C CA  . GLY A 1 56  ? -1.023  14.221  -7.750  1.00 40.94  ? 70  GLY A CA  1 
ATOM   461  C C   . GLY A 1 56  ? -2.020  13.282  -7.085  1.00 36.00  ? 70  GLY A C   1 
ATOM   462  O O   . GLY A 1 56  ? -2.698  13.692  -6.162  1.00 40.76  ? 70  GLY A O   1 
ATOM   463  N N   . GLU A 1 57  ? -2.102  12.031  -7.528  1.00 38.15  ? 71  GLU A N   1 
ATOM   464  C CA  . GLU A 1 57  ? -3.035  11.080  -6.902  1.00 36.89  ? 71  GLU A CA  1 
ATOM   465  C C   . GLU A 1 57  ? -2.352  10.302  -5.786  1.00 29.95  ? 71  GLU A C   1 
ATOM   466  O O   . GLU A 1 57  ? -1.147  10.108  -5.817  1.00 28.85  ? 71  GLU A O   1 
ATOM   467  C CB  . GLU A 1 57  ? -3.626  10.125  -7.924  1.00 42.89  ? 71  GLU A CB  1 
ATOM   468  C CG  . GLU A 1 57  ? -4.502  10.848  -8.949  1.00 50.67  ? 71  GLU A CG  1 
ATOM   469  C CD  . GLU A 1 57  ? -5.516  9.941   -9.620  1.00 58.77  ? 71  GLU A CD  1 
ATOM   470  O OE1 . GLU A 1 57  ? -5.244  8.715   -9.778  1.00 60.54  ? 71  GLU A OE1 1 
ATOM   471  O OE2 . GLU A 1 57  ? -6.591  10.476  -10.000 1.00 71.25  ? 71  GLU A OE2 1 
ATOM   472  N N   . VAL A 1 58  ? -3.171  9.831   -4.852  1.00 29.07  ? 72  VAL A N   1 
ATOM   473  C CA  . VAL A 1 58  ? -2.701  9.050   -3.726  1.00 27.92  ? 72  VAL A CA  1 
ATOM   474  C C   . VAL A 1 58  ? -2.541  7.611   -4.195  1.00 28.78  ? 72  VAL A C   1 
ATOM   475  O O   . VAL A 1 58  ? -3.433  7.059   -4.824  1.00 27.28  ? 72  VAL A O   1 
ATOM   476  C CB  . VAL A 1 58  ? -3.672  9.181   -2.542  1.00 28.36  ? 72  VAL A CB  1 
ATOM   477  C CG1 . VAL A 1 58  ? -3.360  8.175   -1.462  1.00 27.68  ? 72  VAL A CG1 1 
ATOM   478  C CG2 . VAL A 1 58  ? -3.655  10.596  -1.974  1.00 30.25  ? 72  VAL A CG2 1 
ATOM   479  N N   . CYS A 1 59  ? -1.409  6.995   -3.856  1.00 26.36  ? 73  CYS A N   1 
ATOM   480  C CA  . CYS A 1 59  ? -1.013  5.723   -4.333  1.00 27.37  ? 73  CYS A CA  1 
ATOM   481  C C   . CYS A 1 59  ? -0.202  5.002   -3.249  1.00 26.99  ? 73  CYS A C   1 
ATOM   482  O O   . CYS A 1 59  ? 0.355   5.643   -2.386  1.00 30.94  ? 73  CYS A O   1 
ATOM   483  C CB  . CYS A 1 59  ? -0.118  5.970   -5.536  1.00 38.04  ? 73  CYS A CB  1 
ATOM   484  S SG  . CYS A 1 59  ? -0.138  4.545   -6.562  1.00 51.64  ? 73  CYS A SG  1 
ATOM   485  N N   . PHE A 1 60  ? -0.137  3.683   -3.292  1.00 23.12  ? 74  PHE A N   1 
ATOM   486  C CA  . PHE A 1 60  ? 0.865   2.965   -2.499  1.00 22.47  ? 74  PHE A CA  1 
ATOM   487  C C   . PHE A 1 60  ? 2.194   2.978   -3.245  1.00 21.79  ? 74  PHE A C   1 
ATOM   488  O O   . PHE A 1 60  ? 2.210   3.042   -4.475  1.00 21.97  ? 74  PHE A O   1 
ATOM   489  C CB  . PHE A 1 60  ? 0.434   1.539   -2.233  1.00 21.85  ? 74  PHE A CB  1 
ATOM   490  C CG  . PHE A 1 60  ? -0.699  1.430   -1.255  1.00 21.41  ? 74  PHE A CG  1 
ATOM   491  C CD1 . PHE A 1 60  ? -0.507  1.809   0.066   1.00 21.26  ? 74  PHE A CD1 1 
ATOM   492  C CD2 . PHE A 1 60  ? -1.966  0.980   -1.641  1.00 22.80  ? 74  PHE A CD2 1 
ATOM   493  C CE1 . PHE A 1 60  ? -1.519  1.752   0.996   1.00 20.76  ? 74  PHE A CE1 1 
ATOM   494  C CE2 . PHE A 1 60  ? -2.996  0.908   -0.704  1.00 20.72  ? 74  PHE A CE2 1 
ATOM   495  C CZ  . PHE A 1 60  ? -2.772  1.279   0.630   1.00 22.23  ? 74  PHE A CZ  1 
ATOM   496  N N   . PRO A 1 61  ? 3.321   2.858   -2.527  1.00 21.48  ? 75  PRO A N   1 
ATOM   497  C CA  . PRO A 1 61  ? 4.588   2.683   -3.225  1.00 22.88  ? 75  PRO A CA  1 
ATOM   498  C C   . PRO A 1 61  ? 4.548   1.451   -4.137  1.00 24.23  ? 75  PRO A C   1 
ATOM   499  O O   . PRO A 1 61  ? 3.951   0.437   -3.780  1.00 21.47  ? 75  PRO A O   1 
ATOM   500  C CB  . PRO A 1 61  ? 5.597   2.459   -2.102  1.00 24.47  ? 75  PRO A CB  1 
ATOM   501  C CG  . PRO A 1 61  ? 4.941   2.940   -0.874  1.00 23.08  ? 75  PRO A CG  1 
ATOM   502  C CD  . PRO A 1 61  ? 3.467   2.891   -1.063  1.00 21.86  ? 75  PRO A CD  1 
ATOM   503  N N   . GLY A 1 62  ? 5.212   1.546   -5.277  1.00 23.67  ? 76  GLY A N   1 
ATOM   504  C CA  . GLY A 1 62  ? 5.265   0.401   -6.196  1.00 23.84  ? 76  GLY A CA  1 
ATOM   505  C C   . GLY A 1 62  ? 5.551   0.851   -7.612  1.00 23.57  ? 76  GLY A C   1 
ATOM   506  O O   . GLY A 1 62  ? 5.836   2.040   -7.887  1.00 23.90  ? 76  GLY A O   1 
ATOM   507  N N   . GLY A 1 63  ? 5.486   -0.118  -8.525  1.00 24.21  ? 77  GLY A N   1 
ATOM   508  C CA  . GLY A 1 63  ? 5.783   0.152   -9.912  1.00 24.13  ? 77  GLY A CA  1 
ATOM   509  C C   . GLY A 1 63  ? 5.991   -1.091  -10.720 1.00 22.01  ? 77  GLY A C   1 
ATOM   510  O O   . GLY A 1 63  ? 5.733   -2.204  -10.262 1.00 22.00  ? 77  GLY A O   1 
ATOM   511  N N   . LYS A 1 64  ? 6.506   -0.890  -11.933 1.00 23.35  ? 78  LYS A N   1 
ATOM   512  C CA  . LYS A 1 64  ? 6.630   -1.994  -12.896 1.00 23.17  ? 78  LYS A CA  1 
ATOM   513  C C   . LYS A 1 64  ? 7.793   -2.923  -12.611 1.00 22.69  ? 78  LYS A C   1 
ATOM   514  O O   . LYS A 1 64  ? 8.914   -2.503  -12.260 1.00 22.51  ? 78  LYS A O   1 
ATOM   515  C CB  . LYS A 1 64  ? 6.770   -1.420  -14.313 1.00 27.40  ? 78  LYS A CB  1 
ATOM   516  C CG  . LYS A 1 64  ? 6.538   -2.469  -15.385 1.00 31.54  ? 78  LYS A CG  1 
ATOM   517  C CD  . LYS A 1 64  ? 6.421   -1.850  -16.765 1.00 37.86  ? 78  LYS A CD  1 
ATOM   518  C CE  . LYS A 1 64  ? 6.477   -2.904  -17.876 1.00 40.60  ? 78  LYS A CE  1 
ATOM   519  N NZ  . LYS A 1 64  ? 5.474   -3.963  -17.675 1.00 49.35  ? 78  LYS A NZ  1 
ATOM   520  N N   . ARG A 1 65  ? 7.570   -4.210  -12.755 1.00 23.08  ? 79  ARG A N   1 
ATOM   521  C CA  . ARG A 1 65  ? 8.609   -5.170  -12.581 1.00 22.50  ? 79  ARG A CA  1 
ATOM   522  C C   . ARG A 1 65  ? 9.675   -4.914  -13.661 1.00 24.38  ? 79  ARG A C   1 
ATOM   523  O O   . ARG A 1 65  ? 9.359   -4.445  -14.753 1.00 25.45  ? 79  ARG A O   1 
ATOM   524  C CB  . ARG A 1 65  ? 8.067   -6.564  -12.672 1.00 25.50  ? 79  ARG A CB  1 
ATOM   525  C CG  . ARG A 1 65  ? 9.117   -7.642  -12.589 1.00 27.73  ? 79  ARG A CG  1 
ATOM   526  C CD  . ARG A 1 65  ? 8.533   -8.963  -12.154 1.00 29.76  ? 79  ARG A CD  1 
ATOM   527  N NE  . ARG A 1 65  ? 9.531   -10.039 -12.127 1.00 29.12  ? 79  ARG A NE  1 
ATOM   528  C CZ  . ARG A 1 65  ? 9.301   -11.266 -11.677 1.00 31.33  ? 79  ARG A CZ  1 
ATOM   529  N NH1 . ARG A 1 65  ? 8.103   -11.597 -11.190 1.00 30.62  ? 79  ARG A NH1 1 
ATOM   530  N NH2 . ARG A 1 65  ? 10.262  -12.188 -11.729 1.00 32.61  ? 79  ARG A NH2 1 
ATOM   531  N N   . ASP A 1 66  ? 10.913  -5.138  -13.273 1.00 25.06  ? 80  ASP A N   1 
ATOM   532  C CA  . ASP A 1 66  ? 12.047  -5.098  -14.224 1.00 24.70  ? 80  ASP A CA  1 
ATOM   533  C C   . ASP A 1 66  ? 12.848  -6.361  -14.178 1.00 23.37  ? 80  ASP A C   1 
ATOM   534  O O   . ASP A 1 66  ? 12.664  -7.240  -13.329 1.00 25.28  ? 80  ASP A O   1 
ATOM   535  C CB  . ASP A 1 66  ? 12.836  -3.780  -14.076 1.00 25.19  ? 80  ASP A CB  1 
ATOM   536  C CG  . ASP A 1 66  ? 13.903  -3.814  -12.995 1.00 24.29  ? 80  ASP A CG  1 
ATOM   537  O OD1 . ASP A 1 66  ? 14.233  -4.872  -12.417 1.00 25.05  ? 80  ASP A OD1 1 
ATOM   538  O OD2 . ASP A 1 66  ? 14.467  -2.726  -12.753 1.00 29.42  ? 80  ASP A OD2 1 
ATOM   539  N N   . PRO A 1 67  ? 13.802  -6.525  -15.146 1.00 23.01  ? 81  PRO A N   1 
ATOM   540  C CA  . PRO A 1 67  ? 14.485  -7.796  -15.202 1.00 24.50  ? 81  PRO A CA  1 
ATOM   541  C C   . PRO A 1 67  ? 15.328  -8.147  -14.017 1.00 23.71  ? 81  PRO A C   1 
ATOM   542  O O   . PRO A 1 67  ? 15.567  -9.310  -13.794 1.00 25.79  ? 81  PRO A O   1 
ATOM   543  C CB  . PRO A 1 67  ? 15.352  -7.667  -16.491 1.00 25.82  ? 81  PRO A CB  1 
ATOM   544  C CG  . PRO A 1 67  ? 14.628  -6.706  -17.307 1.00 25.10  ? 81  PRO A CG  1 
ATOM   545  C CD  . PRO A 1 67  ? 14.029  -5.702  -16.341 1.00 26.35  ? 81  PRO A CD  1 
ATOM   546  N N   . THR A 1 68  ? 15.750  -7.155  -13.216 1.00 26.23  ? 82  THR A N   1 
ATOM   547  C CA  . THR A 1 68  ? 16.574  -7.436  -12.036 1.00 26.41  ? 82  THR A CA  1 
ATOM   548  C C   . THR A 1 68  ? 15.792  -8.150  -10.917 1.00 27.85  ? 82  THR A C   1 
ATOM   549  O O   . THR A 1 68  ? 16.357  -8.888  -10.118 1.00 27.69  ? 82  THR A O   1 
ATOM   550  C CB  . THR A 1 68  ? 17.181  -6.163  -11.384 1.00 27.51  ? 82  THR A CB  1 
ATOM   551  O OG1 . THR A 1 68  ? 16.158  -5.394  -10.710 1.00 27.61  ? 82  THR A OG1 1 
ATOM   552  C CG2 . THR A 1 68  ? 17.864  -5.300  -12.388 1.00 27.18  ? 82  THR A CG2 1 
ATOM   553  N N   . ASP A 1 69  ? 14.473  -7.942  -10.878 1.00 27.76  ? 83  ASP A N   1 
ATOM   554  C CA  . ASP A 1 69  ? 13.700  -8.455  -9.765  1.00 26.00  ? 83  ASP A CA  1 
ATOM   555  C C   . ASP A 1 69  ? 13.646  -9.981  -9.718  1.00 27.16  ? 83  ASP A C   1 
ATOM   556  O O   . ASP A 1 69  ? 13.225  -10.612 -10.667 1.00 28.46  ? 83  ASP A O   1 
ATOM   557  C CB  . ASP A 1 69  ? 12.261  -7.905  -9.847  1.00 25.87  ? 83  ASP A CB  1 
ATOM   558  C CG  . ASP A 1 69  ? 12.189  -6.417  -9.773  1.00 24.06  ? 83  ASP A CG  1 
ATOM   559  O OD1 . ASP A 1 69  ? 12.976  -5.778  -9.009  1.00 25.04  ? 83  ASP A OD1 1 
ATOM   560  O OD2 . ASP A 1 69  ? 11.294  -5.815  -10.402 1.00 24.71  ? 83  ASP A OD2 1 
ATOM   561  N N   . MET A 1 70  ? 14.054  -10.565 -8.597  1.00 26.72  ? 84  MET A N   1 
ATOM   562  C CA  . MET A 1 70  ? 13.962  -12.011 -8.379  1.00 29.68  ? 84  MET A CA  1 
ATOM   563  C C   . MET A 1 70  ? 12.510  -12.513 -8.425  1.00 29.80  ? 84  MET A C   1 
ATOM   564  O O   . MET A 1 70  ? 12.250  -13.633 -8.848  1.00 29.68  ? 84  MET A O   1 
ATOM   565  C CB  . MET A 1 70  ? 14.593  -12.404 -7.034  1.00 32.90  ? 84  MET A CB  1 
ATOM   566  C CG  . MET A 1 70  ? 16.108  -12.256 -6.934  1.00 38.40  ? 84  MET A CG  1 
ATOM   567  S SD  . MET A 1 70  ? 16.947  -13.351 -8.100  1.00 42.00  ? 84  MET A SD  1 
ATOM   568  C CE  . MET A 1 70  ? 16.648  -14.989 -7.457  1.00 44.33  ? 84  MET A CE  1 
ATOM   569  N N   . ASP A 1 71  ? 11.577  -11.684 -7.965  1.00 27.64  ? 85  ASP A N   1 
ATOM   570  C CA  . ASP A 1 71  ? 10.168  -12.055 -7.869  1.00 26.99  ? 85  ASP A CA  1 
ATOM   571  C C   . ASP A 1 71  ? 9.325   -10.776 -7.732  1.00 24.46  ? 85  ASP A C   1 
ATOM   572  O O   . ASP A 1 71  ? 9.863   -9.663  -7.739  1.00 23.12  ? 85  ASP A O   1 
ATOM   573  C CB  . ASP A 1 71  ? 9.947   -13.063 -6.726  1.00 29.09  ? 85  ASP A CB  1 
ATOM   574  C CG  . ASP A 1 71  ? 10.411  -12.575 -5.376  1.00 29.77  ? 85  ASP A CG  1 
ATOM   575  O OD1 . ASP A 1 71  ? 10.545  -11.359 -5.127  1.00 28.11  ? 85  ASP A OD1 1 
ATOM   576  O OD2 . ASP A 1 71  ? 10.628  -13.436 -4.512  1.00 34.83  ? 85  ASP A OD2 1 
ATOM   577  N N   . ASP A 1 72  ? 8.000   -10.908 -7.600  1.00 23.63  ? 86  ASP A N   1 
ATOM   578  C CA  . ASP A 1 72  ? 7.140   -9.764  -7.542  1.00 22.76  ? 86  ASP A CA  1 
ATOM   579  C C   . ASP A 1 72  ? 7.330   -8.953  -6.251  1.00 19.89  ? 86  ASP A C   1 
ATOM   580  O O   . ASP A 1 72  ? 7.129   -7.739  -6.254  1.00 21.32  ? 86  ASP A O   1 
ATOM   581  C CB  . ASP A 1 72  ? 5.678   -10.178 -7.736  1.00 23.79  ? 86  ASP A CB  1 
ATOM   582  C CG  . ASP A 1 72  ? 5.397   -10.625 -9.163  1.00 26.83  ? 86  ASP A CG  1 
ATOM   583  O OD1 . ASP A 1 72  ? 6.032   -10.046 -10.090 1.00 24.58  ? 86  ASP A OD1 1 
ATOM   584  O OD2 . ASP A 1 72  ? 4.523   -11.512 -9.362  1.00 26.71  ? 86  ASP A OD2 1 
ATOM   585  N N   . ALA A 1 73  ? 7.664   -9.635  -5.182  1.00 21.40  ? 87  ALA A N   1 
ATOM   586  C CA  . ALA A 1 73  ? 7.916   -8.928  -3.900  1.00 20.69  ? 87  ALA A CA  1 
ATOM   587  C C   . ALA A 1 73  ? 9.129   -7.974  -4.069  1.00 21.40  ? 87  ALA A C   1 
ATOM   588  O O   . ALA A 1 73  ? 9.120   -6.826  -3.614  1.00 22.84  ? 87  ALA A O   1 
ATOM   589  C CB  . ALA A 1 73  ? 8.154   -9.895  -2.791  1.00 22.08  ? 87  ALA A CB  1 
ATOM   590  N N   . ALA A 1 74  ? 10.149  -8.470  -4.746  1.00 21.97  ? 88  ALA A N   1 
ATOM   591  C CA  . ALA A 1 74  ? 11.315  -7.625  -5.055  1.00 23.60  ? 88  ALA A CA  1 
ATOM   592  C C   . ALA A 1 74  ? 10.984  -6.363  -5.797  1.00 22.68  ? 88  ALA A C   1 
ATOM   593  O O   . ALA A 1 74  ? 11.534  -5.301  -5.501  1.00 22.55  ? 88  ALA A O   1 
ATOM   594  C CB  . ALA A 1 74  ? 12.397  -8.428  -5.784  1.00 24.41  ? 88  ALA A CB  1 
ATOM   595  N N   . THR A 1 75  ? 10.059  -6.432  -6.759  1.00 21.74  ? 89  THR A N   1 
ATOM   596  C CA  . THR A 1 75  ? 9.591   -5.257  -7.429  1.00 20.78  ? 89  THR A CA  1 
ATOM   597  C C   . THR A 1 75  ? 9.066   -4.194  -6.465  1.00 21.22  ? 89  THR A C   1 
ATOM   598  O O   . THR A 1 75  ? 9.405   -2.994  -6.545  1.00 20.97  ? 89  THR A O   1 
ATOM   599  C CB  . THR A 1 75  ? 8.463   -5.613  -8.437  1.00 22.65  ? 89  THR A CB  1 
ATOM   600  O OG1 . THR A 1 75  ? 8.928   -6.623  -9.339  1.00 21.58  ? 89  THR A OG1 1 
ATOM   601  C CG2 . THR A 1 75  ? 8.011   -4.410  -9.172  1.00 22.19  ? 89  THR A CG2 1 
ATOM   602  N N   . ALA A 1 76  ? 8.180   -4.655  -5.573  1.00 19.98  ? 90  ALA A N   1 
ATOM   603  C CA  . ALA A 1 76  ? 7.572   -3.764  -4.599  1.00 20.01  ? 90  ALA A CA  1 
ATOM   604  C C   . ALA A 1 76  ? 8.665   -3.084  -3.735  1.00 19.07  ? 90  ALA A C   1 
ATOM   605  O O   . ALA A 1 76  ? 8.593   -1.878  -3.528  1.00 21.25  ? 90  ALA A O   1 
ATOM   606  C CB  . ALA A 1 76  ? 6.605   -4.541  -3.715  1.00 21.90  ? 90  ALA A CB  1 
ATOM   607  N N   . LEU A 1 77  ? 9.609   -3.859  -3.242  1.00 20.85  ? 91  LEU A N   1 
ATOM   608  C CA  . LEU A 1 77  ? 10.658  -3.343  -2.353  1.00 23.14  ? 91  LEU A CA  1 
ATOM   609  C C   . LEU A 1 77  ? 11.629  -2.419  -3.088  1.00 23.35  ? 91  LEU A C   1 
ATOM   610  O O   . LEU A 1 77  ? 11.952  -1.361  -2.593  1.00 22.53  ? 91  LEU A O   1 
ATOM   611  C CB  . LEU A 1 77  ? 11.436  -4.467  -1.714  1.00 25.34  ? 91  LEU A CB  1 
ATOM   612  C CG  . LEU A 1 77  ? 10.680  -5.400  -0.770  1.00 27.43  ? 91  LEU A CG  1 
ATOM   613  C CD1 . LEU A 1 77  ? 11.666  -6.273  -0.010  1.00 30.74  ? 91  LEU A CD1 1 
ATOM   614  C CD2 . LEU A 1 77  ? 9.789   -4.618  0.175   1.00 30.03  ? 91  LEU A CD2 1 
ATOM   615  N N   . ARG A 1 78  ? 12.000  -2.783  -4.315  1.00 24.05  ? 92  ARG A N   1 
ATOM   616  C CA  . ARG A 1 78  ? 12.842  -1.881  -5.144  1.00 22.64  ? 92  ARG A CA  1 
ATOM   617  C C   . ARG A 1 78  ? 12.208  -0.535  -5.391  1.00 24.26  ? 92  ARG A C   1 
ATOM   618  O O   . ARG A 1 78  ? 12.831  0.533   -5.231  1.00 23.46  ? 92  ARG A O   1 
ATOM   619  C CB  . ARG A 1 78  ? 13.192  -2.553  -6.486  1.00 24.24  ? 92  ARG A CB  1 
ATOM   620  C CG  . ARG A 1 78  ? 14.073  -1.711  -7.409  1.00 25.44  ? 92  ARG A CG  1 
ATOM   621  C CD  . ARG A 1 78  ? 14.483  -2.439  -8.689  1.00 26.33  ? 92  ARG A CD  1 
ATOM   622  N NE  . ARG A 1 78  ? 13.310  -2.996  -9.378  1.00 24.34  ? 92  ARG A NE  1 
ATOM   623  C CZ  . ARG A 1 78  ? 12.410  -2.303  -10.054 1.00 24.24  ? 92  ARG A CZ  1 
ATOM   624  N NH1 . ARG A 1 78  ? 12.491  -0.988  -10.224 1.00 26.05  ? 92  ARG A NH1 1 
ATOM   625  N NH2 . ARG A 1 78  ? 11.370  -2.955  -10.587 1.00 24.40  ? 92  ARG A NH2 1 
ATOM   626  N N   . GLU A 1 79  ? 10.939  -0.554  -5.795  1.00 23.88  ? 93  GLU A N   1 
ATOM   627  C CA  . GLU A 1 79  ? 10.225  0.665   -6.048  1.00 23.95  ? 93  GLU A CA  1 
ATOM   628  C C   . GLU A 1 79  ? 10.000  1.490   -4.774  1.00 23.55  ? 93  GLU A C   1 
ATOM   629  O O   . GLU A 1 79  ? 10.107  2.714   -4.819  1.00 23.91  ? 93  GLU A O   1 
ATOM   630  C CB  . GLU A 1 79  ? 8.911   0.400   -6.798  1.00 26.01  ? 93  GLU A CB  1 
ATOM   631  C CG  . GLU A 1 79  ? 9.129   -0.092  -8.232  1.00 28.26  ? 93  GLU A CG  1 
ATOM   632  C CD  . GLU A 1 79  ? 9.367   0.981   -9.298  1.00 33.11  ? 93  GLU A CD  1 
ATOM   633  O OE1 . GLU A 1 79  ? 9.042   2.138   -9.127  1.00 39.09  ? 93  GLU A OE1 1 
ATOM   634  O OE2 . GLU A 1 79  ? 9.851   0.627   -10.365 1.00 44.16  ? 93  GLU A OE2 1 
ATOM   635  N N   . ALA A 1 80  ? 9.680   0.836   -3.656  1.00 23.41  ? 94  ALA A N   1 
ATOM   636  C CA  . ALA A 1 80  ? 9.511   1.545   -2.411  1.00 23.24  ? 94  ALA A CA  1 
ATOM   637  C C   . ALA A 1 80  ? 10.821  2.253   -1.995  1.00 24.64  ? 94  ALA A C   1 
ATOM   638  O O   . ALA A 1 80  ? 10.767  3.386   -1.517  1.00 26.22  ? 94  ALA A O   1 
ATOM   639  C CB  . ALA A 1 80  ? 9.070   0.606   -1.310  1.00 23.86  ? 94  ALA A CB  1 
ATOM   640  N N   . GLN A 1 81  ? 11.938  1.596   -2.188  1.00 25.29  ? 95  GLN A N   1 
ATOM   641  C CA  . GLN A 1 81  ? 13.257  2.227   -1.881  1.00 26.96  ? 95  GLN A CA  1 
ATOM   642  C C   . GLN A 1 81  ? 13.462  3.483   -2.746  1.00 28.26  ? 95  GLN A C   1 
ATOM   643  O O   . GLN A 1 81  ? 13.741  4.591   -2.249  1.00 26.30  ? 95  GLN A O   1 
ATOM   644  C CB  . GLN A 1 81  ? 14.399  1.260   -2.057  1.00 27.53  ? 95  GLN A CB  1 
ATOM   645  C CG  . GLN A 1 81  ? 15.739  1.839   -1.545  1.00 31.49  ? 95  GLN A CG  1 
ATOM   646  C CD  . GLN A 1 81  ? 16.847  0.812   -1.302  1.00 34.12  ? 95  GLN A CD  1 
ATOM   647  O OE1 . GLN A 1 81  ? 16.676  -0.393  -1.451  1.00 40.35  ? 95  GLN A OE1 1 
ATOM   648  N NE2 . GLN A 1 81  ? 18.012  1.311   -0.898  1.00 43.47  ? 95  GLN A NE2 1 
ATOM   649  N N   . GLU A 1 82  ? 13.239  3.322   -4.041  1.00 27.41  ? 96  GLU A N   1 
ATOM   650  C CA  . GLU A 1 82  ? 13.345  4.436   -4.984  1.00 27.84  ? 96  GLU A CA  1 
ATOM   651  C C   . GLU A 1 82  ? 12.424  5.609   -4.662  1.00 27.86  ? 96  GLU A C   1 
ATOM   652  O O   . GLU A 1 82  ? 12.821  6.777   -4.755  1.00 27.65  ? 96  GLU A O   1 
ATOM   653  C CB  . GLU A 1 82  ? 13.102  3.901   -6.428  1.00 32.75  ? 96  GLU A CB  1 
ATOM   654  C CG  . GLU A 1 82  ? 12.965  4.987   -7.481  1.00 40.42  ? 96  GLU A CG  1 
ATOM   655  C CD  . GLU A 1 82  ? 14.242  5.763   -7.691  1.00 52.02  ? 96  GLU A CD  1 
ATOM   656  O OE1 . GLU A 1 82  ? 15.329  5.217   -7.376  1.00 58.26  ? 96  GLU A OE1 1 
ATOM   657  O OE2 . GLU A 1 82  ? 14.155  6.911   -8.195  1.00 64.38  ? 96  GLU A OE2 1 
ATOM   658  N N   . GLU A 1 83  ? 11.183  5.346   -4.277  1.00 23.76  ? 97  GLU A N   1 
ATOM   659  C CA  . GLU A 1 83  ? 10.210  6.377   -4.038  1.00 25.35  ? 97  GLU A CA  1 
ATOM   660  C C   . GLU A 1 83  ? 10.305  7.056   -2.681  1.00 26.38  ? 97  GLU A C   1 
ATOM   661  O O   . GLU A 1 83  ? 10.075  8.250   -2.596  1.00 27.24  ? 97  GLU A O   1 
ATOM   662  C CB  . GLU A 1 83  ? 8.791   5.809   -4.263  1.00 26.28  ? 97  GLU A CB  1 
ATOM   663  C CG  . GLU A 1 83  ? 8.609   5.457   -5.752  1.00 27.21  ? 97  GLU A CG  1 
ATOM   664  C CD  . GLU A 1 83  ? 7.614   4.348   -6.094  1.00 33.79  ? 97  GLU A CD  1 
ATOM   665  O OE1 . GLU A 1 83  ? 6.969   3.823   -5.173  1.00 32.77  ? 97  GLU A OE1 1 
ATOM   666  O OE2 . GLU A 1 83  ? 7.541   4.000   -7.322  1.00 33.68  ? 97  GLU A OE2 1 
ATOM   667  N N   . VAL A 1 84  ? 10.522  6.279   -1.624  1.00 27.17  ? 98  VAL A N   1 
ATOM   668  C CA  . VAL A 1 84  ? 10.462  6.826   -0.249  1.00 27.65  ? 98  VAL A CA  1 
ATOM   669  C C   . VAL A 1 84  ? 11.668  6.490   0.644   1.00 27.45  ? 98  VAL A C   1 
ATOM   670  O O   . VAL A 1 84  ? 11.661  6.825   1.839   1.00 29.86  ? 98  VAL A O   1 
ATOM   671  C CB  . VAL A 1 84  ? 9.142   6.431   0.450   1.00 25.87  ? 98  VAL A CB  1 
ATOM   672  C CG1 . VAL A 1 84  ? 7.936   6.850   -0.383  1.00 26.73  ? 98  VAL A CG1 1 
ATOM   673  C CG2 . VAL A 1 84  ? 9.093   4.932   0.730   1.00 27.14  ? 98  VAL A CG2 1 
ATOM   674  N N   . GLY A 1 85  ? 12.676  5.839   0.086   1.00 25.72  ? 99  GLY A N   1 
ATOM   675  C CA  . GLY A 1 85  ? 13.916  5.519   0.797   1.00 28.12  ? 99  GLY A CA  1 
ATOM   676  C C   . GLY A 1 85  ? 13.848  4.334   1.719   1.00 29.21  ? 99  GLY A C   1 
ATOM   677  O O   . GLY A 1 85  ? 14.795  4.058   2.476   1.00 29.75  ? 99  GLY A O   1 
ATOM   678  N N   . LEU A 1 86  ? 12.752  3.572   1.642   1.00 26.96  ? 100 LEU A N   1 
ATOM   679  C CA  . LEU A 1 86  ? 12.636  2.351   2.439   1.00 25.67  ? 100 LEU A CA  1 
ATOM   680  C C   . LEU A 1 86  ? 13.634  1.300   2.036   1.00 26.88  ? 100 LEU A C   1 
ATOM   681  O O   . LEU A 1 86  ? 13.613  0.770   0.904   1.00 28.33  ? 100 LEU A O   1 
ATOM   682  C CB  . LEU A 1 86  ? 11.174  1.838   2.286   1.00 26.87  ? 100 LEU A CB  1 
ATOM   683  C CG  . LEU A 1 86  ? 10.856  0.587   3.085   1.00 26.92  ? 100 LEU A CG  1 
ATOM   684  C CD1 . LEU A 1 86  ? 10.745  0.878   4.596   1.00 27.20  ? 100 LEU A CD1 1 
ATOM   685  C CD2 . LEU A 1 86  ? 9.581   -0.083  2.548   1.00 28.29  ? 100 LEU A CD2 1 
ATOM   686  N N   . ARG A 1 87  ? 14.509  0.908   2.955   1.00 26.95  ? 101 ARG A N   1 
ATOM   687  C CA  . ARG A 1 87  ? 15.534  -0.078  2.695   1.00 30.65  ? 101 ARG A CA  1 
ATOM   688  C C   . ARG A 1 87  ? 15.024  -1.495  3.034   1.00 33.46  ? 101 ARG A C   1 
ATOM   689  O O   . ARG A 1 87  ? 14.121  -1.643  3.854   1.00 29.10  ? 101 ARG A O   1 
ATOM   690  C CB  . ARG A 1 87  ? 16.815  0.275   3.456   1.00 37.51  ? 101 ARG A CB  1 
ATOM   691  C CG  . ARG A 1 87  ? 17.462  1.551   2.904   1.00 41.45  ? 101 ARG A CG  1 
ATOM   692  C CD  . ARG A 1 87  ? 18.329  2.269   3.917   1.00 51.74  ? 101 ARG A CD  1 
ATOM   693  N NE  . ARG A 1 87  ? 19.581  1.550   4.173   1.00 61.06  ? 101 ARG A NE  1 
ATOM   694  C CZ  . ARG A 1 87  ? 20.458  1.832   5.149   1.00 68.06  ? 101 ARG A CZ  1 
ATOM   695  N NH1 . ARG A 1 87  ? 20.243  2.832   6.009   1.00 69.73  ? 101 ARG A NH1 1 
ATOM   696  N NH2 . ARG A 1 87  ? 21.567  1.092   5.271   1.00 67.42  ? 101 ARG A NH2 1 
HETATM 697  N N   . HYP A 1 88  ? 15.557  -2.536  2.373   1.00 40.22  ? 102 HYP A N   1 
HETATM 698  C CA  . HYP A 1 88  ? 14.982  -3.862  2.626   1.00 39.83  ? 102 HYP A CA  1 
HETATM 699  C C   . HYP A 1 88  ? 15.041  -4.379  4.023   1.00 36.52  ? 102 HYP A C   1 
HETATM 700  O O   . HYP A 1 88  ? 14.085  -5.049  4.427   1.00 37.41  ? 102 HYP A O   1 
HETATM 701  C CB  . HYP A 1 88  ? 15.633  -4.819  1.627   1.00 44.55  ? 102 HYP A CB  1 
HETATM 702  C CG  . HYP A 1 88  ? 15.966  -3.886  0.472   1.00 47.06  ? 102 HYP A CG  1 
HETATM 703  C CD  . HYP A 1 88  ? 16.345  -2.560  1.131   1.00 44.98  ? 102 HYP A CD  1 
HETATM 704  O OD1 . HYP A 1 88  ? 14.789  -3.664  -0.318  1.00 52.58  ? 102 HYP A OD1 1 
ATOM   705  N N   . HIS A 1 89  ? 16.079  -4.040  4.792   1.00 32.63  ? 103 HIS A N   1 
ATOM   706  C CA  . HIS A 1 89  ? 16.128  -4.422  6.200   1.00 33.55  ? 103 HIS A CA  1 
ATOM   707  C C   . HIS A 1 89  ? 15.022  -3.763  7.014   1.00 28.13  ? 103 HIS A C   1 
ATOM   708  O O   . HIS A 1 89  ? 14.819  -4.144  8.159   1.00 28.62  ? 103 HIS A O   1 
ATOM   709  C CB  . HIS A 1 89  ? 17.507  -4.155  6.871   1.00 34.61  ? 103 HIS A CB  1 
ATOM   710  C CG  . HIS A 1 89  ? 17.849  -2.707  7.051   1.00 33.50  ? 103 HIS A CG  1 
ATOM   711  N ND1 . HIS A 1 89  ? 17.578  -2.015  8.209   1.00 33.97  ? 103 HIS A ND1 1 
ATOM   712  C CD2 . HIS A 1 89  ? 18.469  -1.829  6.225   1.00 31.80  ? 103 HIS A CD2 1 
ATOM   713  C CE1 . HIS A 1 89  ? 17.998  -0.768  8.078   1.00 32.76  ? 103 HIS A CE1 1 
ATOM   714  N NE2 . HIS A 1 89  ? 18.544  -0.632  6.884   1.00 34.50  ? 103 HIS A NE2 1 
ATOM   715  N N   . GLN A 1 90  ? 14.367  -2.754  6.450   1.00 26.10  ? 104 GLN A N   1 
ATOM   716  C CA  . GLN A 1 90  ? 13.350  -1.990  7.156   1.00 25.75  ? 104 GLN A CA  1 
ATOM   717  C C   . GLN A 1 90  ? 11.938  -2.471  6.897   1.00 24.88  ? 104 GLN A C   1 
ATOM   718  O O   . GLN A 1 90  ? 10.996  -1.860  7.394   1.00 23.76  ? 104 GLN A O   1 
ATOM   719  C CB  . GLN A 1 90  ? 13.453  -0.517  6.805   1.00 27.52  ? 104 GLN A CB  1 
ATOM   720  C CG  . GLN A 1 90  ? 14.836  0.087   7.075   1.00 28.29  ? 104 GLN A CG  1 
ATOM   721  C CD  . GLN A 1 90  ? 14.845  1.581   6.865   1.00 31.69  ? 104 GLN A CD  1 
ATOM   722  O OE1 . GLN A 1 90  ? 15.069  2.369   7.805   1.00 34.45  ? 104 GLN A OE1 1 
ATOM   723  N NE2 . GLN A 1 90  ? 14.576  1.993   5.661   1.00 25.90  ? 104 GLN A NE2 1 
ATOM   724  N N   . VAL A 1 91  ? 11.802  -3.551  6.119   1.00 24.87  ? 105 VAL A N   1 
ATOM   725  C CA  . VAL A 1 91  ? 10.503  -4.109  5.811   1.00 24.42  ? 105 VAL A CA  1 
ATOM   726  C C   . VAL A 1 91  ? 10.488  -5.641  5.862   1.00 24.93  ? 105 VAL A C   1 
ATOM   727  O O   . VAL A 1 91  ? 11.408  -6.331  5.370   1.00 25.25  ? 105 VAL A O   1 
ATOM   728  C CB  . VAL A 1 91  ? 10.005  -3.571  4.450   1.00 28.20  ? 105 VAL A CB  1 
ATOM   729  C CG1 . VAL A 1 91  ? 11.062  -3.716  3.391   1.00 31.14  ? 105 VAL A CG1 1 
ATOM   730  C CG2 . VAL A 1 91  ? 8.690   -4.244  4.030   1.00 26.74  ? 105 VAL A CG2 1 
ATOM   731  N N   . GLU A 1 92  ? 9.447   -6.161  6.494   1.00 22.11  ? 106 GLU A N   1 
ATOM   732  C CA  . GLU A 1 92  ? 9.179   -7.592  6.505   1.00 25.16  ? 106 GLU A CA  1 
ATOM   733  C C   . GLU A 1 92  ? 7.935   -7.786  5.631   1.00 22.79  ? 106 GLU A C   1 
ATOM   734  O O   . GLU A 1 92  ? 6.861   -7.347  6.013   1.00 22.58  ? 106 GLU A O   1 
ATOM   735  C CB  . GLU A 1 92  ? 8.911   -8.083  7.912   1.00 28.68  ? 106 GLU A CB  1 
ATOM   736  C CG  . GLU A 1 92  ? 8.695   -9.591  7.982   1.00 33.39  ? 106 GLU A CG  1 
ATOM   737  C CD  . GLU A 1 92  ? 8.331   -10.098 9.370   1.00 35.61  ? 106 GLU A CD  1 
ATOM   738  O OE1 . GLU A 1 92  ? 8.137   -9.296  10.315  1.00 41.15  ? 106 GLU A OE1 1 
ATOM   739  O OE2 . GLU A 1 92  ? 8.200   -11.331 9.486   1.00 42.39  ? 106 GLU A OE2 1 
ATOM   740  N N   . VAL A 1 93  ? 8.118   -8.423  4.484   1.00 22.88  ? 107 VAL A N   1 
ATOM   741  C CA  . VAL A 1 93  ? 6.992   -8.756  3.607   1.00 23.19  ? 107 VAL A CA  1 
ATOM   742  C C   . VAL A 1 93  ? 6.314   -9.969  4.216   1.00 24.21  ? 107 VAL A C   1 
ATOM   743  O O   . VAL A 1 93  ? 6.940   -11.003 4.387   1.00 26.32  ? 107 VAL A O   1 
ATOM   744  C CB  . VAL A 1 93  ? 7.452   -9.030  2.177   1.00 25.94  ? 107 VAL A CB  1 
ATOM   745  C CG1 . VAL A 1 93  ? 6.262   -9.426  1.317   1.00 27.07  ? 107 VAL A CG1 1 
ATOM   746  C CG2 . VAL A 1 93  ? 8.172   -7.811  1.645   1.00 27.73  ? 107 VAL A CG2 1 
ATOM   747  N N   . VAL A 1 94  ? 5.039   -9.812  4.541   1.00 24.64  ? 108 VAL A N   1 
ATOM   748  C CA  . VAL A 1 94  ? 4.272   -10.785 5.298   1.00 26.15  ? 108 VAL A CA  1 
ATOM   749  C C   . VAL A 1 94  ? 3.432   -11.628 4.343   1.00 29.16  ? 108 VAL A C   1 
ATOM   750  O O   . VAL A 1 94  ? 3.226   -12.816 4.588   1.00 31.59  ? 108 VAL A O   1 
ATOM   751  C CB  . VAL A 1 94  ? 3.311   -10.066 6.277   1.00 30.12  ? 108 VAL A CB  1 
ATOM   752  C CG1 . VAL A 1 94  ? 2.539   -11.093 7.089   1.00 36.29  ? 108 VAL A CG1 1 
ATOM   753  C CG2 . VAL A 1 94  ? 4.069   -9.126  7.193   1.00 35.25  ? 108 VAL A CG2 1 
HETATM 754  N N   . CSO A 1 95  ? 2.885   -11.000 3.310   1.00 24.20  ? 109 CSO A N   1 
HETATM 755  C CA  . CSO A 1 95  ? 2.076   -11.754 2.355   1.00 27.28  ? 109 CSO A CA  1 
HETATM 756  C CB  . CSO A 1 95  ? 0.780   -12.086 3.016   1.00 28.02  ? 109 CSO A CB  1 
HETATM 757  S SG  . CSO A 1 95  ? -0.187  -10.659 3.263   1.00 32.47  ? 109 CSO A SG  1 
HETATM 758  C C   . CSO A 1 95  ? 1.802   -11.038 1.082   1.00 24.94  ? 109 CSO A C   1 
HETATM 759  O O   . CSO A 1 95  ? 2.065   -9.846  0.918   1.00 24.02  ? 109 CSO A O   1 
HETATM 760  O OD  . CSO A 1 95  ? -1.475  -11.453 2.471   1.00 35.43  ? 109 CSO A OD  1 
ATOM   761  N N   . CYS A 1 96  ? 1.282   -11.817 0.150   1.00 24.02  ? 110 CYS A N   1 
ATOM   762  C CA  . CYS A 1 96  ? 0.842   -11.370 -1.109  1.00 24.53  ? 110 CYS A CA  1 
ATOM   763  C C   . CYS A 1 96  ? -0.685  -11.501 -1.148  1.00 26.36  ? 110 CYS A C   1 
ATOM   764  O O   . CYS A 1 96  ? -1.212  -12.601 -0.976  1.00 27.38  ? 110 CYS A O   1 
ATOM   765  C CB  . CYS A 1 96  ? 1.502   -12.316 -2.116  1.00 34.40  ? 110 CYS A CB  1 
ATOM   766  S SG  . CYS A 1 96  ? 1.071   -12.048 -3.786  1.00 38.06  ? 110 CYS A SG  1 
ATOM   767  N N   . LEU A 1 97  ? -1.378  -10.394 -1.328  1.00 25.38  ? 111 LEU A N   1 
ATOM   768  C CA  . LEU A 1 97  ? -2.818  -10.375 -1.390  1.00 28.04  ? 111 LEU A CA  1 
ATOM   769  C C   . LEU A 1 97  ? -3.271  -10.616 -2.828  1.00 29.33  ? 111 LEU A C   1 
ATOM   770  O O   . LEU A 1 97  ? -2.465  -10.688 -3.767  1.00 26.68  ? 111 LEU A O   1 
ATOM   771  C CB  . LEU A 1 97  ? -3.393  -9.058  -0.883  1.00 28.55  ? 111 LEU A CB  1 
ATOM   772  C CG  . LEU A 1 97  ? -3.238  -8.866  0.619   1.00 30.27  ? 111 LEU A CG  1 
ATOM   773  C CD1 . LEU A 1 97  ? -3.824  -7.538  1.029   1.00 32.73  ? 111 LEU A CD1 1 
ATOM   774  C CD2 . LEU A 1 97  ? -3.879  -9.957  1.436   1.00 31.27  ? 111 LEU A CD2 1 
ATOM   775  N N   . VAL A 1 98  ? -4.580  -10.771 -2.966  1.00 31.70  ? 112 VAL A N   1 
ATOM   776  C CA  . VAL A 1 98  ? -5.169  -10.958 -4.285  1.00 32.96  ? 112 VAL A CA  1 
ATOM   777  C C   . VAL A 1 98  ? -4.703  -9.924  -5.296  1.00 27.94  ? 112 VAL A C   1 
ATOM   778  O O   . VAL A 1 98  ? -4.854  -8.740  -5.111  1.00 29.46  ? 112 VAL A O   1 
ATOM   779  C CB  . VAL A 1 98  ? -6.727  -10.982 -4.243  1.00 38.24  ? 112 VAL A CB  1 
ATOM   780  C CG1 . VAL A 1 98  ? -7.189  -12.290 -3.629  1.00 43.36  ? 112 VAL A CG1 1 
ATOM   781  C CG2 . VAL A 1 98  ? -7.323  -9.767  -3.544  1.00 38.32  ? 112 VAL A CG2 1 
ATOM   782  N N   . PRO A 1 99  ? -4.189  -10.386 -6.441  1.00 27.00  ? 113 PRO A N   1 
ATOM   783  C CA  . PRO A 1 99  ? -3.816  -9.414  -7.453  1.00 25.85  ? 113 PRO A CA  1 
ATOM   784  C C   . PRO A 1 99  ? -4.969  -8.716  -8.115  1.00 25.85  ? 113 PRO A C   1 
ATOM   785  O O   . PRO A 1 99  ? -6.135  -9.269  -8.083  1.00 28.28  ? 113 PRO A O   1 
ATOM   786  C CB  . PRO A 1 99  ? -3.045  -10.251 -8.473  1.00 27.68  ? 113 PRO A CB  1 
ATOM   787  C CG  . PRO A 1 99  ? -3.683  -11.560 -8.392  1.00 31.74  ? 113 PRO A CG  1 
ATOM   788  C CD  . PRO A 1 99  ? -3.952  -11.747 -6.898  1.00 29.98  ? 113 PRO A CD  1 
ATOM   789  N N   A CYS A 1 100 ? -4.693  -7.560  -8.698  0.21 19.35  ? 114 CYS A N   1 
ATOM   790  N N   B CYS A 1 100 ? -4.690  -7.547  -8.679  0.18 21.30  ? 114 CYS A N   1 
ATOM   791  C CA  A CYS A 1 100 ? -5.681  -6.694  -9.310  0.21 19.21  ? 114 CYS A CA  1 
ATOM   792  C CA  B CYS A 1 100 ? -5.662  -6.700  -9.346  0.18 21.83  ? 114 CYS A CA  1 
ATOM   793  C C   A CYS A 1 100 ? -5.447  -6.725  -10.837 0.21 19.55  ? 114 CYS A C   1 
ATOM   794  C C   B CYS A 1 100 ? -5.423  -6.786  -10.848 0.18 21.21  ? 114 CYS A C   1 
ATOM   795  O O   A CYS A 1 100 ? -4.354  -6.440  -11.309 0.21 15.89  ? 114 CYS A O   1 
ATOM   796  O O   B CYS A 1 100 ? -4.311  -6.575  -11.315 0.18 17.50  ? 114 CYS A O   1 
ATOM   797  C CB  A CYS A 1 100 ? -5.530  -5.273  -8.710  0.21 18.06  ? 114 CYS A CB  1 
ATOM   798  C CB  B CYS A 1 100 ? -5.469  -5.248  -8.892  0.18 21.80  ? 114 CYS A CB  1 
ATOM   799  S SG  A CYS A 1 100 ? -5.537  -5.263  -6.862  0.21 19.10  ? 114 CYS A SG  1 
ATOM   800  S SG  B CYS A 1 100 ? -6.521  -4.055  -9.731  0.18 27.23  ? 114 CYS A SG  1 
ATOM   801  N N   . LEU A 1 101 ? -6.468  -7.122  -11.595 1.00 24.47  ? 115 LEU A N   1 
ATOM   802  C CA  . LEU A 1 101 ? -6.415  -7.142  -13.069 1.00 25.98  ? 115 LEU A CA  1 
ATOM   803  C C   . LEU A 1 101 ? -6.868  -5.825  -13.634 1.00 26.68  ? 115 LEU A C   1 
ATOM   804  O O   . LEU A 1 101 ? -7.954  -5.365  -13.304 1.00 29.22  ? 115 LEU A O   1 
ATOM   805  C CB  . LEU A 1 101 ? -7.352  -8.220  -13.641 1.00 28.90  ? 115 LEU A CB  1 
ATOM   806  C CG  . LEU A 1 101 ? -7.126  -9.653  -13.188 1.00 32.46  ? 115 LEU A CG  1 
ATOM   807  C CD1 . LEU A 1 101 ? -8.184  -10.586 -13.778 1.00 34.07  ? 115 LEU A CD1 1 
ATOM   808  C CD2 . LEU A 1 101 ? -5.732  -10.099 -13.602 1.00 37.25  ? 115 LEU A CD2 1 
ATOM   809  N N   . ILE A 1 102 ? -6.067  -5.213  -14.518 1.00 28.13  ? 116 ILE A N   1 
ATOM   810  C CA  . ILE A 1 102 ? -6.517  -4.007  -15.208 1.00 29.47  ? 116 ILE A CA  1 
ATOM   811  C C   . ILE A 1 102 ? -6.121  -3.984  -16.667 1.00 28.69  ? 116 ILE A C   1 
ATOM   812  O O   . ILE A 1 102 ? -5.156  -4.633  -17.066 1.00 28.53  ? 116 ILE A O   1 
ATOM   813  C CB  . ILE A 1 102 ? -6.046  -2.707  -14.512 1.00 37.03  ? 116 ILE A CB  1 
ATOM   814  C CG1 . ILE A 1 102 ? -4.530  -2.637  -14.449 1.00 36.41  ? 116 ILE A CG1 1 
ATOM   815  C CG2 . ILE A 1 102 ? -6.620  -2.583  -13.103 1.00 40.80  ? 116 ILE A CG2 1 
ATOM   816  C CD1 . ILE A 1 102 ? -4.036  -1.221  -14.209 1.00 44.03  ? 116 ILE A CD1 1 
ATOM   817  N N   . ASP A 1 103 ? -6.910  -3.262  -17.456 1.00 31.47  ? 117 ASP A N   1 
ATOM   818  C CA  . ASP A 1 103 ? -6.627  -2.943  -18.860 1.00 34.40  ? 117 ASP A CA  1 
ATOM   819  C C   . ASP A 1 103 ? -6.502  -4.140  -19.785 1.00 32.08  ? 117 ASP A C   1 
ATOM   820  O O   . ASP A 1 103 ? -5.967  -4.001  -20.862 1.00 32.10  ? 117 ASP A O   1 
ATOM   821  C CB  . ASP A 1 103 ? -5.356  -2.071  -18.981 1.00 38.28  ? 117 ASP A CB  1 
ATOM   822  C CG  . ASP A 1 103 ? -5.522  -0.702  -18.332 1.00 49.67  ? 117 ASP A CG  1 
ATOM   823  O OD1 . ASP A 1 103 ? -6.663  -0.201  -18.315 1.00 57.04  ? 117 ASP A OD1 1 
ATOM   824  O OD2 . ASP A 1 103 ? -4.511  -0.127  -17.846 1.00 54.19  ? 117 ASP A OD2 1 
ATOM   825  N N   . THR A 1 104 ? -6.982  -5.304  -19.336 1.00 27.90  ? 118 THR A N   1 
ATOM   826  C CA  . THR A 1 104 ? -6.933  -6.579  -20.053 1.00 28.99  ? 118 THR A CA  1 
ATOM   827  C C   . THR A 1 104 ? -5.563  -7.235  -20.145 1.00 29.11  ? 118 THR A C   1 
ATOM   828  O O   . THR A 1 104 ? -5.488  -8.424  -20.407 1.00 30.86  ? 118 THR A O   1 
ATOM   829  C CB  . THR A 1 104 ? -7.566  -6.508  -21.481 1.00 30.46  ? 118 THR A CB  1 
ATOM   830  O OG1 . THR A 1 104 ? -6.699  -5.845  -22.390 1.00 31.71  ? 118 THR A OG1 1 
ATOM   831  C CG2 . THR A 1 104 ? -8.901  -5.801  -21.460 1.00 32.54  ? 118 THR A CG2 1 
ATOM   832  N N   . ASP A 1 105 ? -4.475  -6.495  -19.919 1.00 27.13  ? 119 ASP A N   1 
ATOM   833  C CA  . ASP A 1 105 ? -3.132  -7.028  -20.095 1.00 27.22  ? 119 ASP A CA  1 
ATOM   834  C C   . ASP A 1 105 ? -2.167  -6.775  -18.899 1.00 25.04  ? 119 ASP A C   1 
ATOM   835  O O   . ASP A 1 105 ? -0.981  -7.066  -19.014 1.00 24.13  ? 119 ASP A O   1 
ATOM   836  C CB  . ASP A 1 105 ? -2.490  -6.406  -21.344 1.00 30.67  ? 119 ASP A CB  1 
ATOM   837  C CG  . ASP A 1 105 ? -2.379  -4.885  -21.254 1.00 34.43  ? 119 ASP A CG  1 
ATOM   838  O OD1 . ASP A 1 105 ? -2.576  -4.287  -20.157 1.00 31.45  ? 119 ASP A OD1 1 
ATOM   839  O OD2 . ASP A 1 105 ? -2.144  -4.248  -22.305 1.00 41.05  ? 119 ASP A OD2 1 
ATOM   840  N N   . THR A 1 106 ? -2.704  -6.346  -17.771 1.00 24.59  ? 120 THR A N   1 
ATOM   841  C CA  . THR A 1 106 ? -1.872  -5.912  -16.648 1.00 25.40  ? 120 THR A CA  1 
ATOM   842  C C   . THR A 1 106 ? -2.357  -6.576  -15.369 1.00 25.44  ? 120 THR A C   1 
ATOM   843  O O   . THR A 1 106 ? -3.584  -6.760  -15.151 1.00 26.32  ? 120 THR A O   1 
ATOM   844  C CB  . THR A 1 106 ? -1.906  -4.381  -16.555 1.00 28.10  ? 120 THR A CB  1 
ATOM   845  O OG1 . THR A 1 106 ? -1.362  -3.846  -17.763 1.00 28.28  ? 120 THR A OG1 1 
ATOM   846  C CG2 . THR A 1 106 ? -1.068  -3.882  -15.347 1.00 28.25  ? 120 THR A CG2 1 
ATOM   847  N N   . LEU A 1 107 ? -1.389  -6.994  -14.563 1.00 24.02  ? 121 LEU A N   1 
ATOM   848  C CA  . LEU A 1 107 ? -1.679  -7.594  -13.287 1.00 22.24  ? 121 LEU A CA  1 
ATOM   849  C C   . LEU A 1 107 ? -0.841  -6.883  -12.233 1.00 24.91  ? 121 LEU A C   1 
ATOM   850  O O   . LEU A 1 107 ? 0.374   -6.792  -12.371 1.00 22.70  ? 121 LEU A O   1 
ATOM   851  C CB  . LEU A 1 107 ? -1.342  -9.063  -13.348 1.00 24.62  ? 121 LEU A CB  1 
ATOM   852  C CG  . LEU A 1 107 ? -1.782  -9.909  -12.144 1.00 27.86  ? 121 LEU A CG  1 
ATOM   853  C CD1 . LEU A 1 107 ? -2.097  -11.341 -12.560 1.00 33.89  ? 121 LEU A CD1 1 
ATOM   854  C CD2 . LEU A 1 107 ? -0.711  -9.962  -11.089 1.00 31.43  ? 121 LEU A CD2 1 
ATOM   855  N N   . ILE A 1 108 ? -1.504  -6.373  -11.214 1.00 22.08  ? 122 ILE A N   1 
ATOM   856  C CA  . ILE A 1 108 ? -0.846  -5.640  -10.130 1.00 22.88  ? 122 ILE A CA  1 
ATOM   857  C C   . ILE A 1 108 ? -0.906  -6.520  -8.888  1.00 23.72  ? 122 ILE A C   1 
ATOM   858  O O   . ILE A 1 108 ? -2.000  -6.867  -8.423  1.00 23.70  ? 122 ILE A O   1 
ATOM   859  C CB  . ILE A 1 108 ? -1.531  -4.299  -9.894  1.00 24.89  ? 122 ILE A CB  1 
ATOM   860  C CG1 . ILE A 1 108 ? -1.553  -3.429  -11.180 1.00 28.45  ? 122 ILE A CG1 1 
ATOM   861  C CG2 . ILE A 1 108 ? -0.850  -3.550  -8.735  1.00 27.64  ? 122 ILE A CG2 1 
ATOM   862  C CD1 . ILE A 1 108 ? -2.601  -2.352  -11.111 1.00 34.72  ? 122 ILE A CD1 1 
ATOM   863  N N   . THR A 1 109 ? 0.244   -6.858  -8.334  1.00 20.38  ? 123 THR A N   1 
ATOM   864  C CA  . THR A 1 109 ? 0.339   -7.746  -7.199  1.00 21.18  ? 123 THR A CA  1 
ATOM   865  C C   . THR A 1 109 ? 0.663   -6.929  -5.938  1.00 22.40  ? 123 THR A C   1 
ATOM   866  O O   . THR A 1 109 ? 1.693   -6.300  -5.893  1.00 20.83  ? 123 THR A O   1 
ATOM   867  C CB  . THR A 1 109 ? 1.413   -8.802  -7.387  1.00 24.71  ? 123 THR A CB  1 
ATOM   868  O OG1 . THR A 1 109 ? 1.126   -9.536  -8.591  1.00 25.22  ? 123 THR A OG1 1 
ATOM   869  C CG2 . THR A 1 109 ? 1.446   -9.772  -6.258  1.00 27.17  ? 123 THR A CG2 1 
ATOM   870  N N   . PRO A 1 110 ? -0.226  -6.968  -4.944  1.00 21.65  ? 124 PRO A N   1 
ATOM   871  C CA  . PRO A 1 110 ? -0.018  -6.226  -3.675  1.00 20.87  ? 124 PRO A CA  1 
ATOM   872  C C   . PRO A 1 110 ? 0.623   -7.093  -2.623  1.00 21.96  ? 124 PRO A C   1 
ATOM   873  O O   . PRO A 1 110 ? 0.238   -8.265  -2.403  1.00 24.35  ? 124 PRO A O   1 
ATOM   874  C CB  . PRO A 1 110 ? -1.423  -5.793  -3.291  1.00 22.93  ? 124 PRO A CB  1 
ATOM   875  C CG  . PRO A 1 110 ? -2.336  -6.708  -4.006  1.00 25.51  ? 124 PRO A CG  1 
ATOM   876  C CD  . PRO A 1 110 ? -1.603  -7.463  -5.049  1.00 22.61  ? 124 PRO A CD  1 
ATOM   877  N N   . PHE A 1 111 ? 1.635   -6.537  -1.950  1.00 19.30  ? 125 PHE A N   1 
ATOM   878  C CA  . PHE A 1 111 ? 2.297   -7.184  -0.857  1.00 19.51  ? 125 PHE A CA  1 
ATOM   879  C C   . PHE A 1 111 ? 2.118   -6.344  0.389   1.00 20.56  ? 125 PHE A C   1 
ATOM   880  O O   . PHE A 1 111 ? 2.216   -5.129  0.306   1.00 21.28  ? 125 PHE A O   1 
ATOM   881  C CB  . PHE A 1 111 ? 3.790   -7.286  -1.150  1.00 20.14  ? 125 PHE A CB  1 
ATOM   882  C CG  . PHE A 1 111 ? 4.097   -8.269  -2.248  1.00 20.85  ? 125 PHE A CG  1 
ATOM   883  C CD1 . PHE A 1 111 ? 4.101   -7.844  -3.546  1.00 21.50  ? 125 PHE A CD1 1 
ATOM   884  C CD2 . PHE A 1 111 ? 4.302   -9.595  -1.965  1.00 21.89  ? 125 PHE A CD2 1 
ATOM   885  C CE1 . PHE A 1 111 ? 4.318   -8.751  -4.583  1.00 22.47  ? 125 PHE A CE1 1 
ATOM   886  C CE2 . PHE A 1 111 ? 4.537   -10.511 -2.995  1.00 23.44  ? 125 PHE A CE2 1 
ATOM   887  C CZ  . PHE A 1 111 ? 4.536   -10.064 -4.297  1.00 20.96  ? 125 PHE A CZ  1 
ATOM   888  N N   . VAL A 1 112 ? 1.822   -6.975  1.519   1.00 19.84  ? 126 VAL A N   1 
ATOM   889  C CA  . VAL A 1 112 ? 1.742   -6.249  2.762   1.00 20.25  ? 126 VAL A CA  1 
ATOM   890  C C   . VAL A 1 112 ? 3.100   -6.390  3.445   1.00 19.84  ? 126 VAL A C   1 
ATOM   891  O O   . VAL A 1 112 ? 3.604   -7.495  3.624   1.00 21.74  ? 126 VAL A O   1 
ATOM   892  C CB  . VAL A 1 112 ? 0.627   -6.740  3.666   1.00 20.96  ? 126 VAL A CB  1 
ATOM   893  C CG1 . VAL A 1 112 ? 0.531   -5.862  4.929   1.00 23.39  ? 126 VAL A CG1 1 
ATOM   894  C CG2 . VAL A 1 112 ? -0.698  -6.727  2.900   1.00 20.84  ? 126 VAL A CG2 1 
ATOM   895  N N   . GLY A 1 113 ? 3.630   -5.255  3.892   1.00 20.44  ? 127 GLY A N   1 
ATOM   896  C CA  . GLY A 1 113 ? 4.914   -5.222  4.581   1.00 21.69  ? 127 GLY A CA  1 
ATOM   897  C C   . GLY A 1 113 ? 4.794   -4.547  5.927   1.00 22.32  ? 127 GLY A C   1 
ATOM   898  O O   . GLY A 1 113 ? 4.115   -3.552  6.046   1.00 22.80  ? 127 GLY A O   1 
ATOM   899  N N   . LEU A 1 114 ? 5.449   -5.099  6.937   1.00 21.64  ? 128 LEU A N   1 
ATOM   900  C CA  . LEU A 1 114 ? 5.532   -4.455  8.240   1.00 23.75  ? 128 LEU A CA  1 
ATOM   901  C C   . LEU A 1 114 ? 6.793   -3.598  8.220   1.00 22.75  ? 128 LEU A C   1 
ATOM   902  O O   . LEU A 1 114 ? 7.867   -4.110  7.873   1.00 23.81  ? 128 LEU A O   1 
ATOM   903  C CB  . LEU A 1 114 ? 5.686   -5.480  9.345   1.00 30.53  ? 128 LEU A CB  1 
ATOM   904  C CG  . LEU A 1 114 ? 4.635   -6.541  9.623   1.00 37.38  ? 128 LEU A CG  1 
ATOM   905  C CD1 . LEU A 1 114 ? 4.831   -7.008  11.064  1.00 42.02  ? 128 LEU A CD1 1 
ATOM   906  C CD2 . LEU A 1 114 ? 3.229   -6.005  9.440   1.00 39.23  ? 128 LEU A CD2 1 
ATOM   907  N N   . ILE A 1 115 ? 6.652   -2.333  8.601   1.00 22.48  ? 129 ILE A N   1 
ATOM   908  C CA  . ILE A 1 115 ? 7.720   -1.332  8.445   1.00 21.41  ? 129 ILE A CA  1 
ATOM   909  C C   . ILE A 1 115 ? 8.382   -1.120  9.801   1.00 23.56  ? 129 ILE A C   1 
ATOM   910  O O   . ILE A 1 115 ? 7.682   -0.996  10.808  1.00 23.83  ? 129 ILE A O   1 
ATOM   911  C CB  . ILE A 1 115 ? 7.141   -0.022  7.915   1.00 21.83  ? 129 ILE A CB  1 
ATOM   912  C CG1 . ILE A 1 115 ? 6.455   -0.271  6.554   1.00 24.48  ? 129 ILE A CG1 1 
ATOM   913  C CG2 . ILE A 1 115 ? 8.198   1.058   7.830   1.00 24.56  ? 129 ILE A CG2 1 
ATOM   914  C CD1 . ILE A 1 115 ? 7.315   -0.937  5.510   1.00 24.94  ? 129 ILE A CD1 1 
ATOM   915  N N   . ASP A 1 116 ? 9.701   -1.063  9.796   1.00 23.02  ? 130 ASP A N   1 
ATOM   916  C CA  . ASP A 1 116 ? 10.466  -0.820  11.011  1.00 25.20  ? 130 ASP A CA  1 
ATOM   917  C C   . ASP A 1 116 ? 10.101  0.496   11.671  1.00 25.15  ? 130 ASP A C   1 
ATOM   918  O O   . ASP A 1 116 ? 9.886   1.518   11.020  1.00 23.42  ? 130 ASP A O   1 
ATOM   919  C CB  . ASP A 1 116 ? 11.952  -0.831  10.703  1.00 28.72  ? 130 ASP A CB  1 
ATOM   920  C CG  . ASP A 1 116 ? 12.777  -0.827  11.986  1.00 32.83  ? 130 ASP A CG  1 
ATOM   921  O OD1 . ASP A 1 116 ? 12.938  -1.896  12.606  1.00 41.46  ? 130 ASP A OD1 1 
ATOM   922  O OD2 . ASP A 1 116 ? 13.173  0.271   12.373  1.00 29.46  ? 130 ASP A OD2 1 
ATOM   923  N N   . HIS A 1 117 ? 10.039  0.493   13.003  1.00 26.64  ? 131 HIS A N   1 
ATOM   924  C CA  . HIS A 1 117 ? 9.693   1.736   13.723  1.00 28.06  ? 131 HIS A CA  1 
ATOM   925  C C   . HIS A 1 117 ? 10.735  2.855   13.571  1.00 25.81  ? 131 HIS A C   1 
ATOM   926  O O   . HIS A 1 117 ? 10.400  3.994   13.788  1.00 31.57  ? 131 HIS A O   1 
ATOM   927  C CB  . HIS A 1 117 ? 9.332   1.446   15.193  1.00 29.57  ? 131 HIS A CB  1 
ATOM   928  C CG  . HIS A 1 117 ? 10.517  1.135   16.052  1.00 33.74  ? 131 HIS A CG  1 
ATOM   929  N ND1 . HIS A 1 117 ? 11.392  0.101   15.786  1.00 34.54  ? 131 HIS A ND1 1 
ATOM   930  C CD2 . HIS A 1 117 ? 10.976  1.733   17.176  1.00 35.40  ? 131 HIS A CD2 1 
ATOM   931  C CE1 . HIS A 1 117 ? 12.349  0.093   16.697  1.00 31.35  ? 131 HIS A CE1 1 
ATOM   932  N NE2 . HIS A 1 117 ? 12.117  1.062   17.557  1.00 38.64  ? 131 HIS A NE2 1 
ATOM   933  N N   . ASN A 1 118 ? 11.970  2.582   13.156  1.00 29.24  ? 132 ASN A N   1 
ATOM   934  C CA  . ASN A 1 118 ? 12.949  3.660   12.935  1.00 30.31  ? 132 ASN A CA  1 
ATOM   935  C C   . ASN A 1 118 ? 12.999  4.165   11.491  1.00 33.79  ? 132 ASN A C   1 
ATOM   936  O O   . ASN A 1 118 ? 13.826  5.022   11.148  1.00 33.45  ? 132 ASN A O   1 
ATOM   937  C CB  . ASN A 1 118 ? 14.346  3.232   13.387  1.00 31.47  ? 132 ASN A CB  1 
ATOM   938  C CG  . ASN A 1 118 ? 14.430  3.124   14.897  1.00 31.68  ? 132 ASN A CG  1 
ATOM   939  O OD1 . ASN A 1 118 ? 14.864  2.103   15.441  1.00 33.93  ? 132 ASN A OD1 1 
ATOM   940  N ND2 . ASN A 1 118 ? 13.911  4.139   15.569  1.00 31.38  ? 132 ASN A ND2 1 
ATOM   941  N N   . PHE A 1 119 ? 12.109  3.659   10.631  1.00 30.77  ? 133 PHE A N   1 
ATOM   942  C CA  . PHE A 1 119 ? 12.067  4.194   9.276   1.00 28.87  ? 133 PHE A CA  1 
ATOM   943  C C   . PHE A 1 119 ? 11.498  5.605   9.253   1.00 27.32  ? 133 PHE A C   1 
ATOM   944  O O   . PHE A 1 119 ? 10.472  5.893   9.833   1.00 29.28  ? 133 PHE A O   1 
ATOM   945  C CB  . PHE A 1 119 ? 11.221  3.271   8.348   1.00 29.57  ? 133 PHE A CB  1 
ATOM   946  C CG  . PHE A 1 119 ? 10.840  3.909   7.041   1.00 28.53  ? 133 PHE A CG  1 
ATOM   947  C CD1 . PHE A 1 119 ? 11.761  4.044   6.031   1.00 29.94  ? 133 PHE A CD1 1 
ATOM   948  C CD2 . PHE A 1 119 ? 9.554   4.353   6.829   1.00 29.21  ? 133 PHE A CD2 1 
ATOM   949  C CE1 . PHE A 1 119 ? 11.409  4.649   4.824   1.00 29.14  ? 133 PHE A CE1 1 
ATOM   950  C CE2 . PHE A 1 119 ? 9.190   4.923   5.599   1.00 29.55  ? 133 PHE A CE2 1 
ATOM   951  C CZ  . PHE A 1 119 ? 10.123  5.062   4.617   1.00 26.27  ? 133 PHE A CZ  1 
ATOM   952  N N   . GLN A 1 120 ? 12.160  6.477   8.513   1.00 29.95  ? 134 GLN A N   1 
ATOM   953  C CA  . GLN A 1 120 ? 11.615  7.813   8.276   1.00 34.07  ? 134 GLN A CA  1 
ATOM   954  C C   . GLN A 1 120 ? 11.682  8.089   6.789   1.00 29.12  ? 134 GLN A C   1 
ATOM   955  O O   . GLN A 1 120 ? 12.745  7.994   6.181   1.00 29.08  ? 134 GLN A O   1 
ATOM   956  C CB  . GLN A 1 120 ? 12.410  8.837   9.068   1.00 41.78  ? 134 GLN A CB  1 
ATOM   957  C CG  . GLN A 1 120 ? 12.295  8.554   10.563  1.00 48.91  ? 134 GLN A CG  1 
ATOM   958  C CD  . GLN A 1 120 ? 12.455  9.787   11.399  1.00 55.85  ? 134 GLN A CD  1 
ATOM   959  O OE1 . GLN A 1 120 ? 11.466  10.399  11.809  1.00 75.29  ? 134 GLN A OE1 1 
ATOM   960  N NE2 . GLN A 1 120 ? 13.710  10.181  11.641  1.00 71.54  ? 134 GLN A NE2 1 
ATOM   961  N N   . ALA A 1 121 ? 10.533  8.410   6.227   1.00 33.20  ? 135 ALA A N   1 
ATOM   962  C CA  . ALA A 1 121 ? 10.420  8.539   4.779   1.00 34.73  ? 135 ALA A CA  1 
ATOM   963  C C   . ALA A 1 121 ? 11.304  9.661   4.322   1.00 35.94  ? 135 ALA A C   1 
ATOM   964  O O   . ALA A 1 121 ? 11.372  10.711  4.971   1.00 35.47  ? 135 ALA A O   1 
ATOM   965  C CB  . ALA A 1 121 ? 8.995   8.822   4.379   1.00 36.34  ? 135 ALA A CB  1 
ATOM   966  N N   . GLN A 1 122 ? 11.971  9.407   3.209   1.00 34.22  ? 136 GLN A N   1 
ATOM   967  C CA  . GLN A 1 122 ? 12.718  10.399  2.473   1.00 35.95  ? 136 GLN A CA  1 
ATOM   968  C C   . GLN A 1 122 ? 12.081  10.493  1.070   1.00 33.46  ? 136 GLN A C   1 
ATOM   969  O O   . GLN A 1 122 ? 12.562  9.833   0.151   1.00 29.53  ? 136 GLN A O   1 
ATOM   970  C CB  . GLN A 1 122 ? 14.160  9.925   2.383   1.00 38.40  ? 136 GLN A CB  1 
ATOM   971  C CG  . GLN A 1 122 ? 14.802  9.726   3.746   1.00 47.52  ? 136 GLN A CG  1 
ATOM   972  C CD  . GLN A 1 122 ? 16.261  9.381   3.637   1.00 54.01  ? 136 GLN A CD  1 
ATOM   973  O OE1 . GLN A 1 122 ? 16.664  8.252   3.897   1.00 59.39  ? 136 GLN A OE1 1 
ATOM   974  N NE2 . GLN A 1 122 ? 17.069  10.359  3.221   1.00 63.18  ? 136 GLN A NE2 1 
ATOM   975  N N   . PRO A 1 123 ? 11.009  11.283  0.920   1.00 32.64  ? 137 PRO A N   1 
ATOM   976  C CA  . PRO A 1 123 ? 10.320  11.350  -0.373  1.00 34.23  ? 137 PRO A CA  1 
ATOM   977  C C   . PRO A 1 123 ? 11.266  11.752  -1.494  1.00 38.52  ? 137 PRO A C   1 
ATOM   978  O O   . PRO A 1 123 ? 12.014  12.745  -1.364  1.00 36.17  ? 137 PRO A O   1 
ATOM   979  C CB  . PRO A 1 123 ? 9.262   12.416  -0.142  1.00 35.86  ? 137 PRO A CB  1 
ATOM   980  C CG  . PRO A 1 123 ? 9.017   12.402  1.310   1.00 35.91  ? 137 PRO A CG  1 
ATOM   981  C CD  . PRO A 1 123 ? 10.357  12.160  1.901   1.00 35.74  ? 137 PRO A CD  1 
ATOM   982  N N   . ASN A 1 124 ? 11.279  10.957  -2.558  1.00 34.97  ? 138 ASN A N   1 
ATOM   983  C CA  . ASN A 1 124 ? 12.011  11.293  -3.765  1.00 35.15  ? 138 ASN A CA  1 
ATOM   984  C C   . ASN A 1 124 ? 11.139  12.228  -4.655  1.00 32.72  ? 138 ASN A C   1 
ATOM   985  O O   . ASN A 1 124 ? 10.167  11.781  -5.291  1.00 27.71  ? 138 ASN A O   1 
ATOM   986  C CB  . ASN A 1 124 ? 12.417  10.010  -4.474  1.00 35.08  ? 138 ASN A CB  1 
ATOM   987  C CG  . ASN A 1 124 ? 13.011  10.247  -5.847  1.00 36.73  ? 138 ASN A CG  1 
ATOM   988  O OD1 . ASN A 1 124 ? 13.065  11.394  -6.363  1.00 39.80  ? 138 ASN A OD1 1 
ATOM   989  N ND2 . ASN A 1 124 ? 13.456  9.157   -6.470  1.00 39.05  ? 138 ASN A ND2 1 
ATOM   990  N N   . PRO A 1 125 ? 11.468  13.538  -4.706  1.00 31.71  ? 139 PRO A N   1 
ATOM   991  C CA  . PRO A 1 125 ? 10.534  14.477  -5.326  1.00 32.11  ? 139 PRO A CA  1 
ATOM   992  C C   . PRO A 1 125 ? 10.306  14.306  -6.845  1.00 31.96  ? 139 PRO A C   1 
ATOM   993  O O   . PRO A 1 125 ? 9.315   14.816  -7.351  1.00 33.55  ? 139 PRO A O   1 
ATOM   994  C CB  . PRO A 1 125 ? 11.143  15.855  -5.003  1.00 33.42  ? 139 PRO A CB  1 
ATOM   995  C CG  . PRO A 1 125 ? 12.578  15.588  -4.891  1.00 32.70  ? 139 PRO A CG  1 
ATOM   996  C CD  . PRO A 1 125 ? 12.725  14.208  -4.308  1.00 34.94  ? 139 PRO A CD  1 
ATOM   997  N N   . ALA A 1 126 ? 11.163  13.556  -7.525  1.00 33.86  ? 140 ALA A N   1 
ATOM   998  C CA  . ALA A 1 126 ? 10.898  13.210  -8.936  1.00 36.52  ? 140 ALA A CA  1 
ATOM   999  C C   . ALA A 1 126 ? 9.741   12.207  -9.075  1.00 38.99  ? 140 ALA A C   1 
ATOM   1000 O O   . ALA A 1 126 ? 9.198   11.991  -10.168 1.00 36.76  ? 140 ALA A O   1 
ATOM   1001 C CB  . ALA A 1 126 ? 12.155  12.659  -9.583  1.00 38.34  ? 140 ALA A CB  1 
ATOM   1002 N N   . GLU A 1 127 ? 9.375   11.549  -7.982  1.00 34.34  ? 141 GLU A N   1 
ATOM   1003 C CA  . GLU A 1 127 ? 8.287   10.560  -8.034  1.00 33.16  ? 141 GLU A CA  1 
ATOM   1004 C C   . GLU A 1 127 ? 7.170   10.790  -7.063  1.00 32.16  ? 141 GLU A C   1 
ATOM   1005 O O   . GLU A 1 127 ? 6.038   10.446  -7.346  1.00 29.63  ? 141 GLU A O   1 
ATOM   1006 C CB  . GLU A 1 127 ? 8.907   9.213   -7.809  1.00 38.63  ? 141 GLU A CB  1 
ATOM   1007 C CG  . GLU A 1 127 ? 9.729   8.807   -9.036  1.00 44.78  ? 141 GLU A CG  1 
ATOM   1008 C CD  . GLU A 1 127 ? 10.588  7.618   -8.802  1.00 48.56  ? 141 GLU A CD  1 
ATOM   1009 O OE1 . GLU A 1 127 ? 11.068  7.045   -9.803  1.00 57.26  ? 141 GLU A OE1 1 
ATOM   1010 O OE2 . GLU A 1 127 ? 10.811  7.281   -7.630  1.00 50.83  ? 141 GLU A OE2 1 
ATOM   1011 N N   . VAL A 1 128 ? 7.482   11.378  -5.913  1.00 27.86  ? 142 VAL A N   1 
ATOM   1012 C CA  . VAL A 1 128 ? 6.547   11.489  -4.834  1.00 31.14  ? 142 VAL A CA  1 
ATOM   1013 C C   . VAL A 1 128 ? 6.534   12.936  -4.333  1.00 29.16  ? 142 VAL A C   1 
ATOM   1014 O O   . VAL A 1 128 ? 7.587   13.456  -3.966  1.00 31.52  ? 142 VAL A O   1 
ATOM   1015 C CB  . VAL A 1 128 ? 6.996   10.517  -3.707  1.00 33.95  ? 142 VAL A CB  1 
ATOM   1016 C CG1 . VAL A 1 128 ? 6.271   10.787  -2.424  1.00 40.06  ? 142 VAL A CG1 1 
ATOM   1017 C CG2 . VAL A 1 128 ? 6.728   9.080   -4.152  1.00 37.14  ? 142 VAL A CG2 1 
ATOM   1018 N N   . LYS A 1 129 ? 5.344   13.514  -4.267  1.00 31.48  ? 143 LYS A N   1 
ATOM   1019 C CA  . LYS A 1 129 ? 5.113   14.870  -3.768  1.00 35.82  ? 143 LYS A CA  1 
ATOM   1020 C C   . LYS A 1 129 ? 4.924   14.872  -2.259  1.00 34.65  ? 143 LYS A C   1 
ATOM   1021 O O   . LYS A 1 129 ? 5.165   15.885  -1.593  1.00 31.33  ? 143 LYS A O   1 
ATOM   1022 C CB  . LYS A 1 129 ? 3.876   15.480  -4.425  1.00 41.33  ? 143 LYS A CB  1 
ATOM   1023 C CG  . LYS A 1 129 ? 3.536   16.856  -3.896  1.00 49.40  ? 143 LYS A CG  1 
ATOM   1024 C CD  . LYS A 1 129 ? 2.743   17.682  -4.884  1.00 55.43  ? 143 LYS A CD  1 
ATOM   1025 C CE  . LYS A 1 129 ? 1.354   17.133  -5.082  1.00 55.35  ? 143 LYS A CE  1 
ATOM   1026 N NZ  . LYS A 1 129 ? 0.506   18.205  -5.664  1.00 60.49  ? 143 LYS A NZ  1 
ATOM   1027 N N   . ASP A 1 130 ? 4.456   13.759  -1.706  1.00 29.63  ? 144 ASP A N   1 
ATOM   1028 C CA  . ASP A 1 130 ? 4.162   13.715  -0.279  1.00 27.83  ? 144 ASP A CA  1 
ATOM   1029 C C   . ASP A 1 130 ? 4.095   12.241  0.137   1.00 27.13  ? 144 ASP A C   1 
ATOM   1030 O O   . ASP A 1 130 ? 3.940   11.364  -0.712  1.00 26.72  ? 144 ASP A O   1 
ATOM   1031 C CB  . ASP A 1 130 ? 2.828   14.414  -0.040  1.00 28.39  ? 144 ASP A CB  1 
ATOM   1032 C CG  . ASP A 1 130 ? 2.578   14.772  1.414   1.00 29.14  ? 144 ASP A CG  1 
ATOM   1033 O OD1 . ASP A 1 130 ? 3.430   14.508  2.280   1.00 28.64  ? 144 ASP A OD1 1 
ATOM   1034 O OD2 . ASP A 1 130 ? 1.494   15.334  1.672   1.00 32.48  ? 144 ASP A OD2 1 
ATOM   1035 N N   . VAL A 1 131 ? 4.284   12.006  1.420   1.00 26.27  ? 145 VAL A N   1 
ATOM   1036 C CA  . VAL A 1 131 ? 4.136   10.684  2.044   1.00 27.50  ? 145 VAL A CA  1 
ATOM   1037 C C   . VAL A 1 131 ? 3.331   10.954  3.309   1.00 27.87  ? 145 VAL A C   1 
ATOM   1038 O O   . VAL A 1 131 ? 3.565   11.935  4.018   1.00 31.62  ? 145 VAL A O   1 
ATOM   1039 C CB  . VAL A 1 131 ? 5.498   10.026  2.338   1.00 29.52  ? 145 VAL A CB  1 
ATOM   1040 C CG1 . VAL A 1 131 ? 5.327   8.725   3.127   1.00 34.74  ? 145 VAL A CG1 1 
ATOM   1041 C CG2 . VAL A 1 131 ? 6.250   9.763   1.055   1.00 30.82  ? 145 VAL A CG2 1 
ATOM   1042 N N   . PHE A 1 132 ? 2.319   10.152  3.592   1.00 24.87  ? 146 PHE A N   1 
ATOM   1043 C CA  . PHE A 1 132 ? 1.535   10.354  4.786   1.00 23.75  ? 146 PHE A CA  1 
ATOM   1044 C C   . PHE A 1 132 ? 0.993   9.035   5.330   1.00 25.77  ? 146 PHE A C   1 
ATOM   1045 O O   . PHE A 1 132 ? 0.930   8.026   4.590   1.00 25.05  ? 146 PHE A O   1 
ATOM   1046 C CB  . PHE A 1 132 ? 0.391   11.333  4.541   1.00 27.85  ? 146 PHE A CB  1 
ATOM   1047 C CG  . PHE A 1 132 ? -0.635  10.849  3.562   1.00 26.00  ? 146 PHE A CG  1 
ATOM   1048 C CD1 . PHE A 1 132 ? -0.380  10.887  2.210   1.00 29.02  ? 146 PHE A CD1 1 
ATOM   1049 C CD2 . PHE A 1 132 ? -1.847  10.371  3.994   1.00 26.37  ? 146 PHE A CD2 1 
ATOM   1050 C CE1 . PHE A 1 132 ? -1.344  10.465  1.283   1.00 28.72  ? 146 PHE A CE1 1 
ATOM   1051 C CE2 . PHE A 1 132 ? -2.812  9.961   3.080   1.00 27.10  ? 146 PHE A CE2 1 
ATOM   1052 C CZ  . PHE A 1 132 ? -2.561  9.999   1.733   1.00 27.45  ? 146 PHE A CZ  1 
ATOM   1053 N N   . LEU A 1 133 ? 0.646   9.047   6.605   1.00 23.66  ? 147 LEU A N   1 
ATOM   1054 C CA  . LEU A 1 133 ? 0.034   7.890   7.231   1.00 23.97  ? 147 LEU A CA  1 
ATOM   1055 C C   . LEU A 1 133 ? -1.443  8.064   7.402   1.00 25.69  ? 147 LEU A C   1 
ATOM   1056 O O   . LEU A 1 133 ? -1.910  9.174   7.643   1.00 26.43  ? 147 LEU A O   1 
ATOM   1057 C CB  . LEU A 1 133 ? 0.629   7.607   8.600   1.00 25.68  ? 147 LEU A CB  1 
ATOM   1058 C CG  . LEU A 1 133 ? 2.112   7.398   8.673   1.00 25.93  ? 147 LEU A CG  1 
ATOM   1059 C CD1 . LEU A 1 133 ? 2.524   7.246   10.122  1.00 30.08  ? 147 LEU A CD1 1 
ATOM   1060 C CD2 . LEU A 1 133 ? 2.551   6.161   7.899   1.00 27.78  ? 147 LEU A CD2 1 
ATOM   1061 N N   . VAL A 1 134 ? -2.196  6.960   7.340   1.00 22.72  ? 148 VAL A N   1 
ATOM   1062 C CA  . VAL A 1 134 ? -3.602  6.962   7.752   1.00 23.73  ? 148 VAL A CA  1 
ATOM   1063 C C   . VAL A 1 134 ? -3.805  5.813   8.717   1.00 23.77  ? 148 VAL A C   1 
ATOM   1064 O O   . VAL A 1 134 ? -3.385  4.695   8.424   1.00 22.21  ? 148 VAL A O   1 
ATOM   1065 C CB  . VAL A 1 134 ? -4.594  6.766   6.566   1.00 22.99  ? 148 VAL A CB  1 
ATOM   1066 C CG1 . VAL A 1 134 ? -6.036  6.859   7.022   1.00 23.93  ? 148 VAL A CG1 1 
ATOM   1067 C CG2 . VAL A 1 134 ? -4.345  7.769   5.451   1.00 24.22  ? 148 VAL A CG2 1 
ATOM   1068 N N   . PRO A 1 135 ? -4.497  6.047   9.859   1.00 23.17  ? 149 PRO A N   1 
ATOM   1069 C CA  . PRO A 1 135 ? -4.734  4.910   10.728  1.00 22.50  ? 149 PRO A CA  1 
ATOM   1070 C C   . PRO A 1 135 ? -5.578  3.864   9.974   1.00 21.24  ? 149 PRO A C   1 
ATOM   1071 O O   . PRO A 1 135 ? -6.520  4.213   9.299   1.00 21.95  ? 149 PRO A O   1 
ATOM   1072 C CB  . PRO A 1 135 ? -5.531  5.507   11.886  1.00 24.27  ? 149 PRO A CB  1 
ATOM   1073 C CG  . PRO A 1 135 ? -5.244  6.988   11.847  1.00 24.61  ? 149 PRO A CG  1 
ATOM   1074 C CD  . PRO A 1 135 ? -5.089  7.291   10.392  1.00 25.65  ? 149 PRO A CD  1 
ATOM   1075 N N   . LEU A 1 136 ? -5.214  2.615   10.137  1.00 21.56  ? 150 LEU A N   1 
ATOM   1076 C CA  . LEU A 1 136 ? -5.932  1.523   9.481   1.00 22.89  ? 150 LEU A CA  1 
ATOM   1077 C C   . LEU A 1 136 ? -7.407  1.515   9.852   1.00 24.14  ? 150 LEU A C   1 
ATOM   1078 O O   . LEU A 1 136 ? -8.268  1.309   8.996   1.00 23.82  ? 150 LEU A O   1 
ATOM   1079 C CB  . LEU A 1 136 ? -5.234  0.212   9.830   1.00 23.11  ? 150 LEU A CB  1 
ATOM   1080 C CG  . LEU A 1 136 ? -5.631  -1.029  9.094   1.00 24.40  ? 150 LEU A CG  1 
ATOM   1081 C CD1 . LEU A 1 136 ? -5.313  -0.796  7.627   1.00 24.29  ? 150 LEU A CD1 1 
ATOM   1082 C CD2 . LEU A 1 136 ? -4.873  -2.219  9.677   1.00 24.90  ? 150 LEU A CD2 1 
ATOM   1083 N N   . ALA A 1 137 ? -7.736  1.832   11.118  1.00 24.19  ? 151 ALA A N   1 
ATOM   1084 C CA  . ALA A 1 137 ? -9.136  1.866   11.531  1.00 24.35  ? 151 ALA A CA  1 
ATOM   1085 C C   . ALA A 1 137 ? -10.005 2.884   10.783  1.00 24.35  ? 151 ALA A C   1 
ATOM   1086 O O   . ALA A 1 137 ? -11.237 2.686   10.677  1.00 25.05  ? 151 ALA A O   1 
ATOM   1087 C CB  . ALA A 1 137 ? -9.258  2.080   13.037  1.00 26.01  ? 151 ALA A CB  1 
ATOM   1088 N N   . TYR A 1 138 ? -9.405  3.924   10.220  1.00 23.10  ? 152 TYR A N   1 
ATOM   1089 C CA  . TYR A 1 138 ? -10.137 4.902   9.423   1.00 24.97  ? 152 TYR A CA  1 
ATOM   1090 C C   . TYR A 1 138 ? -10.960 4.217   8.319   1.00 24.94  ? 152 TYR A C   1 
ATOM   1091 O O   . TYR A 1 138 ? -12.081 4.630   7.998   1.00 24.77  ? 152 TYR A O   1 
ATOM   1092 C CB  . TYR A 1 138 ? -9.167  5.904   8.791   1.00 24.68  ? 152 TYR A CB  1 
ATOM   1093 C CG  . TYR A 1 138 ? -9.818  6.720   7.723   1.00 25.14  ? 152 TYR A CG  1 
ATOM   1094 C CD1 . TYR A 1 138 ? -10.554 7.860   8.036   1.00 26.08  ? 152 TYR A CD1 1 
ATOM   1095 C CD2 . TYR A 1 138 ? -9.755  6.314   6.389   1.00 25.94  ? 152 TYR A CD2 1 
ATOM   1096 C CE1 . TYR A 1 138 ? -11.200 8.575   7.044   1.00 27.45  ? 152 TYR A CE1 1 
ATOM   1097 C CE2 . TYR A 1 138 ? -10.414 7.025   5.396   1.00 28.24  ? 152 TYR A CE2 1 
ATOM   1098 C CZ  . TYR A 1 138 ? -11.131 8.150   5.735   1.00 26.19  ? 152 TYR A CZ  1 
ATOM   1099 O OH  . TYR A 1 138 ? -11.761 8.852   4.720   1.00 29.92  ? 152 TYR A OH  1 
ATOM   1100 N N   . PHE A 1 139 ? -10.384 3.163   7.749   1.00 24.57  ? 153 PHE A N   1 
ATOM   1101 C CA  . PHE A 1 139 ? -10.988 2.504   6.582   1.00 23.70  ? 153 PHE A CA  1 
ATOM   1102 C C   . PHE A 1 139 ? -12.227 1.686   6.905   1.00 26.89  ? 153 PHE A C   1 
ATOM   1103 O O   . PHE A 1 139 ? -12.931 1.276   5.979   1.00 27.23  ? 153 PHE A O   1 
ATOM   1104 C CB  . PHE A 1 139 ? -9.939  1.740   5.759   1.00 23.26  ? 153 PHE A CB  1 
ATOM   1105 C CG  . PHE A 1 139 ? -8.891  2.659   5.213   1.00 22.87  ? 153 PHE A CG  1 
ATOM   1106 C CD1 . PHE A 1 139 ? -9.152  3.442   4.115   1.00 22.83  ? 153 PHE A CD1 1 
ATOM   1107 C CD2 . PHE A 1 139 ? -7.692  2.811   5.847   1.00 22.17  ? 153 PHE A CD2 1 
ATOM   1108 C CE1 . PHE A 1 139 ? -8.227  4.353   3.653   1.00 21.94  ? 153 PHE A CE1 1 
ATOM   1109 C CE2 . PHE A 1 139 ? -6.755  3.724   5.398   1.00 20.52  ? 153 PHE A CE2 1 
ATOM   1110 C CZ  . PHE A 1 139 ? -7.004  4.471   4.281   1.00 21.32  ? 153 PHE A CZ  1 
ATOM   1111 N N   . LEU A 1 140 ? -12.494 1.508   8.200   1.00 24.67  ? 154 LEU A N   1 
ATOM   1112 C CA  . LEU A 1 140 ? -13.739 0.941   8.678   1.00 27.42  ? 154 LEU A CA  1 
ATOM   1113 C C   . LEU A 1 140 ? -14.866 1.969   8.742   1.00 28.72  ? 154 LEU A C   1 
ATOM   1114 O O   . LEU A 1 140 ? -16.044 1.604   8.716   1.00 29.58  ? 154 LEU A O   1 
ATOM   1115 C CB  . LEU A 1 140 ? -13.532 0.306   10.056  1.00 26.85  ? 154 LEU A CB  1 
ATOM   1116 C CG  . LEU A 1 140 ? -12.463 -0.775  10.123  1.00 28.72  ? 154 LEU A CG  1 
ATOM   1117 C CD1 . LEU A 1 140 ? -12.462 -1.385  11.505  1.00 33.47  ? 154 LEU A CD1 1 
ATOM   1118 C CD2 . LEU A 1 140 ? -12.606 -1.846  9.054   1.00 29.68  ? 154 LEU A CD2 1 
ATOM   1119 N N   . HIS A 1 141 ? -14.524 3.241   8.908   1.00 27.86  ? 155 HIS A N   1 
ATOM   1120 C CA  . HIS A 1 141 ? -15.524 4.313   9.004   1.00 30.35  ? 155 HIS A CA  1 
ATOM   1121 C C   . HIS A 1 141 ? -15.020 5.530   8.277   1.00 29.81  ? 155 HIS A C   1 
ATOM   1122 O O   . HIS A 1 141 ? -14.781 6.583   8.895   1.00 29.78  ? 155 HIS A O   1 
ATOM   1123 C CB  . HIS A 1 141 ? -15.773 4.654   10.463  1.00 31.72  ? 155 HIS A CB  1 
ATOM   1124 C CG  . HIS A 1 141 ? -16.381 3.535   11.221  1.00 33.09  ? 155 HIS A CG  1 
ATOM   1125 N ND1 . HIS A 1 141 ? -17.699 3.160   11.044  1.00 35.66  ? 155 HIS A ND1 1 
ATOM   1126 C CD2 . HIS A 1 141 ? -15.852 2.661   12.103  1.00 34.43  ? 155 HIS A CD2 1 
ATOM   1127 C CE1 . HIS A 1 141 ? -17.964 2.130   11.829  1.00 32.59  ? 155 HIS A CE1 1 
ATOM   1128 N NE2 . HIS A 1 141 ? -16.862 1.798   12.477  1.00 34.16  ? 155 HIS A NE2 1 
ATOM   1129 N N   . PRO A 1 142 ? -14.810 5.375   6.966   1.00 31.36  ? 156 PRO A N   1 
ATOM   1130 C CA  . PRO A 1 142 ? -14.244 6.449   6.174   1.00 33.91  ? 156 PRO A CA  1 
ATOM   1131 C C   . PRO A 1 142 ? -15.242 7.575   5.931   1.00 34.98  ? 156 PRO A C   1 
ATOM   1132 O O   . PRO A 1 142 ? -16.442 7.379   6.090   1.00 36.29  ? 156 PRO A O   1 
ATOM   1133 C CB  . PRO A 1 142 ? -13.899 5.749   4.856   1.00 33.70  ? 156 PRO A CB  1 
ATOM   1134 C CG  . PRO A 1 142 ? -14.931 4.683   4.744   1.00 33.56  ? 156 PRO A CG  1 
ATOM   1135 C CD  . PRO A 1 142 ? -15.163 4.200   6.137   1.00 32.28  ? 156 PRO A CD  1 
ATOM   1136 N N   . GLN A 1 143 ? -14.734 8.731   5.574   1.00 34.10  ? 157 GLN A N   1 
ATOM   1137 C CA  . GLN A 1 143 ? -15.559 9.854   5.160   1.00 39.94  ? 157 GLN A CA  1 
ATOM   1138 C C   . GLN A 1 143 ? -15.665 9.776   3.638   1.00 41.45  ? 157 GLN A C   1 
ATOM   1139 O O   . GLN A 1 143 ? -14.690 10.025  2.928   1.00 35.63  ? 157 GLN A O   1 
ATOM   1140 C CB  . GLN A 1 143 ? -14.968 11.180  5.629   1.00 43.28  ? 157 GLN A CB  1 
ATOM   1141 C CG  . GLN A 1 143 ? -15.888 12.370  5.377   1.00 51.94  ? 157 GLN A CG  1 
ATOM   1142 C CD  . GLN A 1 143 ? -15.293 13.694  5.830   1.00 57.78  ? 157 GLN A CD  1 
ATOM   1143 O OE1 . GLN A 1 143 ? -15.151 13.939  7.030   1.00 65.00  ? 157 GLN A OE1 1 
ATOM   1144 N NE2 . GLN A 1 143 ? -14.942 14.556  4.874   1.00 59.22  ? 157 GLN A NE2 1 
ATOM   1145 N N   . VAL A 1 144 ? -16.851 9.398   3.156   1.00 42.01  ? 158 VAL A N   1 
ATOM   1146 C CA  . VAL A 1 144 ? -17.055 9.050   1.771   1.00 45.20  ? 158 VAL A CA  1 
ATOM   1147 C C   . VAL A 1 144 ? -17.691 10.236  1.074   1.00 47.28  ? 158 VAL A C   1 
ATOM   1148 O O   . VAL A 1 144 ? -18.633 10.820  1.594   1.00 47.71  ? 158 VAL A O   1 
ATOM   1149 C CB  . VAL A 1 144 ? -17.978 7.816   1.630   1.00 48.53  ? 158 VAL A CB  1 
ATOM   1150 C CG1 . VAL A 1 144 ? -18.177 7.453   0.157   1.00 49.72  ? 158 VAL A CG1 1 
ATOM   1151 C CG2 . VAL A 1 144 ? -17.415 6.636   2.404   1.00 49.12  ? 158 VAL A CG2 1 
ATOM   1152 N N   . HIS A 1 145 ? -17.148 10.585  -0.084  1.00 46.65  ? 159 HIS A N   1 
ATOM   1153 C CA  . HIS A 1 145 ? -17.700 11.597  -0.983  1.00 57.48  ? 159 HIS A CA  1 
ATOM   1154 C C   . HIS A 1 145 ? -17.905 10.932  -2.335  1.00 57.46  ? 159 HIS A C   1 
ATOM   1155 O O   . HIS A 1 145 ? -17.052 10.169  -2.799  1.00 54.66  ? 159 HIS A O   1 
ATOM   1156 C CB  . HIS A 1 145 ? -16.765 12.808  -1.085  1.00 61.84  ? 159 HIS A CB  1 
ATOM   1157 C CG  . HIS A 1 145 ? -16.953 13.793  0.029   1.00 77.12  ? 159 HIS A CG  1 
ATOM   1158 N ND1 . HIS A 1 145 ? -16.381 13.632  1.276   1.00 82.43  ? 159 HIS A ND1 1 
ATOM   1159 C CD2 . HIS A 1 145 ? -17.687 14.932  0.096   1.00 84.63  ? 159 HIS A CD2 1 
ATOM   1160 C CE1 . HIS A 1 145 ? -16.739 14.640  2.054   1.00 82.42  ? 159 HIS A CE1 1 
ATOM   1161 N NE2 . HIS A 1 145 ? -17.530 15.442  1.364   1.00 84.57  ? 159 HIS A NE2 1 
ATOM   1162 N N   . ASP A 1 146 ? -19.049 11.191  -2.951  1.00 61.54  ? 160 ASP A N   1 
ATOM   1163 C CA  . ASP A 1 146 ? -19.393 10.575  -4.227  1.00 66.20  ? 160 ASP A CA  1 
ATOM   1164 C C   . ASP A 1 146 ? -19.151 11.584  -5.340  1.00 65.67  ? 160 ASP A C   1 
ATOM   1165 O O   . ASP A 1 146 ? -19.770 12.638  -5.353  1.00 66.19  ? 160 ASP A O   1 
ATOM   1166 C CB  . ASP A 1 146 ? -20.841 10.083  -4.181  1.00 71.29  ? 160 ASP A CB  1 
ATOM   1167 C CG  . ASP A 1 146 ? -21.043 8.953   -3.172  1.00 75.96  ? 160 ASP A CG  1 
ATOM   1168 O OD1 . ASP A 1 146 ? -20.042 8.420   -2.638  1.00 80.36  ? 160 ASP A OD1 1 
ATOM   1169 O OD2 . ASP A 1 146 ? -22.207 8.590   -2.907  1.00 81.39  ? 160 ASP A OD2 1 
ATOM   1170 N N   . GLN A 1 147 ? -18.217 11.267  -6.240  1.00 68.11  ? 161 GLN A N   1 
ATOM   1171 C CA  . GLN A 1 147 ? -17.806 12.166  -7.321  1.00 69.90  ? 161 GLN A CA  1 
ATOM   1172 C C   . GLN A 1 147 ? -18.513 11.777  -8.606  1.00 69.69  ? 161 GLN A C   1 
ATOM   1173 O O   . GLN A 1 147 ? -18.480 10.613  -8.998  1.00 66.95  ? 161 GLN A O   1 
ATOM   1174 C CB  . GLN A 1 147 ? -16.285 12.095  -7.526  1.00 70.55  ? 161 GLN A CB  1 
ATOM   1175 N N   . ILE A 1 158 ? -21.210 7.667   -11.058 1.00 92.07  ? 172 ILE A N   1 
ATOM   1176 C CA  . ILE A 1 158 ? -20.563 8.340   -9.929  1.00 96.00  ? 172 ILE A CA  1 
ATOM   1177 C C   . ILE A 1 158 ? -19.911 7.299   -8.982  1.00 88.34  ? 172 ILE A C   1 
ATOM   1178 O O   . ILE A 1 158 ? -20.522 6.277   -8.680  1.00 84.74  ? 172 ILE A O   1 
ATOM   1179 C CB  . ILE A 1 158 ? -21.576 9.304   -9.216  1.00 100.78 ? 172 ILE A CB  1 
ATOM   1180 C CG1 . ILE A 1 158 ? -21.633 10.670  -9.961  1.00 101.98 ? 172 ILE A CG1 1 
ATOM   1181 C CG2 . ILE A 1 158 ? -21.285 9.443   -7.715  1.00 102.10 ? 172 ILE A CG2 1 
ATOM   1182 C CD1 . ILE A 1 158 ? -22.320 11.818  -9.232  1.00 96.08  ? 172 ILE A CD1 1 
ATOM   1183 N N   . ASN A 1 159 ? -18.682 7.582   -8.521  1.00 81.64  ? 173 ASN A N   1 
ATOM   1184 C CA  . ASN A 1 159 ? -17.863 6.633   -7.721  1.00 75.59  ? 173 ASN A CA  1 
ATOM   1185 C C   . ASN A 1 159 ? -17.402 7.178   -6.341  1.00 68.77  ? 173 ASN A C   1 
ATOM   1186 O O   . ASN A 1 159 ? -17.249 8.388   -6.148  1.00 64.60  ? 173 ASN A O   1 
ATOM   1187 C CB  . ASN A 1 159 ? -16.655 6.135   -8.552  1.00 75.73  ? 173 ASN A CB  1 
ATOM   1188 C CG  . ASN A 1 159 ? -15.419 7.026   -8.429  1.00 75.73  ? 173 ASN A CG  1 
ATOM   1189 O OD1 . ASN A 1 159 ? -14.316 6.540   -8.149  1.00 73.60  ? 173 ASN A OD1 1 
ATOM   1190 N ND2 . ASN A 1 159 ? -15.594 8.327   -8.646  1.00 77.71  ? 173 ASN A ND2 1 
ATOM   1191 N N   . HIS A 1 160 ? -17.147 6.255   -5.411  1.00 61.37  ? 174 HIS A N   1 
ATOM   1192 C CA  . HIS A 1 160 ? -16.858 6.576   -4.006  1.00 57.96  ? 174 HIS A CA  1 
ATOM   1193 C C   . HIS A 1 160 ? -15.383 6.999   -3.759  1.00 53.40  ? 174 HIS A C   1 
ATOM   1194 O O   . HIS A 1 160 ? -14.455 6.285   -4.137  1.00 55.20  ? 174 HIS A O   1 
ATOM   1195 C CB  . HIS A 1 160 ? -17.194 5.372   -3.110  1.00 62.35  ? 174 HIS A CB  1 
ATOM   1196 C CG  . HIS A 1 160 ? -18.609 4.888   -3.226  1.00 68.36  ? 174 HIS A CG  1 
ATOM   1197 N ND1 . HIS A 1 160 ? -19.693 5.740   -3.249  1.00 71.85  ? 174 HIS A ND1 1 
ATOM   1198 C CD2 . HIS A 1 160 ? -19.119 3.632   -3.289  1.00 71.46  ? 174 HIS A CD2 1 
ATOM   1199 C CE1 . HIS A 1 160 ? -20.806 5.033   -3.338  1.00 73.59  ? 174 HIS A CE1 1 
ATOM   1200 N NE2 . HIS A 1 160 ? -20.485 3.751   -3.364  1.00 73.70  ? 174 HIS A NE2 1 
ATOM   1201 N N   . ILE A 1 161 ? -15.197 8.139   -3.092  1.00 46.74  ? 175 ILE A N   1 
ATOM   1202 C CA  . ILE A 1 161 ? -13.883 8.713   -2.777  1.00 44.28  ? 175 ILE A CA  1 
ATOM   1203 C C   . ILE A 1 161 ? -13.803 8.902   -1.265  1.00 40.96  ? 175 ILE A C   1 
ATOM   1204 O O   . ILE A 1 161 ? -14.744 9.412   -0.667  1.00 43.06  ? 175 ILE A O   1 
ATOM   1205 C CB  . ILE A 1 161 ? -13.721 10.074  -3.490  1.00 46.78  ? 175 ILE A CB  1 
ATOM   1206 C CG1 . ILE A 1 161 ? -13.496 9.830   -4.986  1.00 51.78  ? 175 ILE A CG1 1 
ATOM   1207 C CG2 . ILE A 1 161 ? -12.608 10.941  -2.891  1.00 47.70  ? 175 ILE A CG2 1 
ATOM   1208 C CD1 . ILE A 1 161 ? -13.460 11.101  -5.817  1.00 53.26  ? 175 ILE A CD1 1 
ATOM   1209 N N   . PHE A 1 162 ? -12.678 8.526   -0.660  1.00 31.81  ? 176 PHE A N   1 
ATOM   1210 C CA  . PHE A 1 162 ? -12.455 8.757   0.764   1.00 29.53  ? 176 PHE A CA  1 
ATOM   1211 C C   . PHE A 1 162 ? -11.735 10.079  0.928   1.00 29.77  ? 176 PHE A C   1 
ATOM   1212 O O   . PHE A 1 162 ? -10.816 10.345  0.177   1.00 31.77  ? 176 PHE A O   1 
ATOM   1213 C CB  . PHE A 1 162 ? -11.593 7.654   1.373   1.00 30.11  ? 176 PHE A CB  1 
ATOM   1214 C CG  . PHE A 1 162 ? -12.209 6.288   1.341   1.00 30.62  ? 176 PHE A CG  1 
ATOM   1215 C CD1 . PHE A 1 162 ? -13.596 6.097   1.220   1.00 32.57  ? 176 PHE A CD1 1 
ATOM   1216 C CD2 . PHE A 1 162 ? -11.400 5.172   1.462   1.00 30.39  ? 176 PHE A CD2 1 
ATOM   1217 C CE1 . PHE A 1 162 ? -14.122 4.815   1.236   1.00 32.04  ? 176 PHE A CE1 1 
ATOM   1218 C CE2 . PHE A 1 162 ? -11.937 3.901   1.460   1.00 30.25  ? 176 PHE A CE2 1 
ATOM   1219 C CZ  . PHE A 1 162 ? -13.291 3.731   1.370   1.00 32.29  ? 176 PHE A CZ  1 
ATOM   1220 N N   . GLU A 1 163 ? -12.155 10.889  1.899   1.00 30.10  ? 177 GLU A N   1 
ATOM   1221 C CA  . GLU A 1 163 ? -11.398 12.072  2.315   1.00 31.62  ? 177 GLU A CA  1 
ATOM   1222 C C   . GLU A 1 163 ? -10.859 11.879  3.712   1.00 28.71  ? 177 GLU A C   1 
ATOM   1223 O O   . GLU A 1 163 ? -11.606 11.613  4.652   1.00 30.33  ? 177 GLU A O   1 
ATOM   1224 C CB  . GLU A 1 163 ? -12.258 13.336  2.258   1.00 38.14  ? 177 GLU A CB  1 
ATOM   1225 C CG  . GLU A 1 163 ? -12.805 13.581  0.858   1.00 44.37  ? 177 GLU A CG  1 
ATOM   1226 C CD  . GLU A 1 163 ? -13.236 15.015  0.614   1.00 55.20  ? 177 GLU A CD  1 
ATOM   1227 O OE1 . GLU A 1 163 ? -13.530 15.725  1.610   1.00 56.42  ? 177 GLU A OE1 1 
ATOM   1228 O OE2 . GLU A 1 163 ? -13.276 15.413  -0.587  1.00 57.91  ? 177 GLU A OE2 1 
ATOM   1229 N N   . TYR A 1 164 ? -9.549  11.930  3.837   1.00 27.24  ? 178 TYR A N   1 
ATOM   1230 C CA  . TYR A 1 164 ? -8.912  11.777  5.135   1.00 27.07  ? 178 TYR A CA  1 
ATOM   1231 C C   . TYR A 1 164 ? -8.226  13.091  5.463   1.00 26.36  ? 178 TYR A C   1 
ATOM   1232 O O   . TYR A 1 164 ? -7.388  13.584  4.696   1.00 28.57  ? 178 TYR A O   1 
ATOM   1233 C CB  . TYR A 1 164 ? -7.872  10.653  5.137   1.00 26.89  ? 178 TYR A CB  1 
ATOM   1234 C CG  . TYR A 1 164 ? -7.101  10.632  6.440   1.00 27.11  ? 178 TYR A CG  1 
ATOM   1235 C CD1 . TYR A 1 164 ? -7.719  10.197  7.601   1.00 29.43  ? 178 TYR A CD1 1 
ATOM   1236 C CD2 . TYR A 1 164 ? -5.790  11.096  6.528   1.00 27.87  ? 178 TYR A CD2 1 
ATOM   1237 C CE1 . TYR A 1 164 ? -7.066  10.215  8.811   1.00 30.88  ? 178 TYR A CE1 1 
ATOM   1238 C CE2 . TYR A 1 164 ? -5.116  11.095  7.735   1.00 28.42  ? 178 TYR A CE2 1 
ATOM   1239 C CZ  . TYR A 1 164 ? -5.769  10.688  8.873   1.00 29.45  ? 178 TYR A CZ  1 
ATOM   1240 O OH  . TYR A 1 164 ? -5.177  10.699  10.115  1.00 32.47  ? 178 TYR A OH  1 
ATOM   1241 N N   . THR A 1 165 ? -8.527  13.627  6.635   1.00 29.61  ? 179 THR A N   1 
ATOM   1242 C CA  . THR A 1 165 ? -7.865  14.844  7.104   1.00 28.89  ? 179 THR A CA  1 
ATOM   1243 C C   . THR A 1 165 ? -6.885  14.523  8.216   1.00 29.44  ? 179 THR A C   1 
ATOM   1244 O O   . THR A 1 165 ? -7.280  13.948  9.232   1.00 31.21  ? 179 THR A O   1 
ATOM   1245 C CB  . THR A 1 165 ? -8.895  15.860  7.639   1.00 30.96  ? 179 THR A CB  1 
ATOM   1246 O OG1 . THR A 1 165 ? -9.914  16.069  6.656   1.00 30.77  ? 179 THR A OG1 1 
ATOM   1247 C CG2 . THR A 1 165 ? -8.185  17.185  7.990   1.00 31.45  ? 179 THR A CG2 1 
ATOM   1248 N N   . ASN A 1 166 ? -5.610  14.868  8.034   1.00 25.54  ? 180 ASN A N   1 
ATOM   1249 C CA  . ASN A 1 166 ? -4.605  14.580  9.020   1.00 28.04  ? 180 ASN A CA  1 
ATOM   1250 C C   . ASN A 1 166 ? -4.777  15.546  10.202  1.00 30.25  ? 180 ASN A C   1 
ATOM   1251 O O   . ASN A 1 166 ? -4.610  16.745  10.017  1.00 27.96  ? 180 ASN A O   1 
ATOM   1252 C CB  . ASN A 1 166 ? -3.246  14.749  8.371   1.00 29.85  ? 180 ASN A CB  1 
ATOM   1253 C CG  . ASN A 1 166 ? -2.085  14.432  9.283   1.00 29.89  ? 180 ASN A CG  1 
ATOM   1254 O OD1 . ASN A 1 166 ? -2.219  14.153  10.466  1.00 31.88  ? 180 ASN A OD1 1 
ATOM   1255 N ND2 . ASN A 1 166 ? -0.897  14.471  8.693   1.00 34.31  ? 180 ASN A ND2 1 
ATOM   1256 N N   . PRO A 1 167 ? -5.091  15.033  11.412  1.00 30.54  ? 181 PRO A N   1 
ATOM   1257 C CA  . PRO A 1 167 ? -5.309  15.961  12.532  1.00 31.58  ? 181 PRO A CA  1 
ATOM   1258 C C   . PRO A 1 167 ? -4.040  16.696  13.006  1.00 31.15  ? 181 PRO A C   1 
ATOM   1259 O O   . PRO A 1 167 ? -4.145  17.680  13.711  1.00 30.46  ? 181 PRO A O   1 
ATOM   1260 C CB  . PRO A 1 167 ? -5.878  15.054  13.643  1.00 34.84  ? 181 PRO A CB  1 
ATOM   1261 C CG  . PRO A 1 167 ? -5.377  13.699  13.327  1.00 37.01  ? 181 PRO A CG  1 
ATOM   1262 C CD  . PRO A 1 167 ? -5.203  13.613  11.829  1.00 34.15  ? 181 PRO A CD  1 
ATOM   1263 N N   . GLU A 1 168 ? -2.871  16.228  12.603  1.00 31.93  ? 182 GLU A N   1 
ATOM   1264 C CA  . GLU A 1 168 ? -1.611  16.909  12.907  1.00 36.79  ? 182 GLU A CA  1 
ATOM   1265 C C   . GLU A 1 168 ? -1.521  18.280  12.241  1.00 35.50  ? 182 GLU A C   1 
ATOM   1266 O O   . GLU A 1 168 ? -0.980  19.206  12.873  1.00 31.76  ? 182 GLU A O   1 
ATOM   1267 C CB  . GLU A 1 168 ? -0.429  16.093  12.413  1.00 43.47  ? 182 GLU A CB  1 
ATOM   1268 C CG  . GLU A 1 168 ? -0.217  14.811  13.194  1.00 46.48  ? 182 GLU A CG  1 
ATOM   1269 C CD  . GLU A 1 168 ? 0.251   15.084  14.591  1.00 52.69  ? 182 GLU A CD  1 
ATOM   1270 O OE1 . GLU A 1 168 ? 1.294   15.790  14.759  1.00 54.67  ? 182 GLU A OE1 1 
ATOM   1271 O OE2 . GLU A 1 168 ? -0.445  14.602  15.516  1.00 60.98  ? 182 GLU A OE2 1 
ATOM   1272 N N   . ASP A 1 169 ? -2.017  18.375  10.991  1.00 32.32  ? 183 ASP A N   1 
ATOM   1273 C CA  . ASP A 1 169 ? -1.933  19.579  10.157  1.00 30.87  ? 183 ASP A CA  1 
ATOM   1274 C C   . ASP A 1 169 ? -3.186  20.060  9.405   1.00 30.91  ? 183 ASP A C   1 
ATOM   1275 O O   . ASP A 1 169 ? -3.172  21.132  8.760   1.00 31.01  ? 183 ASP A O   1 
ATOM   1276 C CB  . ASP A 1 169 ? -0.734  19.505  9.211   1.00 30.28  ? 183 ASP A CB  1 
ATOM   1277 C CG  . ASP A 1 169 ? -0.887  18.437  8.108   1.00 36.97  ? 183 ASP A CG  1 
ATOM   1278 O OD1 . ASP A 1 169 ? -1.992  17.860  7.919   1.00 34.43  ? 183 ASP A OD1 1 
ATOM   1279 O OD2 . ASP A 1 169 ? 0.127   18.209  7.410   1.00 36.97  ? 183 ASP A OD2 1 
ATOM   1280 N N   . GLY A 1 170 ? -4.290  19.325  9.490   1.00 30.51  ? 184 GLY A N   1 
ATOM   1281 C CA  . GLY A 1 170 ? -5.517  19.711  8.801   1.00 28.44  ? 184 GLY A CA  1 
ATOM   1282 C C   . GLY A 1 170 ? -5.563  19.502  7.311   1.00 30.38  ? 184 GLY A C   1 
ATOM   1283 O O   . GLY A 1 170 ? -6.554  19.905  6.649   1.00 30.25  ? 184 GLY A O   1 
ATOM   1284 N N   . VAL A 1 171 ? -4.538  18.842  6.755   1.00 30.20  ? 185 VAL A N   1 
ATOM   1285 C CA  . VAL A 1 171 ? -4.496  18.597  5.319   1.00 31.40  ? 185 VAL A CA  1 
ATOM   1286 C C   . VAL A 1 171 ? -5.423  17.443  4.972   1.00 33.88  ? 185 VAL A C   1 
ATOM   1287 O O   . VAL A 1 171 ? -5.368  16.394  5.625   1.00 29.13  ? 185 VAL A O   1 
ATOM   1288 C CB  . VAL A 1 171 ? -3.073  18.256  4.850   1.00 33.57  ? 185 VAL A CB  1 
ATOM   1289 C CG1 . VAL A 1 171 ? -3.071  17.843  3.376   1.00 35.31  ? 185 VAL A CG1 1 
ATOM   1290 C CG2 . VAL A 1 171 ? -2.168  19.477  5.069   1.00 35.31  ? 185 VAL A CG2 1 
ATOM   1291 N N   . THR A 1 172 ? -6.244  17.640  3.948   1.00 33.20  ? 186 THR A N   1 
ATOM   1292 C CA  . THR A 1 172 ? -7.148  16.593  3.479   1.00 33.23  ? 186 THR A CA  1 
ATOM   1293 C C   . THR A 1 172 ? -6.573  15.912  2.231   1.00 34.13  ? 186 THR A C   1 
ATOM   1294 O O   . THR A 1 172 ? -6.111  16.566  1.319   1.00 33.48  ? 186 THR A O   1 
ATOM   1295 C CB  . THR A 1 172 ? -8.545  17.143  3.213   1.00 34.17  ? 186 THR A CB  1 
ATOM   1296 O OG1 . THR A 1 172 ? -9.028  17.710  4.432   1.00 33.87  ? 186 THR A OG1 1 
ATOM   1297 C CG2 . THR A 1 172 ? -9.506  16.026  2.758   1.00 34.89  ? 186 THR A CG2 1 
ATOM   1298 N N   . TYR A 1 173 ? -6.583  14.583  2.242   1.00 30.42  ? 187 TYR A N   1 
ATOM   1299 C CA  . TYR A 1 173 ? -6.174  13.774  1.105   1.00 29.90  ? 187 TYR A CA  1 
ATOM   1300 C C   . TYR A 1 173 ? -7.384  13.035  0.585   1.00 31.09  ? 187 TYR A C   1 
ATOM   1301 O O   . TYR A 1 173 ? -8.228  12.590  1.378   1.00 32.23  ? 187 TYR A O   1 
ATOM   1302 C CB  . TYR A 1 173 ? -5.151  12.757  1.577   1.00 30.16  ? 187 TYR A CB  1 
ATOM   1303 C CG  . TYR A 1 173 ? -3.883  13.360  2.141   1.00 30.50  ? 187 TYR A CG  1 
ATOM   1304 C CD1 . TYR A 1 173 ? -2.812  13.640  1.307   1.00 31.74  ? 187 TYR A CD1 1 
ATOM   1305 C CD2 . TYR A 1 173 ? -3.762  13.669  3.495   1.00 31.74  ? 187 TYR A CD2 1 
ATOM   1306 C CE1 . TYR A 1 173 ? -1.640  14.187  1.800   1.00 31.27  ? 187 TYR A CE1 1 
ATOM   1307 C CE2 . TYR A 1 173 ? -2.582  14.212  4.021   1.00 32.63  ? 187 TYR A CE2 1 
ATOM   1308 C CZ  . TYR A 1 173 ? -1.527  14.495  3.170   1.00 33.61  ? 187 TYR A CZ  1 
ATOM   1309 O OH  . TYR A 1 173 ? -0.346  15.036  3.654   1.00 33.22  ? 187 TYR A OH  1 
ATOM   1310 N N   . GLN A 1 174 ? -7.450  12.872  -0.740  1.00 28.42  ? 188 GLN A N   1 
ATOM   1311 C CA  . GLN A 1 174 ? -8.462  12.057  -1.384  1.00 30.24  ? 188 GLN A CA  1 
ATOM   1312 C C   . GLN A 1 174 ? -7.845  10.726  -1.727  1.00 27.62  ? 188 GLN A C   1 
ATOM   1313 O O   . GLN A 1 174 ? -6.786  10.664  -2.357  1.00 28.00  ? 188 GLN A O   1 
ATOM   1314 C CB  . GLN A 1 174 ? -8.968  12.711  -2.678  1.00 33.76  ? 188 GLN A CB  1 
ATOM   1315 C CG  . GLN A 1 174 ? -9.697  14.020  -2.446  1.00 39.78  ? 188 GLN A CG  1 
ATOM   1316 C CD  . GLN A 1 174 ? -10.391 14.514  -3.702  1.00 45.08  ? 188 GLN A CD  1 
ATOM   1317 O OE1 . GLN A 1 174 ? -10.037 14.135  -4.831  1.00 51.83  ? 188 GLN A OE1 1 
ATOM   1318 N NE2 . GLN A 1 174 ? -11.407 15.328  -3.513  1.00 50.08  ? 188 GLN A NE2 1 
ATOM   1319 N N   . ILE A 1 175 ? -8.522  9.659   -1.329  1.00 25.61  ? 189 ILE A N   1 
ATOM   1320 C CA  . ILE A 1 175 ? -8.022  8.310   -1.611  1.00 26.19  ? 189 ILE A CA  1 
ATOM   1321 C C   . ILE A 1 175 ? -9.120  7.574   -2.396  1.00 26.33  ? 189 ILE A C   1 
ATOM   1322 O O   . ILE A 1 175 ? -10.263 7.544   -1.951  1.00 27.85  ? 189 ILE A O   1 
ATOM   1323 C CB  . ILE A 1 175 ? -7.707  7.568   -0.314  1.00 26.88  ? 189 ILE A CB  1 
ATOM   1324 C CG1 . ILE A 1 175 ? -6.873  8.486   0.593   1.00 27.88  ? 189 ILE A CG1 1 
ATOM   1325 C CG2 . ILE A 1 175 ? -6.931  6.287   -0.622  1.00 27.41  ? 189 ILE A CG2 1 
ATOM   1326 C CD1 . ILE A 1 175 ? -6.559  7.856   1.938   1.00 29.35  ? 189 ILE A CD1 1 
ATOM   1327 N N   . LYS A 1 176 ? -8.746  7.027   -3.546  1.00 28.50  ? 190 LYS A N   1 
ATOM   1328 C CA  . LYS A 1 176 ? -9.739  6.493   -4.484  1.00 31.32  ? 190 LYS A CA  1 
ATOM   1329 C C   . LYS A 1 176 ? -9.272  5.207   -5.091  1.00 27.77  ? 190 LYS A C   1 
ATOM   1330 O O   . LYS A 1 176 ? -8.092  4.829   -5.014  1.00 25.61  ? 190 LYS A O   1 
ATOM   1331 C CB  . LYS A 1 176 ? -9.949  7.461   -5.671  1.00 36.09  ? 190 LYS A CB  1 
ATOM   1332 C CG  . LYS A 1 176 ? -9.779  8.941   -5.406  1.00 45.97  ? 190 LYS A CG  1 
ATOM   1333 C CD  . LYS A 1 176 ? -10.182 9.789   -6.622  1.00 44.33  ? 190 LYS A CD  1 
ATOM   1334 C CE  . LYS A 1 176 ? -9.254  9.580   -7.806  1.00 48.94  ? 190 LYS A CE  1 
ATOM   1335 N NZ  . LYS A 1 176 ? -9.468  10.582  -8.894  1.00 55.04  ? 190 LYS A NZ  1 
ATOM   1336 N N   . GLY A 1 177 ? -10.202 4.553   -5.799  1.00 28.27  ? 191 GLY A N   1 
ATOM   1337 C CA  . GLY A 1 177 ? -9.833  3.482   -6.711  1.00 26.09  ? 191 GLY A CA  1 
ATOM   1338 C C   . GLY A 1 177 ? -9.160  2.291   -6.061  1.00 25.54  ? 191 GLY A C   1 
ATOM   1339 O O   . GLY A 1 177 ? -9.537  1.915   -4.961  1.00 24.47  ? 191 GLY A O   1 
ATOM   1340 N N   . MET A 1 178 ? -8.195  1.685   -6.762  1.00 25.61  ? 192 MET A N   1 
ATOM   1341 C CA  . MET A 1 178 ? -7.541  0.460   -6.269  1.00 26.99  ? 192 MET A CA  1 
ATOM   1342 C C   . MET A 1 178 ? -6.910  0.715   -4.939  1.00 23.26  ? 192 MET A C   1 
ATOM   1343 O O   . MET A 1 178 ? -6.897  -0.161  -4.098  1.00 21.57  ? 192 MET A O   1 
ATOM   1344 C CB  . MET A 1 178 ? -6.413  -0.038  -7.179  1.00 33.09  ? 192 MET A CB  1 
ATOM   1345 C CG  . MET A 1 178 ? -6.880  -0.613  -8.493  1.00 49.93  ? 192 MET A CG  1 
ATOM   1346 S SD  . MET A 1 178 ? -5.500  -1.110  -9.575  1.00 73.95  ? 192 MET A SD  1 
ATOM   1347 C CE  . MET A 1 178 ? -4.971  0.475   -10.274 1.00 63.50  ? 192 MET A CE  1 
ATOM   1348 N N   . THR A 1 179 ? -6.341  1.899   -4.793  1.00 22.22  ? 193 THR A N   1 
ATOM   1349 C CA  . THR A 1 179 ? -5.653  2.267   -3.542  1.00 21.73  ? 193 THR A CA  1 
ATOM   1350 C C   . THR A 1 179 ? -6.622  2.231   -2.369  1.00 22.32  ? 193 THR A C   1 
ATOM   1351 O O   . THR A 1 179 ? -6.349  1.578   -1.358  1.00 21.14  ? 193 THR A O   1 
ATOM   1352 C CB  . THR A 1 179 ? -5.035  3.658   -3.685  1.00 23.19  ? 193 THR A CB  1 
ATOM   1353 O OG1 . THR A 1 179 ? -4.008  3.573   -4.694  1.00 22.56  ? 193 THR A OG1 1 
ATOM   1354 C CG2 . THR A 1 179 ? -4.360  4.066   -2.374  1.00 23.95  ? 193 THR A CG2 1 
ATOM   1355 N N   . ALA A 1 180 ? -7.770  2.883   -2.530  1.00 21.38  ? 194 ALA A N   1 
ATOM   1356 C CA  . ALA A 1 180 ? -8.835  2.821   -1.492  1.00 21.59  ? 194 ALA A CA  1 
ATOM   1357 C C   . ALA A 1 180 ? -9.339  1.420   -1.261  1.00 21.75  ? 194 ALA A C   1 
ATOM   1358 O O   . ALA A 1 180 ? -9.577  0.996   -0.125  1.00 20.46  ? 194 ALA A O   1 
ATOM   1359 C CB  . ALA A 1 180 ? -10.002 3.713   -1.857  1.00 22.78  ? 194 ALA A CB  1 
ATOM   1360 N N   . ASN A 1 181 ? -9.547  0.683   -2.353  1.00 21.86  ? 195 ASN A N   1 
ATOM   1361 C CA  . ASN A 1 181 ? -10.004 -0.683  -2.210  1.00 22.75  ? 195 ASN A CA  1 
ATOM   1362 C C   . ASN A 1 181 ? -9.068  -1.568  -1.418  1.00 21.09  ? 195 ASN A C   1 
ATOM   1363 O O   . ASN A 1 181 ? -9.525  -2.344  -0.575  1.00 20.95  ? 195 ASN A O   1 
ATOM   1364 C CB  . ASN A 1 181 ? -10.363 -1.315  -3.572  1.00 25.88  ? 195 ASN A CB  1 
ATOM   1365 C CG  . ASN A 1 181 ? -11.712 -0.815  -4.075  1.00 30.08  ? 195 ASN A CG  1 
ATOM   1366 O OD1 . ASN A 1 181 ? -12.736 -1.515  -3.950  1.00 43.12  ? 195 ASN A OD1 1 
ATOM   1367 N ND2 . ASN A 1 181 ? -11.752 0.389   -4.571  1.00 34.04  ? 195 ASN A ND2 1 
ATOM   1368 N N   . LEU A 1 182 ? -7.773  -1.468  -1.695  1.00 19.70  ? 196 LEU A N   1 
ATOM   1369 C CA  . LEU A 1 182 ? -6.802  -2.291  -1.007  1.00 20.61  ? 196 LEU A CA  1 
ATOM   1370 C C   . LEU A 1 182 ? -6.700  -1.903  0.467   1.00 19.54  ? 196 LEU A C   1 
ATOM   1371 O O   . LEU A 1 182 ? -6.494  -2.769  1.332   1.00 19.46  ? 196 LEU A O   1 
ATOM   1372 C CB  . LEU A 1 182 ? -5.432  -2.214  -1.668  1.00 21.35  ? 196 LEU A CB  1 
ATOM   1373 C CG  . LEU A 1 182 ? -5.317  -2.970  -3.001  1.00 22.09  ? 196 LEU A CG  1 
ATOM   1374 C CD1 . LEU A 1 182 ? -4.019  -2.607  -3.710  1.00 23.22  ? 196 LEU A CD1 1 
ATOM   1375 C CD2 . LEU A 1 182 ? -5.419  -4.463  -2.778  1.00 23.75  ? 196 LEU A CD2 1 
ATOM   1376 N N   . ALA A 1 183 ? -6.806  -0.611  0.735   1.00 20.80  ? 197 ALA A N   1 
ATOM   1377 C CA  . ALA A 1 183 ? -6.755  -0.150  2.135   1.00 21.28  ? 197 ALA A CA  1 
ATOM   1378 C C   . ALA A 1 183 ? -7.877  -0.750  2.968   1.00 20.55  ? 197 ALA A C   1 
ATOM   1379 O O   . ALA A 1 183 ? -7.648  -1.220  4.083   1.00 20.82  ? 197 ALA A O   1 
ATOM   1380 C CB  . ALA A 1 183 ? -6.772  1.358   2.200   1.00 21.33  ? 197 ALA A CB  1 
ATOM   1381 N N   . VAL A 1 184 ? -9.076  -0.782  2.393   1.00 20.30  ? 198 VAL A N   1 
ATOM   1382 C CA  . VAL A 1 184 ? -10.218 -1.385  3.073   1.00 21.95  ? 198 VAL A CA  1 
ATOM   1383 C C   . VAL A 1 184 ? -9.983  -2.844  3.320   1.00 19.56  ? 198 VAL A C   1 
ATOM   1384 O O   . VAL A 1 184 ? -10.232 -3.364  4.393   1.00 19.73  ? 198 VAL A O   1 
ATOM   1385 C CB  . VAL A 1 184 ? -11.526 -1.151  2.290   1.00 21.77  ? 198 VAL A CB  1 
ATOM   1386 C CG1 . VAL A 1 184 ? -12.656 -1.996  2.895   1.00 23.69  ? 198 VAL A CG1 1 
ATOM   1387 C CG2 . VAL A 1 184 ? -11.864 0.320   2.288   1.00 24.57  ? 198 VAL A CG2 1 
ATOM   1388 N N   . LEU A 1 185 ? -9.511  -3.547  2.304   1.00 20.23  ? 199 LEU A N   1 
ATOM   1389 C CA  . LEU A 1 185 ? -9.232  -4.949  2.440   1.00 19.85  ? 199 LEU A CA  1 
ATOM   1390 C C   . LEU A 1 185 ? -8.271  -5.263  3.608   1.00 21.00  ? 199 LEU A C   1 
ATOM   1391 O O   . LEU A 1 185 ? -8.529  -6.133  4.422   1.00 20.50  ? 199 LEU A O   1 
ATOM   1392 C CB  . LEU A 1 185 ? -8.634  -5.501  1.137   1.00 21.24  ? 199 LEU A CB  1 
ATOM   1393 C CG  . LEU A 1 185 ? -8.174  -6.970  1.164   1.00 21.60  ? 199 LEU A CG  1 
ATOM   1394 C CD1 . LEU A 1 185 ? -9.307  -7.902  1.464   1.00 23.38  ? 199 LEU A CD1 1 
ATOM   1395 C CD2 . LEU A 1 185 ? -7.498  -7.357  -0.139  1.00 24.03  ? 199 LEU A CD2 1 
ATOM   1396 N N   . VAL A 1 186 ? -7.142  -4.551  3.661   1.00 19.31  ? 200 VAL A N   1 
ATOM   1397 C CA  . VAL A 1 186 ? -6.183  -4.737  4.719   1.00 20.29  ? 200 VAL A CA  1 
ATOM   1398 C C   . VAL A 1 186 ? -6.805  -4.449  6.095   1.00 18.96  ? 200 VAL A C   1 
ATOM   1399 O O   . VAL A 1 186 ? -6.602  -5.221  7.045   1.00 20.00  ? 200 VAL A O   1 
ATOM   1400 C CB  . VAL A 1 186 ? -4.944  -3.833  4.507   1.00 21.22  ? 200 VAL A CB  1 
ATOM   1401 C CG1 . VAL A 1 186 ? -3.991  -3.955  5.696   1.00 24.09  ? 200 VAL A CG1 1 
ATOM   1402 C CG2 . VAL A 1 186 ? -4.225  -4.301  3.280   1.00 23.12  ? 200 VAL A CG2 1 
ATOM   1403 N N   . ALA A 1 187 ? -7.576  -3.374  6.190   1.00 19.25  ? 201 ALA A N   1 
ATOM   1404 C CA  . ALA A 1 187 ? -8.279  -3.049  7.434   1.00 20.69  ? 201 ALA A CA  1 
ATOM   1405 C C   . ALA A 1 187 ? -9.230  -4.155  7.875   1.00 20.69  ? 201 ALA A C   1 
ATOM   1406 O O   . ALA A 1 187 ? -9.247  -4.556  9.052   1.00 21.70  ? 201 ALA A O   1 
ATOM   1407 C CB  . ALA A 1 187 ? -8.984  -1.735  7.310   1.00 20.46  ? 201 ALA A CB  1 
ATOM   1408 N N   . PHE A 1 188 ? -10.034 -4.677  6.934   1.00 20.46  ? 202 PHE A N   1 
ATOM   1409 C CA  . PHE A 1 188 ? -10.892 -5.805  7.278   1.00 21.16  ? 202 PHE A CA  1 
ATOM   1410 C C   . PHE A 1 188 ? -10.108 -7.015  7.789   1.00 20.56  ? 202 PHE A C   1 
ATOM   1411 O O   . PHE A 1 188 ? -10.445 -7.616  8.794   1.00 21.32  ? 202 PHE A O   1 
ATOM   1412 C CB  . PHE A 1 188 ? -11.752 -6.270  6.087   1.00 20.81  ? 202 PHE A CB  1 
ATOM   1413 C CG  . PHE A 1 188 ? -12.890 -5.376  5.701   1.00 23.60  ? 202 PHE A CG  1 
ATOM   1414 C CD1 . PHE A 1 188 ? -13.303 -4.274  6.439   1.00 24.73  ? 202 PHE A CD1 1 
ATOM   1415 C CD2 . PHE A 1 188 ? -13.605 -5.684  4.528   1.00 26.65  ? 202 PHE A CD2 1 
ATOM   1416 C CE1 . PHE A 1 188 ? -14.354 -3.470  6.018   1.00 25.80  ? 202 PHE A CE1 1 
ATOM   1417 C CE2 . PHE A 1 188 ? -14.674 -4.890  4.126   1.00 27.72  ? 202 PHE A CE2 1 
ATOM   1418 C CZ  . PHE A 1 188 ? -15.060 -3.797  4.877   1.00 26.85  ? 202 PHE A CZ  1 
ATOM   1419 N N   . ILE A 1 189 ? -9.044  -7.395  7.069   1.00 18.89  ? 203 ILE A N   1 
ATOM   1420 C CA  . ILE A 1 189 ? -8.299  -8.552  7.404   1.00 19.43  ? 203 ILE A CA  1 
ATOM   1421 C C   . ILE A 1 189 ? -7.737  -8.456  8.813   1.00 19.55  ? 203 ILE A C   1 
ATOM   1422 O O   . ILE A 1 189 ? -7.816  -9.395  9.574   1.00 20.65  ? 203 ILE A O   1 
ATOM   1423 C CB  . ILE A 1 189 ? -7.136  -8.794  6.413   1.00 19.36  ? 203 ILE A CB  1 
ATOM   1424 C CG1 . ILE A 1 189 ? -7.702  -9.291  5.068   1.00 22.04  ? 203 ILE A CG1 1 
ATOM   1425 C CG2 . ILE A 1 189 ? -6.115  -9.769  6.963   1.00 19.96  ? 203 ILE A CG2 1 
ATOM   1426 C CD1 . ILE A 1 189 ? -6.698  -9.232  3.904   1.00 22.94  ? 203 ILE A CD1 1 
ATOM   1427 N N   . ILE A 1 190 ? -7.194  -7.288  9.134   1.00 19.68  ? 204 ILE A N   1 
ATOM   1428 C CA  . ILE A 1 190 ? -6.454  -7.148  10.387  1.00 21.29  ? 204 ILE A CA  1 
ATOM   1429 C C   . ILE A 1 190 ? -7.357  -6.784  11.559  1.00 20.56  ? 204 ILE A C   1 
ATOM   1430 O O   . ILE A 1 190 ? -7.107  -7.238  12.675  1.00 23.43  ? 204 ILE A O   1 
ATOM   1431 C CB  . ILE A 1 190 ? -5.346  -6.081  10.219  1.00 21.65  ? 204 ILE A CB  1 
ATOM   1432 C CG1 . ILE A 1 190 ? -4.277  -6.600  9.239   1.00 22.75  ? 204 ILE A CG1 1 
ATOM   1433 C CG2 . ILE A 1 190 ? -4.735  -5.708  11.555  1.00 23.37  ? 204 ILE A CG2 1 
ATOM   1434 C CD1 . ILE A 1 190 ? -3.218  -5.576  8.909   1.00 23.23  ? 204 ILE A CD1 1 
ATOM   1435 N N   . LEU A 1 191 ? -8.397  -6.009  11.309  1.00 20.42  ? 205 LEU A N   1 
ATOM   1436 C CA  . LEU A 1 191 ? -9.186  -5.427  12.408  1.00 20.92  ? 205 LEU A CA  1 
ATOM   1437 C C   . LEU A 1 191 ? -10.529 -6.092  12.678  1.00 25.40  ? 205 LEU A C   1 
ATOM   1438 O O   . LEU A 1 191 ? -11.146 -5.815  13.734  1.00 23.43  ? 205 LEU A O   1 
ATOM   1439 C CB  . LEU A 1 191 ? -9.395  -3.953  12.186  1.00 21.90  ? 205 LEU A CB  1 
ATOM   1440 C CG  . LEU A 1 191 ? -8.115  -3.112  12.083  1.00 22.67  ? 205 LEU A CG  1 
ATOM   1441 C CD1 . LEU A 1 191 ? -8.452  -1.679  11.764  1.00 22.12  ? 205 LEU A CD1 1 
ATOM   1442 C CD2 . LEU A 1 191 ? -7.264  -3.191  13.326  1.00 24.97  ? 205 LEU A CD2 1 
ATOM   1443 N N   . GLU A 1 192 ? -11.026 -6.897  11.745  1.00 24.14  ? 206 GLU A N   1 
ATOM   1444 C CA  . GLU A 1 192 ? -12.327 -7.559  12.016  1.00 26.52  ? 206 GLU A CA  1 
ATOM   1445 C C   . GLU A 1 192 ? -12.286 -8.467  13.248  1.00 26.18  ? 206 GLU A C   1 
ATOM   1446 O O   . GLU A 1 192 ? -11.272 -9.101  13.564  1.00 27.00  ? 206 GLU A O   1 
ATOM   1447 C CB  . GLU A 1 192 ? -12.819 -8.358  10.826  1.00 26.99  ? 206 GLU A CB  1 
ATOM   1448 C CG  . GLU A 1 192 ? -12.040 -9.615  10.597  1.00 27.52  ? 206 GLU A CG  1 
ATOM   1449 C CD  . GLU A 1 192 ? -12.659 -10.537 9.547   1.00 33.80  ? 206 GLU A CD  1 
ATOM   1450 O OE1 . GLU A 1 192 ? -13.855 -10.362 9.224   1.00 35.81  ? 206 GLU A OE1 1 
ATOM   1451 O OE2 . GLU A 1 192 ? -11.936 -11.444 9.095   1.00 36.83  ? 206 GLU A OE2 1 
ATOM   1452 N N   . LYS A 1 193 ? -13.411 -8.542  13.954  1.00 30.43  ? 207 LYS A N   1 
ATOM   1453 C CA  . LYS A 1 193 ? -13.565 -9.535  15.030  1.00 32.68  ? 207 LYS A CA  1 
ATOM   1454 C C   . LYS A 1 193 ? -12.430 -9.500  16.038  1.00 32.55  ? 207 LYS A C   1 
ATOM   1455 O O   . LYS A 1 193 ? -11.686 -10.468 16.179  1.00 34.65  ? 207 LYS A O   1 
ATOM   1456 C CB  . LYS A 1 193 ? -13.702 -10.952 14.451  1.00 40.21  ? 207 LYS A CB  1 
ATOM   1457 C CG  . LYS A 1 193 ? -14.841 -11.160 13.468  1.00 46.27  ? 207 LYS A CG  1 
ATOM   1458 C CD  . LYS A 1 193 ? -14.843 -12.636 13.037  1.00 53.11  ? 207 LYS A CD  1 
ATOM   1459 C CE  . LYS A 1 193 ? -15.330 -12.868 11.608  1.00 57.53  ? 207 LYS A CE  1 
ATOM   1460 N NZ  . LYS A 1 193 ? -14.628 -14.026 10.959  1.00 61.14  ? 207 LYS A NZ  1 
ATOM   1461 N N   . LYS A 1 194 ? -12.253 -8.348  16.677  1.00 34.56  ? 208 LYS A N   1 
ATOM   1462 C CA  . LYS A 1 194 ? -11.219 -8.148  17.696  1.00 41.64  ? 208 LYS A CA  1 
ATOM   1463 C C   . LYS A 1 194 ? -11.859 -7.739  19.005  1.00 43.84  ? 208 LYS A C   1 
ATOM   1464 O O   . LYS A 1 194 ? -12.618 -6.771  19.017  1.00 37.94  ? 208 LYS A O   1 
ATOM   1465 C CB  . LYS A 1 194 ? -10.287 -7.027  17.281  1.00 44.88  ? 208 LYS A CB  1 
ATOM   1466 C CG  . LYS A 1 194 ? -9.501  -7.337  16.026  1.00 52.82  ? 208 LYS A CG  1 
ATOM   1467 C CD  . LYS A 1 194 ? -8.136  -7.901  16.339  1.00 55.32  ? 208 LYS A CD  1 
ATOM   1468 C CE  . LYS A 1 194 ? -7.179  -6.768  16.653  1.00 55.70  ? 208 LYS A CE  1 
ATOM   1469 N NZ  . LYS A 1 194 ? -5.906  -7.367  17.076  1.00 55.23  ? 208 LYS A NZ  1 
ATOM   1470 N N   . PRO A 1 195 ? -11.536 -8.450  20.111  1.00 49.10  ? 209 PRO A N   1 
ATOM   1471 C CA  . PRO A 1 195 ? -11.948 -7.940  21.430  1.00 52.09  ? 209 PRO A CA  1 
ATOM   1472 C C   . PRO A 1 195 ? -11.317 -6.581  21.729  1.00 55.45  ? 209 PRO A C   1 
ATOM   1473 O O   . PRO A 1 195 ? -10.190 -6.317  21.292  1.00 58.00  ? 209 PRO A O   1 
ATOM   1474 C CB  . PRO A 1 195 ? -11.434 -9.001  22.421  1.00 53.50  ? 209 PRO A CB  1 
ATOM   1475 C CG  . PRO A 1 195 ? -11.028 -10.190 21.617  1.00 53.49  ? 209 PRO A CG  1 
ATOM   1476 C CD  . PRO A 1 195 ? -10.829 -9.748  20.197  1.00 53.33  ? 209 PRO A CD  1 
ATOM   1477 N N   . THR A 1 196 ? -12.039 -5.720  22.437  1.00 56.76  ? 210 THR A N   1 
ATOM   1478 C CA  . THR A 1 196 ? -11.473 -4.458  22.922  1.00 62.72  ? 210 THR A CA  1 
ATOM   1479 C C   . THR A 1 196 ? -10.876 -4.673  24.325  1.00 66.91  ? 210 THR A C   1 
ATOM   1480 O O   . THR A 1 196 ? -9.692  -4.417  24.557  1.00 70.81  ? 210 THR A O   1 
ATOM   1481 C CB  . THR A 1 196 ? -12.534 -3.337  22.956  1.00 61.55  ? 210 THR A CB  1 
ATOM   1482 O OG1 . THR A 1 196 ? -13.470 -3.588  24.008  1.00 64.19  ? 210 THR A OG1 1 
ATOM   1483 C CG2 . THR A 1 196 ? -13.282 -3.262  21.633  1.00 61.68  ? 210 THR A CG2 1 
HETATM 1484 C C   . ACT B 2 .   ? -4.855  14.262  -3.046  1.00 52.58  ? 301 ACT A C   1 
HETATM 1485 O O   . ACT B 2 .   ? -3.653  14.213  -2.707  1.00 53.77  ? 301 ACT A O   1 
HETATM 1486 O OXT . ACT B 2 .   ? -5.741  14.470  -2.209  1.00 43.66  ? 301 ACT A OXT 1 
HETATM 1487 C CH3 . ACT B 2 .   ? -5.251  14.067  -4.481  1.00 52.80  ? 301 ACT A CH3 1 
HETATM 1488 C C   . ACT C 2 .   ? 13.104  -8.123  7.509   1.00 62.85  ? 302 ACT A C   1 
HETATM 1489 O O   . ACT C 2 .   ? 13.691  -7.890  6.435   1.00 69.01  ? 302 ACT A O   1 
HETATM 1490 O OXT . ACT C 2 .   ? 12.972  -7.238  8.379   1.00 69.70  ? 302 ACT A OXT 1 
HETATM 1491 C CH3 . ACT C 2 .   ? 12.561  -9.490  7.765   1.00 61.80  ? 302 ACT A CH3 1 
HETATM 1492 S S   . DMS D 3 .   ? 15.539  5.940   6.429   1.00 60.23  ? 303 DMS A S   1 
HETATM 1493 O O   . DMS D 3 .   ? 14.648  5.493   7.541   1.00 39.46  ? 303 DMS A O   1 
HETATM 1494 C C1  . DMS D 3 .   ? 16.738  4.766   6.070   1.00 59.78  ? 303 DMS A C1  1 
HETATM 1495 C C2  . DMS D 3 .   ? 14.778  5.908   4.893   1.00 53.43  ? 303 DMS A C2  1 
HETATM 1496 S S   . DMS E 3 .   ? 10.584  -3.144  14.387  1.00 58.79  ? 304 DMS A S   1 
HETATM 1497 O O   . DMS E 3 .   ? 9.843   -1.856  14.255  1.00 40.37  ? 304 DMS A O   1 
HETATM 1498 C C1  . DMS E 3 .   ? 11.129  -3.434  15.977  1.00 54.65  ? 304 DMS A C1  1 
HETATM 1499 C C2  . DMS E 3 .   ? 9.435   -4.404  14.259  1.00 61.51  ? 304 DMS A C2  1 
HETATM 1500 N N1  . H54 F 4 .   ? 3.318   3.599   -7.118  0.39 33.51  ? 305 H54 A N1  1 
HETATM 1501 C C4  . H54 F 4 .   ? -0.905  1.213   -9.910  0.39 45.51  ? 305 H54 A C4  1 
HETATM 1502 C C5  . H54 F 4 .   ? 0.454   1.294   -9.684  0.39 44.81  ? 305 H54 A C5  1 
HETATM 1503 C C6  . H54 F 4 .   ? 0.936   1.506   -8.401  0.39 42.43  ? 305 H54 A C6  1 
HETATM 1504 C C7  . H54 F 4 .   ? 2.416   1.596   -8.112  0.39 39.61  ? 305 H54 A C7  1 
HETATM 1505 C C8  . H54 F 4 .   ? 2.949   2.995   -8.272  0.39 37.70  ? 305 H54 A C8  1 
HETATM 1506 C C10 . H54 F 4 .   ? 4.691   5.424   -7.990  0.39 29.06  ? 305 H54 A C10 1 
HETATM 1507 C C13 . H54 F 4 .   ? 3.649   5.647   -5.862  0.39 27.71  ? 305 H54 A C13 1 
HETATM 1508 C C1  . H54 F 4 .   ? -2.286  1.646   -6.398  0.39 48.02  ? 305 H54 A C1  1 
HETATM 1509 C C2  . H54 F 4 .   ? -1.329  1.531   -7.559  0.39 44.50  ? 305 H54 A C2  1 
HETATM 1510 C C3  . H54 F 4 .   ? -1.784  1.329   -8.851  0.39 46.35  ? 305 H54 A C3  1 
HETATM 1511 C C9  . H54 F 4 .   ? 3.882   4.881   -6.999  0.39 29.87  ? 305 H54 A C9  1 
HETATM 1512 C C11 . H54 F 4 .   ? 5.205   6.693   -7.811  0.39 28.13  ? 305 H54 A C11 1 
HETATM 1513 C C12 . H54 F 4 .   ? 4.912   7.371   -6.662  0.39 29.46  ? 305 H54 A C12 1 
HETATM 1514 N N2  . H54 F 4 .   ? 4.154   6.864   -5.687  0.39 26.10  ? 305 H54 A N2  1 
HETATM 1515 O O1  . H54 F 4 .   ? 3.067   3.508   -9.376  0.39 39.46  ? 305 H54 A O1  1 
HETATM 1516 C C14 . H54 F 4 .   ? 0.021   1.621   -7.362  0.39 42.94  ? 305 H54 A C14 1 
HETATM 1517 O O   . HOH G 5 .   ? 1.050   -18.080 -11.844 1.00 33.70  ? 401 HOH A O   1 
HETATM 1518 O O   . HOH G 5 .   ? -3.964  -7.181  18.323  1.00 50.48  ? 402 HOH A O   1 
HETATM 1519 O O   . HOH G 5 .   ? 14.526  9.044   -1.023  1.00 51.54  ? 403 HOH A O   1 
HETATM 1520 O O   . HOH G 5 .   ? 14.232  -3.545  13.934  1.00 45.20  ? 404 HOH A O   1 
HETATM 1521 O O   . HOH G 5 .   ? 7.481   -15.828 -13.062 1.00 78.56  ? 405 HOH A O   1 
HETATM 1522 O O   . HOH G 5 .   ? 10.553  -0.422  -12.566 1.00 40.65  ? 406 HOH A O   1 
HETATM 1523 O O   . HOH G 5 .   ? -16.554 3.877   -6.126  1.00 60.40  ? 407 HOH A O   1 
HETATM 1524 O O   . HOH G 5 .   ? 15.141  -0.370  13.926  1.00 32.68  ? 408 HOH A O   1 
HETATM 1525 O O   . HOH G 5 .   ? 2.379   -13.832 13.969  1.00 38.68  ? 409 HOH A O   1 
HETATM 1526 O O   . HOH G 5 .   ? -13.949 -3.229  -2.424  1.00 32.00  ? 410 HOH A O   1 
HETATM 1527 O O   . HOH G 5 .   ? -12.710 3.178   12.771  1.00 41.89  ? 411 HOH A O   1 
HETATM 1528 O O   . HOH G 5 .   ? -6.602  -10.360 -17.516 1.00 27.77  ? 412 HOH A O   1 
HETATM 1529 O O   . HOH G 5 .   ? 5.338   -7.745  18.767  1.00 39.11  ? 413 HOH A O   1 
HETATM 1530 O O   . HOH G 5 .   ? 16.615  -1.628  -11.724 1.00 32.18  ? 414 HOH A O   1 
HETATM 1531 O O   . HOH G 5 .   ? -12.981 4.925   -5.831  1.00 38.86  ? 415 HOH A O   1 
HETATM 1532 O O   . HOH G 5 .   ? -1.848  -17.395 10.347  1.00 37.60  ? 416 HOH A O   1 
HETATM 1533 O O   . HOH G 5 .   ? -0.272  15.843  6.163   1.00 41.49  ? 417 HOH A O   1 
HETATM 1534 O O   . HOH G 5 .   ? -16.192 -9.231  9.719   1.00 39.27  ? 418 HOH A O   1 
HETATM 1535 O O   . HOH G 5 .   ? 0.316   16.818  -0.176  1.00 50.09  ? 419 HOH A O   1 
HETATM 1536 O O   . HOH G 5 .   ? -19.089 4.519   9.244   1.00 47.23  ? 420 HOH A O   1 
HETATM 1537 O O   . HOH G 5 .   ? 5.709   -5.888  -19.704 1.00 41.94  ? 421 HOH A O   1 
HETATM 1538 O O   . HOH G 5 .   ? 8.676   15.393  -2.481  1.00 36.15  ? 422 HOH A O   1 
HETATM 1539 O O   . HOH G 5 .   ? -3.141  -6.261  15.221  1.00 34.42  ? 423 HOH A O   1 
HETATM 1540 O O   . HOH G 5 .   ? -9.273  -11.764 9.204   1.00 27.16  ? 424 HOH A O   1 
HETATM 1541 O O   . HOH G 5 .   ? 7.235   16.195  -6.342  1.00 44.09  ? 425 HOH A O   1 
HETATM 1542 O O   . HOH G 5 .   ? 17.094  -4.960  -8.221  1.00 34.12  ? 426 HOH A O   1 
HETATM 1543 O O   . HOH G 5 .   ? 17.209  5.136   1.945   1.00 44.78  ? 427 HOH A O   1 
HETATM 1544 O O   . HOH G 5 .   ? -6.105  7.465   -4.856  1.00 27.03  ? 428 HOH A O   1 
HETATM 1545 O O   . HOH G 5 .   ? -12.939 7.162   10.788  1.00 44.64  ? 429 HOH A O   1 
HETATM 1546 O O   . HOH G 5 .   ? 6.120   0.173   12.698  1.00 33.24  ? 430 HOH A O   1 
HETATM 1547 O O   . HOH G 5 .   ? 14.967  -6.043  -7.169  1.00 30.55  ? 431 HOH A O   1 
HETATM 1548 O O   . HOH G 5 .   ? -18.128 5.428   6.977   1.00 49.57  ? 432 HOH A O   1 
HETATM 1549 O O   . HOH G 5 .   ? 3.549   -14.193 -0.685  1.00 58.02  ? 433 HOH A O   1 
HETATM 1550 O O   . HOH G 5 .   ? -5.992  10.422  -4.957  1.00 33.50  ? 434 HOH A O   1 
HETATM 1551 O O   . HOH G 5 .   ? 8.382   -5.767  -16.933 1.00 44.45  ? 435 HOH A O   1 
HETATM 1552 O O   . HOH G 5 .   ? -6.034  -19.528 4.760   1.00 42.71  ? 436 HOH A O   1 
HETATM 1553 O O   . HOH G 5 .   ? -5.582  3.884   -6.906  1.00 27.41  ? 437 HOH A O   1 
HETATM 1554 O O   . HOH G 5 .   ? 12.222  -9.932  -13.120 1.00 28.02  ? 438 HOH A O   1 
HETATM 1555 O O   . HOH G 5 .   ? 3.583   -18.828 -10.850 1.00 45.71  ? 439 HOH A O   1 
HETATM 1556 O O   . HOH G 5 .   ? -15.374 0.227   5.312   1.00 33.57  ? 440 HOH A O   1 
HETATM 1557 O O   . HOH G 5 .   ? 0.284   -5.525  21.402  1.00 40.83  ? 441 HOH A O   1 
HETATM 1558 O O   . HOH G 5 .   ? 5.031   -11.347 -18.003 1.00 32.82  ? 442 HOH A O   1 
HETATM 1559 O O   . HOH G 5 .   ? -0.594  -21.387 -10.003 1.00 36.66  ? 443 HOH A O   1 
HETATM 1560 O O   . HOH G 5 .   ? 2.082   20.138  7.520   1.00 38.23  ? 444 HOH A O   1 
HETATM 1561 O O   . HOH G 5 .   ? -4.155  -12.866 14.824  1.00 42.69  ? 445 HOH A O   1 
HETATM 1562 O O   . HOH G 5 .   ? 4.856   -7.440  -10.370 1.00 25.93  ? 446 HOH A O   1 
HETATM 1563 O O   . HOH G 5 .   ? -19.068 9.096   4.755   1.00 44.16  ? 447 HOH A O   1 
HETATM 1564 O O   . HOH G 5 .   ? 18.886  -2.044  -1.354  1.00 58.43  ? 448 HOH A O   1 
HETATM 1565 O O   . HOH G 5 .   ? -11.761 -4.307  18.114  1.00 36.28  ? 449 HOH A O   1 
HETATM 1566 O O   . HOH G 5 .   ? 0.651   -14.691 -7.109  1.00 37.97  ? 450 HOH A O   1 
HETATM 1567 O O   . HOH G 5 .   ? -6.793  10.193  12.302  1.00 38.53  ? 451 HOH A O   1 
HETATM 1568 O O   . HOH G 5 .   ? -13.342 2.251   -5.862  1.00 44.54  ? 452 HOH A O   1 
HETATM 1569 O O   . HOH G 5 .   ? 1.684   -12.248 -8.468  1.00 45.20  ? 453 HOH A O   1 
HETATM 1570 O O   . HOH G 5 .   ? 12.270  -1.546  0.180   1.00 34.09  ? 454 HOH A O   1 
HETATM 1571 O O   . HOH G 5 .   ? -1.771  11.945  7.494   1.00 50.63  ? 455 HOH A O   1 
HETATM 1572 O O   . HOH G 5 .   ? 5.989   9.790   -16.144 1.00 69.91  ? 456 HOH A O   1 
HETATM 1573 O O   . HOH G 5 .   ? -4.603  22.700  6.963   1.00 38.38  ? 457 HOH A O   1 
HETATM 1574 O O   . HOH G 5 .   ? -7.291  16.618  -1.203  1.00 57.99  ? 458 HOH A O   1 
HETATM 1575 O O   . HOH G 5 .   ? 12.204  -10.973 -2.923  1.00 42.65  ? 459 HOH A O   1 
HETATM 1576 O O   . HOH G 5 .   ? -15.294 -6.543  19.761  1.00 29.56  ? 460 HOH A O   1 
HETATM 1577 O O   . HOH G 5 .   ? -11.909 14.247  5.956   1.00 49.85  ? 461 HOH A O   1 
HETATM 1578 O O   . HOH G 5 .   ? 15.039  13.160  -7.269  1.00 50.21  ? 462 HOH A O   1 
HETATM 1579 O O   . HOH G 5 .   ? -4.949  -8.286  14.123  1.00 31.48  ? 463 HOH A O   1 
HETATM 1580 O O   . HOH G 5 .   ? 12.876  -7.298  3.184   1.00 40.53  ? 464 HOH A O   1 
HETATM 1581 O O   . HOH G 5 .   ? -8.934  -7.816  -10.448 1.00 33.84  ? 465 HOH A O   1 
HETATM 1582 O O   . HOH G 5 .   ? 4.880   -14.431 6.495   1.00 48.61  ? 466 HOH A O   1 
HETATM 1583 O O   . HOH G 5 .   ? 4.949   17.221  -7.719  1.00 45.67  ? 467 HOH A O   1 
HETATM 1584 O O   . HOH G 5 .   ? 0.906   -12.466 -22.879 1.00 44.85  ? 468 HOH A O   1 
HETATM 1585 O O   . HOH G 5 .   ? 3.905   2.753   -11.989 1.00 51.46  ? 469 HOH A O   1 
HETATM 1586 O O   . HOH G 5 .   ? 8.175   4.350   10.504  1.00 44.35  ? 470 HOH A O   1 
HETATM 1587 O O   . HOH G 5 .   ? 14.192  -5.537  -4.507  1.00 30.06  ? 471 HOH A O   1 
HETATM 1588 O O   . HOH G 5 .   ? -2.967  8.139   14.541  1.00 52.62  ? 472 HOH A O   1 
HETATM 1589 O O   . HOH G 5 .   ? 1.739   15.098  9.582   1.00 44.01  ? 473 HOH A O   1 
HETATM 1590 O O   . HOH G 5 .   ? 2.432   -8.587  -10.944 1.00 22.36  ? 474 HOH A O   1 
HETATM 1591 O O   . HOH G 5 .   ? 12.052  14.783  0.633   1.00 43.01  ? 475 HOH A O   1 
HETATM 1592 O O   . HOH G 5 .   ? 7.217   1.777   -12.674 1.00 36.19  ? 476 HOH A O   1 
HETATM 1593 O O   . HOH G 5 .   ? 10.773  -9.291  3.880   1.00 37.56  ? 477 HOH A O   1 
HETATM 1594 O O   . HOH G 5 .   ? -6.233  20.222  2.722   1.00 42.21  ? 478 HOH A O   1 
HETATM 1595 O O   . HOH G 5 .   ? 9.290   -6.869  11.292  1.00 36.22  ? 479 HOH A O   1 
HETATM 1596 O O   . HOH G 5 .   ? -10.157 -4.062  15.768  1.00 29.12  ? 480 HOH A O   1 
HETATM 1597 O O   . HOH G 5 .   ? 1.664   -12.521 -13.446 1.00 25.59  ? 481 HOH A O   1 
HETATM 1598 O O   . HOH G 5 .   ? 15.671  0.895   -5.400  1.00 33.69  ? 482 HOH A O   1 
HETATM 1599 O O   . HOH G 5 .   ? 9.885   -4.540  9.878   1.00 34.50  ? 483 HOH A O   1 
HETATM 1600 O O   . HOH G 5 .   ? 10.589  -2.319  -16.262 1.00 39.09  ? 484 HOH A O   1 
HETATM 1601 O O   . HOH G 5 .   ? 1.430   11.466  7.983   1.00 33.49  ? 485 HOH A O   1 
HETATM 1602 O O   . HOH G 5 .   ? -4.440  -1.007  15.008  1.00 31.67  ? 486 HOH A O   1 
HETATM 1603 O O   . HOH G 5 .   ? 6.762   -13.521 -7.972  1.00 35.94  ? 487 HOH A O   1 
HETATM 1604 O O   . HOH G 5 .   ? -5.793  1.985   13.293  1.00 27.69  ? 488 HOH A O   1 
HETATM 1605 O O   . HOH G 5 .   ? -3.160  6.798   -7.720  1.00 59.28  ? 489 HOH A O   1 
HETATM 1606 O O   . HOH G 5 .   ? 7.883   8.286   7.449   1.00 47.23  ? 490 HOH A O   1 
HETATM 1607 O O   . HOH G 5 .   ? 7.193   -14.352 -10.832 1.00 54.48  ? 491 HOH A O   1 
HETATM 1608 O O   . HOH G 5 .   ? 14.677  7.083   13.043  1.00 58.60  ? 492 HOH A O   1 
HETATM 1609 O O   . HOH G 5 .   ? 9.380   -16.069 -4.959  1.00 50.44  ? 493 HOH A O   1 
HETATM 1610 O O   . HOH G 5 .   ? 15.479  1.261   10.509  1.00 39.03  ? 494 HOH A O   1 
HETATM 1611 O O   . HOH G 5 .   ? 6.044   -7.021  -17.108 1.00 30.96  ? 495 HOH A O   1 
HETATM 1612 O O   . HOH G 5 .   ? -7.695  2.747   -9.475  1.00 39.34  ? 496 HOH A O   1 
HETATM 1613 O O   . HOH G 5 .   ? -10.606 12.383  8.368   1.00 37.63  ? 497 HOH A O   1 
HETATM 1614 O O   . HOH G 5 .   ? -6.709  4.022   14.826  1.00 36.90  ? 498 HOH A O   1 
HETATM 1615 O O   . HOH G 5 .   ? -5.141  -7.405  -24.446 1.00 45.49  ? 499 HOH A O   1 
HETATM 1616 O O   . HOH G 5 .   ? 2.633   -1.758  -18.929 1.00 57.58  ? 500 HOH A O   1 
HETATM 1617 O O   . HOH G 5 .   ? -10.765 -6.408  -13.688 1.00 39.44  ? 501 HOH A O   1 
HETATM 1618 O O   . HOH G 5 .   ? -9.651  -2.590  -16.365 1.00 43.51  ? 502 HOH A O   1 
HETATM 1619 O O   . HOH G 5 .   ? 15.267  7.204   -2.538  1.00 45.18  ? 503 HOH A O   1 
HETATM 1620 O O   . HOH G 5 .   ? 5.354   -13.485 -16.371 1.00 50.56  ? 504 HOH A O   1 
HETATM 1621 O O   . HOH G 5 .   ? 7.249   -12.597 -4.565  1.00 31.51  ? 505 HOH A O   1 
HETATM 1622 O O   . HOH G 5 .   ? 20.332  -1.009  2.661   1.00 60.04  ? 506 HOH A O   1 
HETATM 1623 O O   . HOH G 5 .   ? -16.813 -1.023  7.316   1.00 48.93  ? 507 HOH A O   1 
HETATM 1624 O O   . HOH G 5 .   ? -4.066  -9.352  -22.977 1.00 34.10  ? 508 HOH A O   1 
HETATM 1625 O O   . HOH G 5 .   ? 12.375  -4.200  10.076  1.00 47.27  ? 509 HOH A O   1 
HETATM 1626 O O   . HOH G 5 .   ? 4.052   7.736   -14.928 1.00 64.96  ? 510 HOH A O   1 
HETATM 1627 O O   . HOH G 5 .   ? 18.693  -3.023  3.356   1.00 53.50  ? 511 HOH A O   1 
HETATM 1628 O O   . HOH G 5 .   ? 15.157  0.722   -10.338 1.00 47.05  ? 512 HOH A O   1 
HETATM 1629 O O   . HOH G 5 .   ? 15.526  -3.488  -3.423  1.00 46.77  ? 513 HOH A O   1 
HETATM 1630 O O   . HOH G 5 .   ? 9.540   -14.951 -10.086 1.00 49.70  ? 514 HOH A O   1 
HETATM 1631 O O   . HOH G 5 .   ? -9.302  -16.038 7.479   1.00 45.50  ? 515 HOH A O   1 
HETATM 1632 O O   . HOH G 5 .   ? 13.163  4.793   18.695  1.00 45.74  ? 516 HOH A O   1 
HETATM 1633 O O   . HOH G 5 .   ? -0.750  -9.727  -21.820 1.00 45.31  ? 517 HOH A O   1 
HETATM 1634 O O   . HOH G 5 .   ? 0.805   -17.394 11.353  1.00 50.68  ? 518 HOH A O   1 
HETATM 1635 O O   . HOH G 5 .   ? -15.137 -6.991  22.573  1.00 45.21  ? 519 HOH A O   1 
HETATM 1636 O O   . HOH G 5 .   ? -11.060 6.049   -8.910  1.00 57.26  ? 520 HOH A O   1 
HETATM 1637 O O   . HOH G 5 .   ? 10.348  4.830   17.066  1.00 48.17  ? 521 HOH A O   1 
HETATM 1638 O O   . HOH G 5 .   ? 7.508   6.331   -9.788  1.00 71.76  ? 522 HOH A O   1 
HETATM 1639 O O   . HOH G 5 .   ? 10.982  -7.119  -17.149 1.00 48.66  ? 523 HOH A O   1 
HETATM 1640 O O   . HOH G 5 .   ? 4.519   -13.657 -5.595  1.00 45.55  ? 524 HOH A O   1 
HETATM 1641 O O   . HOH G 5 .   ? 8.227   15.881  0.146   1.00 36.71  ? 525 HOH A O   1 
HETATM 1642 O O   . HOH G 5 .   ? -5.691  -10.596 15.602  1.00 52.03  ? 526 HOH A O   1 
HETATM 1643 O O   . HOH G 5 .   ? -7.312  12.087  -6.532  1.00 57.47  ? 527 HOH A O   1 
HETATM 1644 O O   . HOH G 5 .   ? 13.432  -15.595 -4.863  1.00 60.53  ? 528 HOH A O   1 
HETATM 1645 O O   . HOH G 5 .   ? -5.832  21.247  12.060  1.00 50.78  ? 529 HOH A O   1 
HETATM 1646 O O   . HOH G 5 .   ? 7.061   -13.439 -14.555 1.00 59.83  ? 530 HOH A O   1 
HETATM 1647 O O   . HOH G 5 .   ? 16.753  3.151   -4.707  1.00 46.54  ? 531 HOH A O   1 
HETATM 1648 O O   . HOH G 5 .   ? -3.173  16.314  17.097  1.00 60.45  ? 532 HOH A O   1 
HETATM 1649 O O   . HOH G 5 .   ? 16.989  -1.963  -4.709  1.00 54.30  ? 533 HOH A O   1 
HETATM 1650 O O   . HOH G 5 .   ? -21.183 2.475   10.223  1.00 53.56  ? 534 HOH A O   1 
HETATM 1651 O O   . HOH G 5 .   ? -16.698 -5.286  23.900  1.00 42.78  ? 535 HOH A O   1 
HETATM 1652 O O   . HOH G 5 .   ? 6.860   -9.713  -17.194 1.00 49.11  ? 536 HOH A O   1 
HETATM 1653 O O   . HOH G 5 .   ? 5.964   8.759   -18.607 1.00 58.07  ? 537 HOH A O   1 
HETATM 1654 O O   . HOH G 5 .   ? -5.150  9.593   14.571  1.00 45.37  ? 538 HOH A O   1 
HETATM 1655 O O   . HOH G 5 .   ? 18.746  -4.962  10.246  1.00 47.56  ? 539 HOH A O   1 
HETATM 1656 O O   . HOH G 5 .   ? -5.103  -15.199 13.097  1.00 49.15  ? 540 HOH A O   1 
HETATM 1657 O O   . HOH G 5 .   ? -8.833  6.116   13.384  1.00 45.22  ? 541 HOH A O   1 
HETATM 1658 O O   . HOH G 5 .   ? -1.547  -18.975 8.144   1.00 53.40  ? 542 HOH A O   1 
HETATM 1659 O O   . HOH G 5 .   ? -8.462  5.760   -9.265  1.00 39.08  ? 543 HOH A O   1 
HETATM 1660 O O   . HOH G 5 .   ? -4.367  -3.826  15.754  1.00 44.59  ? 544 HOH A O   1 
HETATM 1661 O O   . HOH G 5 .   ? -2.184  4.443   -8.324  1.00 53.87  ? 545 HOH A O   1 
HETATM 1662 O O   . HOH G 5 .   ? 5.386   -12.892 0.531   1.00 50.34  ? 546 HOH A O   1 
HETATM 1663 O O   . HOH G 5 .   ? -8.702  7.864   11.866  1.00 37.45  ? 547 HOH A O   1 
HETATM 1664 O O   . HOH G 5 .   ? -9.559  -1.297  -9.683  1.00 64.10  ? 548 HOH A O   1 
HETATM 1665 O O   . HOH G 5 .   ? -7.103  0.022   15.171  1.00 39.53  ? 549 HOH A O   1 
HETATM 1666 O O   . HOH G 5 .   ? 16.603  0.879   -7.984  1.00 45.01  ? 550 HOH A O   1 
HETATM 1667 O O   . HOH G 5 .   ? 7.053   -13.007 -1.601  1.00 57.02  ? 551 HOH A O   1 
HETATM 1668 O O   . HOH G 5 .   ? -11.490 2.991   -10.111 1.00 65.47  ? 552 HOH A O   1 
HETATM 1669 O O   . HOH G 5 .   ? -0.318  0.421   -13.115 1.00 64.08  ? 553 HOH A O   1 
HETATM 1670 O O   . HOH G 5 .   ? -8.382  3.083   16.504  1.00 49.43  ? 554 HOH A O   1 
HETATM 1671 O O   . HOH G 5 .   ? 19.206  -1.701  -11.317 1.00 51.13  ? 555 HOH A O   1 
HETATM 1672 O O   . HOH G 5 .   ? -11.409 8.899   11.537  1.00 47.91  ? 556 HOH A O   1 
HETATM 1673 O O   . HOH G 5 .   ? -9.970  -1.126  15.095  1.00 33.98  ? 557 HOH A O   1 
HETATM 1674 O O   . HOH G 5 .   ? 10.661  -10.099 0.134   1.00 53.53  ? 558 HOH A O   1 
HETATM 1675 O O   . HOH G 5 .   ? -10.883 2.918   16.317  1.00 35.82  ? 559 HOH A O   1 
# 
loop_
_pdbx_poly_seq_scheme.asym_id 
_pdbx_poly_seq_scheme.entity_id 
_pdbx_poly_seq_scheme.seq_id 
_pdbx_poly_seq_scheme.mon_id 
_pdbx_poly_seq_scheme.ndb_seq_num 
_pdbx_poly_seq_scheme.pdb_seq_num 
_pdbx_poly_seq_scheme.auth_seq_num 
_pdbx_poly_seq_scheme.pdb_mon_id 
_pdbx_poly_seq_scheme.auth_mon_id 
_pdbx_poly_seq_scheme.pdb_strand_id 
_pdbx_poly_seq_scheme.pdb_ins_code 
_pdbx_poly_seq_scheme.hetero 
A 1 1   SER 1   15  15  SER SER A . n 
A 1 2   MET 2   16  16  MET MET A . n 
A 1 3   LEU 3   17  17  LEU LEU A . n 
A 1 4   ASP 4   18  18  ASP ASP A . n 
A 1 5   ASP 5   19  19  ASP ASP A . n 
A 1 6   ALA 6   20  20  ALA ALA A . n 
A 1 7   LYS 7   21  21  LYS LYS A . n 
A 1 8   ALA 8   22  22  ALA ALA A . n 
A 1 9   ARG 9   23  23  ARG ARG A . n 
A 1 10  LEU 10  24  24  LEU LEU A . n 
A 1 11  ARG 11  25  25  ARG ARG A . n 
A 1 12  LYS 12  26  26  LYS LYS A . n 
A 1 13  TYR 13  27  27  TYR TYR A . n 
A 1 14  ASP 14  28  28  ASP ASP A . n 
A 1 15  ILE 15  29  29  ILE ILE A . n 
A 1 16  GLY 16  30  30  GLY GLY A . n 
A 1 17  GLY 17  31  31  GLY GLY A . n 
A 1 18  LYS 18  32  32  LYS LYS A . n 
A 1 19  TYR 19  33  33  TYR TYR A . n 
A 1 20  SER 20  34  34  SER SER A . n 
A 1 21  HIS 21  35  35  HIS HIS A . n 
A 1 22  LEU 22  36  36  LEU LEU A . n 
A 1 23  PRO 23  37  37  PRO PRO A . n 
A 1 24  TYR 24  38  38  TYR TYR A . n 
A 1 25  ASN 25  39  39  ASN ASN A . n 
A 1 26  LYS 26  40  40  LYS LYS A . n 
A 1 27  TYR 27  41  41  TYR TYR A . n 
A 1 28  SER 28  42  42  SER SER A . n 
A 1 29  VAL 29  43  43  VAL VAL A . n 
A 1 30  LEU 30  44  44  LEU LEU A . n 
A 1 31  LEU 31  45  45  LEU LEU A . n 
A 1 32  PRO 32  46  46  PRO PRO A . n 
A 1 33  LEU 33  47  47  LEU LEU A . n 
A 1 34  VAL 34  48  48  VAL VAL A . n 
A 1 35  ALA 35  49  49  ALA ALA A . n 
A 1 36  LYS 36  50  50  LYS LYS A . n 
A 1 37  GLU 37  51  51  GLU GLU A . n 
A 1 38  GLY 38  52  52  GLY GLY A . n 
A 1 39  LYS 39  53  53  LYS LYS A . n 
A 1 40  LEU 40  54  54  LEU LEU A . n 
A 1 41  HIS 41  55  55  HIS HIS A . n 
A 1 42  LEU 42  56  56  LEU LEU A . n 
A 1 43  LEU 43  57  57  LEU LEU A . n 
A 1 44  PHE 44  58  58  PHE PHE A . n 
A 1 45  THR 45  59  59  THR THR A . n 
A 1 46  VAL 46  60  60  VAL VAL A . n 
A 1 47  ARG 47  61  61  ARG ARG A . n 
A 1 48  SER 48  62  62  SER SER A . n 
A 1 49  GLU 49  63  63  GLU GLU A . n 
A 1 50  LYS 50  64  64  LYS LYS A . n 
A 1 51  LEU 51  65  65  LEU LEU A . n 
A 1 52  ARG 52  66  66  ARG ARG A . n 
A 1 53  ARG 53  67  67  ARG ARG A . n 
A 1 54  ALA 54  68  68  ALA ALA A . n 
A 1 55  PRO 55  69  69  PRO PRO A . n 
A 1 56  GLY 56  70  70  GLY GLY A . n 
A 1 57  GLU 57  71  71  GLU GLU A . n 
A 1 58  VAL 58  72  72  VAL VAL A . n 
A 1 59  CYS 59  73  73  CYS CYS A . n 
A 1 60  PHE 60  74  74  PHE PHE A . n 
A 1 61  PRO 61  75  75  PRO PRO A . n 
A 1 62  GLY 62  76  76  GLY GLY A . n 
A 1 63  GLY 63  77  77  GLY GLY A . n 
A 1 64  LYS 64  78  78  LYS LYS A . n 
A 1 65  ARG 65  79  79  ARG ARG A . n 
A 1 66  ASP 66  80  80  ASP ASP A . n 
A 1 67  PRO 67  81  81  PRO PRO A . n 
A 1 68  THR 68  82  82  THR THR A . n 
A 1 69  ASP 69  83  83  ASP ASP A . n 
A 1 70  MET 70  84  84  MET MET A . n 
A 1 71  ASP 71  85  85  ASP ASP A . n 
A 1 72  ASP 72  86  86  ASP ASP A . n 
A 1 73  ALA 73  87  87  ALA ALA A . n 
A 1 74  ALA 74  88  88  ALA ALA A . n 
A 1 75  THR 75  89  89  THR THR A . n 
A 1 76  ALA 76  90  90  ALA ALA A . n 
A 1 77  LEU 77  91  91  LEU LEU A . n 
A 1 78  ARG 78  92  92  ARG ARG A . n 
A 1 79  GLU 79  93  93  GLU GLU A . n 
A 1 80  ALA 80  94  94  ALA ALA A . n 
A 1 81  GLN 81  95  95  GLN GLN A . n 
A 1 82  GLU 82  96  96  GLU GLU A . n 
A 1 83  GLU 83  97  97  GLU GLU A . n 
A 1 84  VAL 84  98  98  VAL VAL A . n 
A 1 85  GLY 85  99  99  GLY GLY A . n 
A 1 86  LEU 86  100 100 LEU LEU A . n 
A 1 87  ARG 87  101 101 ARG ARG A . n 
A 1 88  HYP 88  102 102 HYP HYP A . n 
A 1 89  HIS 89  103 103 HIS HIS A . n 
A 1 90  GLN 90  104 104 GLN GLN A . n 
A 1 91  VAL 91  105 105 VAL VAL A . n 
A 1 92  GLU 92  106 106 GLU GLU A . n 
A 1 93  VAL 93  107 107 VAL VAL A . n 
A 1 94  VAL 94  108 108 VAL VAL A . n 
A 1 95  CSO 95  109 109 CSO CSO A . n 
A 1 96  CYS 96  110 110 CYS CYS A . n 
A 1 97  LEU 97  111 111 LEU LEU A . n 
A 1 98  VAL 98  112 112 VAL VAL A . n 
A 1 99  PRO 99  113 113 PRO PRO A . n 
A 1 100 CYS 100 114 114 CYS CYS A . n 
A 1 101 LEU 101 115 115 LEU LEU A . n 
A 1 102 ILE 102 116 116 ILE ILE A . n 
A 1 103 ASP 103 117 117 ASP ASP A . n 
A 1 104 THR 104 118 118 THR THR A . n 
A 1 105 ASP 105 119 119 ASP ASP A . n 
A 1 106 THR 106 120 120 THR THR A . n 
A 1 107 LEU 107 121 121 LEU LEU A . n 
A 1 108 ILE 108 122 122 ILE ILE A . n 
A 1 109 THR 109 123 123 THR THR A . n 
A 1 110 PRO 110 124 124 PRO PRO A . n 
A 1 111 PHE 111 125 125 PHE PHE A . n 
A 1 112 VAL 112 126 126 VAL VAL A . n 
A 1 113 GLY 113 127 127 GLY GLY A . n 
A 1 114 LEU 114 128 128 LEU LEU A . n 
A 1 115 ILE 115 129 129 ILE ILE A . n 
A 1 116 ASP 116 130 130 ASP ASP A . n 
A 1 117 HIS 117 131 131 HIS HIS A . n 
A 1 118 ASN 118 132 132 ASN ASN A . n 
A 1 119 PHE 119 133 133 PHE PHE A . n 
A 1 120 GLN 120 134 134 GLN GLN A . n 
A 1 121 ALA 121 135 135 ALA ALA A . n 
A 1 122 GLN 122 136 136 GLN GLN A . n 
A 1 123 PRO 123 137 137 PRO PRO A . n 
A 1 124 ASN 124 138 138 ASN ASN A . n 
A 1 125 PRO 125 139 139 PRO PRO A . n 
A 1 126 ALA 126 140 140 ALA ALA A . n 
A 1 127 GLU 127 141 141 GLU GLU A . n 
A 1 128 VAL 128 142 142 VAL VAL A . n 
A 1 129 LYS 129 143 143 LYS LYS A . n 
A 1 130 ASP 130 144 144 ASP ASP A . n 
A 1 131 VAL 131 145 145 VAL VAL A . n 
A 1 132 PHE 132 146 146 PHE PHE A . n 
A 1 133 LEU 133 147 147 LEU LEU A . n 
A 1 134 VAL 134 148 148 VAL VAL A . n 
A 1 135 PRO 135 149 149 PRO PRO A . n 
A 1 136 LEU 136 150 150 LEU LEU A . n 
A 1 137 ALA 137 151 151 ALA ALA A . n 
A 1 138 TYR 138 152 152 TYR TYR A . n 
A 1 139 PHE 139 153 153 PHE PHE A . n 
A 1 140 LEU 140 154 154 LEU LEU A . n 
A 1 141 HIS 141 155 155 HIS HIS A . n 
A 1 142 PRO 142 156 156 PRO PRO A . n 
A 1 143 GLN 143 157 157 GLN GLN A . n 
A 1 144 VAL 144 158 158 VAL VAL A . n 
A 1 145 HIS 145 159 159 HIS HIS A . n 
A 1 146 ASP 146 160 160 ASP ASP A . n 
A 1 147 GLN 147 161 161 GLN GLN A . n 
A 1 148 HIS 148 162 ?   ?   ?   A . n 
A 1 149 TYR 149 163 ?   ?   ?   A . n 
A 1 150 VAL 150 164 ?   ?   ?   A . n 
A 1 151 THR 151 165 ?   ?   ?   A . n 
A 1 152 ARG 152 166 ?   ?   ?   A . n 
A 1 153 LEU 153 167 ?   ?   ?   A . n 
A 1 154 GLY 154 168 ?   ?   ?   A . n 
A 1 155 HIS 155 169 ?   ?   ?   A . n 
A 1 156 ARG 156 170 ?   ?   ?   A . n 
A 1 157 PHE 157 171 ?   ?   ?   A . n 
A 1 158 ILE 158 172 172 ILE ILE A . n 
A 1 159 ASN 159 173 173 ASN ASN A . n 
A 1 160 HIS 160 174 174 HIS HIS A . n 
A 1 161 ILE 161 175 175 ILE ILE A . n 
A 1 162 PHE 162 176 176 PHE PHE A . n 
A 1 163 GLU 163 177 177 GLU GLU A . n 
A 1 164 TYR 164 178 178 TYR TYR A . n 
A 1 165 THR 165 179 179 THR THR A . n 
A 1 166 ASN 166 180 180 ASN ASN A . n 
A 1 167 PRO 167 181 181 PRO PRO A . n 
A 1 168 GLU 168 182 182 GLU GLU A . n 
A 1 169 ASP 169 183 183 ASP ASP A . n 
A 1 170 GLY 170 184 184 GLY GLY A . n 
A 1 171 VAL 171 185 185 VAL VAL A . n 
A 1 172 THR 172 186 186 THR THR A . n 
A 1 173 TYR 173 187 187 TYR TYR A . n 
A 1 174 GLN 174 188 188 GLN GLN A . n 
A 1 175 ILE 175 189 189 ILE ILE A . n 
A 1 176 LYS 176 190 190 LYS LYS A . n 
A 1 177 GLY 177 191 191 GLY GLY A . n 
A 1 178 MET 178 192 192 MET MET A . n 
A 1 179 THR 179 193 193 THR THR A . n 
A 1 180 ALA 180 194 194 ALA ALA A . n 
A 1 181 ASN 181 195 195 ASN ASN A . n 
A 1 182 LEU 182 196 196 LEU LEU A . n 
A 1 183 ALA 183 197 197 ALA ALA A . n 
A 1 184 VAL 184 198 198 VAL VAL A . n 
A 1 185 LEU 185 199 199 LEU LEU A . n 
A 1 186 VAL 186 200 200 VAL VAL A . n 
A 1 187 ALA 187 201 201 ALA ALA A . n 
A 1 188 PHE 188 202 202 PHE PHE A . n 
A 1 189 ILE 189 203 203 ILE ILE A . n 
A 1 190 ILE 190 204 204 ILE ILE A . n 
A 1 191 LEU 191 205 205 LEU LEU A . n 
A 1 192 GLU 192 206 206 GLU GLU A . n 
A 1 193 LYS 193 207 207 LYS LYS A . n 
A 1 194 LYS 194 208 208 LYS LYS A . n 
A 1 195 PRO 195 209 209 PRO PRO A . n 
A 1 196 THR 196 210 210 THR THR A . n 
# 
loop_
_pdbx_nonpoly_scheme.asym_id 
_pdbx_nonpoly_scheme.entity_id 
_pdbx_nonpoly_scheme.mon_id 
_pdbx_nonpoly_scheme.ndb_seq_num 
_pdbx_nonpoly_scheme.pdb_seq_num 
_pdbx_nonpoly_scheme.auth_seq_num 
_pdbx_nonpoly_scheme.pdb_mon_id 
_pdbx_nonpoly_scheme.auth_mon_id 
_pdbx_nonpoly_scheme.pdb_strand_id 
_pdbx_nonpoly_scheme.pdb_ins_code 
B 2 ACT 1   301 1   ACT ACT A . 
C 2 ACT 1   302 2   ACT ACT A . 
D 3 DMS 1   303 1   DMS DMS A . 
E 3 DMS 1   304 2   DMS DMS A . 
F 4 H54 1   305 1   H54 LIG A . 
G 5 HOH 1   401 9   HOH HOH A . 
G 5 HOH 2   402 166 HOH HOH A . 
G 5 HOH 3   403 69  HOH HOH A . 
G 5 HOH 4   404 143 HOH HOH A . 
G 5 HOH 5   405 203 HOH HOH A . 
G 5 HOH 6   406 79  HOH HOH A . 
G 5 HOH 7   407 162 HOH HOH A . 
G 5 HOH 8   408 13  HOH HOH A . 
G 5 HOH 9   409 113 HOH HOH A . 
G 5 HOH 10  410 64  HOH HOH A . 
G 5 HOH 11  411 197 HOH HOH A . 
G 5 HOH 12  412 53  HOH HOH A . 
G 5 HOH 13  413 199 HOH HOH A . 
G 5 HOH 14  414 26  HOH HOH A . 
G 5 HOH 15  415 124 HOH HOH A . 
G 5 HOH 16  416 109 HOH HOH A . 
G 5 HOH 17  417 134 HOH HOH A . 
G 5 HOH 18  418 94  HOH HOH A . 
G 5 HOH 19  419 80  HOH HOH A . 
G 5 HOH 20  420 167 HOH HOH A . 
G 5 HOH 21  421 140 HOH HOH A . 
G 5 HOH 22  422 15  HOH HOH A . 
G 5 HOH 23  423 101 HOH HOH A . 
G 5 HOH 24  424 105 HOH HOH A . 
G 5 HOH 25  425 48  HOH HOH A . 
G 5 HOH 26  426 19  HOH HOH A . 
G 5 HOH 27  427 35  HOH HOH A . 
G 5 HOH 28  428 97  HOH HOH A . 
G 5 HOH 29  429 117 HOH HOH A . 
G 5 HOH 30  430 108 HOH HOH A . 
G 5 HOH 31  431 6   HOH HOH A . 
G 5 HOH 32  432 118 HOH HOH A . 
G 5 HOH 33  433 62  HOH HOH A . 
G 5 HOH 34  434 102 HOH HOH A . 
G 5 HOH 35  435 157 HOH HOH A . 
G 5 HOH 36  436 146 HOH HOH A . 
G 5 HOH 37  437 20  HOH HOH A . 
G 5 HOH 38  438 10  HOH HOH A . 
G 5 HOH 39  439 202 HOH HOH A . 
G 5 HOH 40  440 104 HOH HOH A . 
G 5 HOH 41  441 137 HOH HOH A . 
G 5 HOH 42  442 36  HOH HOH A . 
G 5 HOH 43  443 25  HOH HOH A . 
G 5 HOH 44  444 116 HOH HOH A . 
G 5 HOH 45  445 153 HOH HOH A . 
G 5 HOH 46  446 14  HOH HOH A . 
G 5 HOH 47  447 139 HOH HOH A . 
G 5 HOH 48  448 182 HOH HOH A . 
G 5 HOH 49  449 24  HOH HOH A . 
G 5 HOH 50  450 38  HOH HOH A . 
G 5 HOH 51  451 103 HOH HOH A . 
G 5 HOH 52  452 125 HOH HOH A . 
G 5 HOH 53  453 59  HOH HOH A . 
G 5 HOH 54  454 39  HOH HOH A . 
G 5 HOH 55  455 179 HOH HOH A . 
G 5 HOH 56  456 201 HOH HOH A . 
G 5 HOH 57  457 193 HOH HOH A . 
G 5 HOH 58  458 186 HOH HOH A . 
G 5 HOH 59  459 34  HOH HOH A . 
G 5 HOH 60  460 12  HOH HOH A . 
G 5 HOH 61  461 158 HOH HOH A . 
G 5 HOH 62  462 61  HOH HOH A . 
G 5 HOH 63  463 99  HOH HOH A . 
G 5 HOH 64  464 22  HOH HOH A . 
G 5 HOH 65  465 7   HOH HOH A . 
G 5 HOH 66  466 49  HOH HOH A . 
G 5 HOH 67  467 46  HOH HOH A . 
G 5 HOH 68  468 152 HOH HOH A . 
G 5 HOH 69  469 51  HOH HOH A . 
G 5 HOH 70  470 58  HOH HOH A . 
G 5 HOH 71  471 1   HOH HOH A . 
G 5 HOH 72  472 176 HOH HOH A . 
G 5 HOH 73  473 200 HOH HOH A . 
G 5 HOH 74  474 8   HOH HOH A . 
G 5 HOH 75  475 110 HOH HOH A . 
G 5 HOH 76  476 56  HOH HOH A . 
G 5 HOH 77  477 37  HOH HOH A . 
G 5 HOH 78  478 154 HOH HOH A . 
G 5 HOH 79  479 85  HOH HOH A . 
G 5 HOH 80  480 45  HOH HOH A . 
G 5 HOH 81  481 2   HOH HOH A . 
G 5 HOH 82  482 55  HOH HOH A . 
G 5 HOH 83  483 28  HOH HOH A . 
G 5 HOH 84  484 42  HOH HOH A . 
G 5 HOH 85  485 96  HOH HOH A . 
G 5 HOH 86  486 170 HOH HOH A . 
G 5 HOH 87  487 31  HOH HOH A . 
G 5 HOH 88  488 98  HOH HOH A . 
G 5 HOH 89  489 208 HOH HOH A . 
G 5 HOH 90  490 159 HOH HOH A . 
G 5 HOH 91  491 75  HOH HOH A . 
G 5 HOH 92  492 71  HOH HOH A . 
G 5 HOH 93  493 78  HOH HOH A . 
G 5 HOH 94  494 27  HOH HOH A . 
G 5 HOH 95  495 17  HOH HOH A . 
G 5 HOH 96  496 30  HOH HOH A . 
G 5 HOH 97  497 121 HOH HOH A . 
G 5 HOH 98  498 106 HOH HOH A . 
G 5 HOH 99  499 72  HOH HOH A . 
G 5 HOH 100 500 141 HOH HOH A . 
G 5 HOH 101 501 23  HOH HOH A . 
G 5 HOH 102 502 43  HOH HOH A . 
G 5 HOH 103 503 5   HOH HOH A . 
G 5 HOH 104 504 149 HOH HOH A . 
G 5 HOH 105 505 21  HOH HOH A . 
G 5 HOH 106 506 88  HOH HOH A . 
G 5 HOH 107 507 147 HOH HOH A . 
G 5 HOH 108 508 138 HOH HOH A . 
G 5 HOH 109 509 145 HOH HOH A . 
G 5 HOH 110 510 206 HOH HOH A . 
G 5 HOH 111 511 111 HOH HOH A . 
G 5 HOH 112 512 50  HOH HOH A . 
G 5 HOH 113 513 191 HOH HOH A . 
G 5 HOH 114 514 63  HOH HOH A . 
G 5 HOH 115 515 119 HOH HOH A . 
G 5 HOH 116 516 155 HOH HOH A . 
G 5 HOH 117 517 194 HOH HOH A . 
G 5 HOH 118 518 126 HOH HOH A . 
G 5 HOH 119 519 57  HOH HOH A . 
G 5 HOH 120 520 178 HOH HOH A . 
G 5 HOH 121 521 122 HOH HOH A . 
G 5 HOH 122 522 196 HOH HOH A . 
G 5 HOH 123 523 129 HOH HOH A . 
G 5 HOH 124 524 44  HOH HOH A . 
G 5 HOH 125 525 16  HOH HOH A . 
G 5 HOH 126 526 161 HOH HOH A . 
G 5 HOH 127 527 150 HOH HOH A . 
G 5 HOH 128 528 205 HOH HOH A . 
G 5 HOH 129 529 172 HOH HOH A . 
G 5 HOH 130 530 173 HOH HOH A . 
G 5 HOH 131 531 66  HOH HOH A . 
G 5 HOH 132 532 204 HOH HOH A . 
G 5 HOH 133 533 169 HOH HOH A . 
G 5 HOH 134 534 177 HOH HOH A . 
G 5 HOH 135 535 174 HOH HOH A . 
G 5 HOH 136 536 144 HOH HOH A . 
G 5 HOH 137 537 207 HOH HOH A . 
G 5 HOH 138 538 184 HOH HOH A . 
G 5 HOH 139 539 29  HOH HOH A . 
G 5 HOH 140 540 123 HOH HOH A . 
G 5 HOH 141 541 192 HOH HOH A . 
G 5 HOH 142 542 168 HOH HOH A . 
G 5 HOH 143 543 52  HOH HOH A . 
G 5 HOH 144 544 127 HOH HOH A . 
G 5 HOH 145 545 93  HOH HOH A . 
G 5 HOH 146 546 190 HOH HOH A . 
G 5 HOH 147 547 188 HOH HOH A . 
G 5 HOH 148 548 195 HOH HOH A . 
G 5 HOH 149 549 171 HOH HOH A . 
G 5 HOH 150 550 131 HOH HOH A . 
G 5 HOH 151 551 132 HOH HOH A . 
G 5 HOH 152 552 185 HOH HOH A . 
G 5 HOH 153 553 163 HOH HOH A . 
G 5 HOH 154 554 148 HOH HOH A . 
G 5 HOH 155 555 165 HOH HOH A . 
G 5 HOH 156 556 130 HOH HOH A . 
G 5 HOH 157 557 68  HOH HOH A . 
G 5 HOH 158 558 164 HOH HOH A . 
G 5 HOH 159 559 115 HOH HOH A . 
# 
loop_
_pdbx_struct_mod_residue.id 
_pdbx_struct_mod_residue.label_asym_id 
_pdbx_struct_mod_residue.label_comp_id 
_pdbx_struct_mod_residue.label_seq_id 
_pdbx_struct_mod_residue.auth_asym_id 
_pdbx_struct_mod_residue.auth_comp_id 
_pdbx_struct_mod_residue.auth_seq_id 
_pdbx_struct_mod_residue.PDB_ins_code 
_pdbx_struct_mod_residue.parent_comp_id 
_pdbx_struct_mod_residue.details 
1 A HYP 88 A HYP 102 ? PRO 'modified residue' 
2 A CSO 95 A CSO 109 ? CYS 'modified residue' 
# 
_pdbx_struct_assembly.id                   1 
_pdbx_struct_assembly.details              author_and_software_defined_assembly 
_pdbx_struct_assembly.method_details       PISA 
_pdbx_struct_assembly.oligomeric_details   monomeric 
_pdbx_struct_assembly.oligomeric_count     1 
# 
_pdbx_struct_assembly_gen.assembly_id       1 
_pdbx_struct_assembly_gen.oper_expression   1 
_pdbx_struct_assembly_gen.asym_id_list      A,B,C,D,E,F,G 
# 
loop_
_pdbx_struct_assembly_prop.biol_id 
_pdbx_struct_assembly_prop.type 
_pdbx_struct_assembly_prop.value 
_pdbx_struct_assembly_prop.details 
1 'ABSA (A^2)' 770   ? 
1 MORE         4     ? 
1 'SSA (A^2)'  10230 ? 
# 
_pdbx_struct_oper_list.id                   1 
_pdbx_struct_oper_list.type                 'identity operation' 
_pdbx_struct_oper_list.name                 1_555 
_pdbx_struct_oper_list.symmetry_operation   x,y,z 
_pdbx_struct_oper_list.matrix[1][1]         1.0000000000 
_pdbx_struct_oper_list.matrix[1][2]         0.0000000000 
_pdbx_struct_oper_list.matrix[1][3]         0.0000000000 
_pdbx_struct_oper_list.vector[1]            0.0000000000 
_pdbx_struct_oper_list.matrix[2][1]         0.0000000000 
_pdbx_struct_oper_list.matrix[2][2]         1.0000000000 
_pdbx_struct_oper_list.matrix[2][3]         0.0000000000 
_pdbx_struct_oper_list.vector[2]            0.0000000000 
_pdbx_struct_oper_list.matrix[3][1]         0.0000000000 
_pdbx_struct_oper_list.matrix[3][2]         0.0000000000 
_pdbx_struct_oper_list.matrix[3][3]         1.0000000000 
_pdbx_struct_oper_list.vector[3]            0.0000000000 
# 
loop_
_pdbx_audit_revision_history.ordinal 
_pdbx_audit_revision_history.data_content_type 
_pdbx_audit_revision_history.major_revision 
_pdbx_audit_revision_history.minor_revision 
_pdbx_audit_revision_history.revision_date 
1 'Structure model' 1 0 2019-03-27 
2 'Structure model' 1 1 2023-11-15 
# 
_pdbx_audit_revision_details.ordinal             1 
_pdbx_audit_revision_details.revision_ordinal    1 
_pdbx_audit_revision_details.data_content_type   'Structure model' 
_pdbx_audit_revision_details.provider            repository 
_pdbx_audit_revision_details.type                'Initial release' 
_pdbx_audit_revision_details.description         ? 
_pdbx_audit_revision_details.details             ? 
# 
loop_
_pdbx_audit_revision_group.ordinal 
_pdbx_audit_revision_group.revision_ordinal 
_pdbx_audit_revision_group.data_content_type 
_pdbx_audit_revision_group.group 
1 2 'Structure model' 'Data collection'     
2 2 'Structure model' 'Database references' 
# 
loop_
_pdbx_audit_revision_category.ordinal 
_pdbx_audit_revision_category.revision_ordinal 
_pdbx_audit_revision_category.data_content_type 
_pdbx_audit_revision_category.category 
1 2 'Structure model' chem_comp_atom 
2 2 'Structure model' chem_comp_bond 
3 2 'Structure model' database_2     
# 
loop_
_pdbx_audit_revision_item.ordinal 
_pdbx_audit_revision_item.revision_ordinal 
_pdbx_audit_revision_item.data_content_type 
_pdbx_audit_revision_item.item 
1 2 'Structure model' '_database_2.pdbx_DOI'                
2 2 'Structure model' '_database_2.pdbx_database_accession' 
# 
_phasing.method   MR 
# 
loop_
_software.pdbx_ordinal 
_software.name 
_software.version 
_software.date 
_software.type 
_software.contact_author 
_software.contact_author_email 
_software.classification 
_software.location 
_software.language 
_software.citation_id 
1 REFMAC      5.8.0189 ?               program 'Garib N. Murshudov' garib@ysbl.york.ac.uk    refinement        
http://www.ccp4.ac.uk/dist/html/refmac5.html        Fortran_77 ? 
2 Aimless     0.5.32   29/03/17        program 'Phil Evans'         ?                        'data scaling'    
http://www.mrc-lmb.cam.ac.uk/harry/pre/aimless.html ?          ? 
3 PDB_EXTRACT 3.23     'SEP. 23, 2016' package PDB                  deposit@deposit.rcsb.org 'data extraction' 
http://sw-tools.pdb.org/apps/PDB_EXTRACT/           C++        ? 
4 XDS         .        ?               program ?                    ?                        'data reduction'  ? ?          ? 
5 REFMAC      .        ?               program ?                    ?                        phasing           ? ?          ? 
# 
_pdbx_validate_torsion.id              1 
_pdbx_validate_torsion.PDB_model_num   1 
_pdbx_validate_torsion.auth_comp_id    THR 
_pdbx_validate_torsion.auth_asym_id    A 
_pdbx_validate_torsion.auth_seq_id     118 
_pdbx_validate_torsion.PDB_ins_code    ? 
_pdbx_validate_torsion.label_alt_id    ? 
_pdbx_validate_torsion.phi             72.38 
_pdbx_validate_torsion.psi             -17.96 
# 
loop_
_pdbx_unobs_or_zero_occ_atoms.id 
_pdbx_unobs_or_zero_occ_atoms.PDB_model_num 
_pdbx_unobs_or_zero_occ_atoms.polymer_flag 
_pdbx_unobs_or_zero_occ_atoms.occupancy_flag 
_pdbx_unobs_or_zero_occ_atoms.auth_asym_id 
_pdbx_unobs_or_zero_occ_atoms.auth_comp_id 
_pdbx_unobs_or_zero_occ_atoms.auth_seq_id 
_pdbx_unobs_or_zero_occ_atoms.PDB_ins_code 
_pdbx_unobs_or_zero_occ_atoms.auth_atom_id 
_pdbx_unobs_or_zero_occ_atoms.label_alt_id 
_pdbx_unobs_or_zero_occ_atoms.label_asym_id 
_pdbx_unobs_or_zero_occ_atoms.label_comp_id 
_pdbx_unobs_or_zero_occ_atoms.label_seq_id 
_pdbx_unobs_or_zero_occ_atoms.label_atom_id 
1 1 Y 1 A GLN 161 ? CG  ? A GLN 147 CG  
2 1 Y 1 A GLN 161 ? CD  ? A GLN 147 CD  
3 1 Y 1 A GLN 161 ? OE1 ? A GLN 147 OE1 
4 1 Y 1 A GLN 161 ? NE2 ? A GLN 147 NE2 
# 
loop_
_pdbx_unobs_or_zero_occ_residues.id 
_pdbx_unobs_or_zero_occ_residues.PDB_model_num 
_pdbx_unobs_or_zero_occ_residues.polymer_flag 
_pdbx_unobs_or_zero_occ_residues.occupancy_flag 
_pdbx_unobs_or_zero_occ_residues.auth_asym_id 
_pdbx_unobs_or_zero_occ_residues.auth_comp_id 
_pdbx_unobs_or_zero_occ_residues.auth_seq_id 
_pdbx_unobs_or_zero_occ_residues.PDB_ins_code 
_pdbx_unobs_or_zero_occ_residues.label_asym_id 
_pdbx_unobs_or_zero_occ_residues.label_comp_id 
_pdbx_unobs_or_zero_occ_residues.label_seq_id 
1  1 Y 1 A HIS 162 ? A HIS 148 
2  1 Y 1 A TYR 163 ? A TYR 149 
3  1 Y 1 A VAL 164 ? A VAL 150 
4  1 Y 1 A THR 165 ? A THR 151 
5  1 Y 1 A ARG 166 ? A ARG 152 
6  1 Y 1 A LEU 167 ? A LEU 153 
7  1 Y 1 A GLY 168 ? A GLY 154 
8  1 Y 1 A HIS 169 ? A HIS 155 
9  1 Y 1 A ARG 170 ? A ARG 156 
10 1 Y 1 A PHE 171 ? A PHE 157 
# 
loop_
_chem_comp_atom.comp_id 
_chem_comp_atom.atom_id 
_chem_comp_atom.type_symbol 
_chem_comp_atom.pdbx_aromatic_flag 
_chem_comp_atom.pdbx_stereo_config 
_chem_comp_atom.pdbx_ordinal 
ACT C    C N N 1   
ACT O    O N N 2   
ACT OXT  O N N 3   
ACT CH3  C N N 4   
ACT H1   H N N 5   
ACT H2   H N N 6   
ACT H3   H N N 7   
ALA N    N N N 8   
ALA CA   C N S 9   
ALA C    C N N 10  
ALA O    O N N 11  
ALA CB   C N N 12  
ALA OXT  O N N 13  
ALA H    H N N 14  
ALA H2   H N N 15  
ALA HA   H N N 16  
ALA HB1  H N N 17  
ALA HB2  H N N 18  
ALA HB3  H N N 19  
ALA HXT  H N N 20  
ARG N    N N N 21  
ARG CA   C N S 22  
ARG C    C N N 23  
ARG O    O N N 24  
ARG CB   C N N 25  
ARG CG   C N N 26  
ARG CD   C N N 27  
ARG NE   N N N 28  
ARG CZ   C N N 29  
ARG NH1  N N N 30  
ARG NH2  N N N 31  
ARG OXT  O N N 32  
ARG H    H N N 33  
ARG H2   H N N 34  
ARG HA   H N N 35  
ARG HB2  H N N 36  
ARG HB3  H N N 37  
ARG HG2  H N N 38  
ARG HG3  H N N 39  
ARG HD2  H N N 40  
ARG HD3  H N N 41  
ARG HE   H N N 42  
ARG HH11 H N N 43  
ARG HH12 H N N 44  
ARG HH21 H N N 45  
ARG HH22 H N N 46  
ARG HXT  H N N 47  
ASN N    N N N 48  
ASN CA   C N S 49  
ASN C    C N N 50  
ASN O    O N N 51  
ASN CB   C N N 52  
ASN CG   C N N 53  
ASN OD1  O N N 54  
ASN ND2  N N N 55  
ASN OXT  O N N 56  
ASN H    H N N 57  
ASN H2   H N N 58  
ASN HA   H N N 59  
ASN HB2  H N N 60  
ASN HB3  H N N 61  
ASN HD21 H N N 62  
ASN HD22 H N N 63  
ASN HXT  H N N 64  
ASP N    N N N 65  
ASP CA   C N S 66  
ASP C    C N N 67  
ASP O    O N N 68  
ASP CB   C N N 69  
ASP CG   C N N 70  
ASP OD1  O N N 71  
ASP OD2  O N N 72  
ASP OXT  O N N 73  
ASP H    H N N 74  
ASP H2   H N N 75  
ASP HA   H N N 76  
ASP HB2  H N N 77  
ASP HB3  H N N 78  
ASP HD2  H N N 79  
ASP HXT  H N N 80  
CSO N    N N N 81  
CSO CA   C N R 82  
CSO CB   C N N 83  
CSO SG   S N N 84  
CSO C    C N N 85  
CSO O    O N N 86  
CSO OXT  O N N 87  
CSO OD   O N N 88  
CSO H    H N N 89  
CSO H2   H N N 90  
CSO HA   H N N 91  
CSO HB2  H N N 92  
CSO HB3  H N N 93  
CSO HXT  H N N 94  
CSO HD   H N N 95  
CYS N    N N N 96  
CYS CA   C N R 97  
CYS C    C N N 98  
CYS O    O N N 99  
CYS CB   C N N 100 
CYS SG   S N N 101 
CYS OXT  O N N 102 
CYS H    H N N 103 
CYS H2   H N N 104 
CYS HA   H N N 105 
CYS HB2  H N N 106 
CYS HB3  H N N 107 
CYS HG   H N N 108 
CYS HXT  H N N 109 
DMS S    S N N 110 
DMS O    O N N 111 
DMS C1   C N N 112 
DMS C2   C N N 113 
DMS H11  H N N 114 
DMS H12  H N N 115 
DMS H13  H N N 116 
DMS H21  H N N 117 
DMS H22  H N N 118 
DMS H23  H N N 119 
GLN N    N N N 120 
GLN CA   C N S 121 
GLN C    C N N 122 
GLN O    O N N 123 
GLN CB   C N N 124 
GLN CG   C N N 125 
GLN CD   C N N 126 
GLN OE1  O N N 127 
GLN NE2  N N N 128 
GLN OXT  O N N 129 
GLN H    H N N 130 
GLN H2   H N N 131 
GLN HA   H N N 132 
GLN HB2  H N N 133 
GLN HB3  H N N 134 
GLN HG2  H N N 135 
GLN HG3  H N N 136 
GLN HE21 H N N 137 
GLN HE22 H N N 138 
GLN HXT  H N N 139 
GLU N    N N N 140 
GLU CA   C N S 141 
GLU C    C N N 142 
GLU O    O N N 143 
GLU CB   C N N 144 
GLU CG   C N N 145 
GLU CD   C N N 146 
GLU OE1  O N N 147 
GLU OE2  O N N 148 
GLU OXT  O N N 149 
GLU H    H N N 150 
GLU H2   H N N 151 
GLU HA   H N N 152 
GLU HB2  H N N 153 
GLU HB3  H N N 154 
GLU HG2  H N N 155 
GLU HG3  H N N 156 
GLU HE2  H N N 157 
GLU HXT  H N N 158 
GLY N    N N N 159 
GLY CA   C N N 160 
GLY C    C N N 161 
GLY O    O N N 162 
GLY OXT  O N N 163 
GLY H    H N N 164 
GLY H2   H N N 165 
GLY HA2  H N N 166 
GLY HA3  H N N 167 
GLY HXT  H N N 168 
H54 N1   N N N 169 
H54 C4   C Y N 170 
H54 C5   C Y N 171 
H54 C6   C Y N 172 
H54 C7   C N N 173 
H54 C8   C N N 174 
H54 C10  C Y N 175 
H54 C13  C Y N 176 
H54 C1   C N N 177 
H54 C2   C Y N 178 
H54 C3   C Y N 179 
H54 C9   C Y N 180 
H54 C11  C Y N 181 
H54 C12  C Y N 182 
H54 N2   N Y N 183 
H54 O1   O N N 184 
H54 C14  C Y N 185 
H54 H1   H N N 186 
H54 H2   H N N 187 
H54 H3   H N N 188 
H54 H4   H N N 189 
H54 H5   H N N 190 
H54 H6   H N N 191 
H54 H7   H N N 192 
H54 H8   H N N 193 
H54 H9   H N N 194 
H54 H10  H N N 195 
H54 H11  H N N 196 
H54 H12  H N N 197 
H54 H13  H N N 198 
H54 H14  H N N 199 
HIS N    N N N 200 
HIS CA   C N S 201 
HIS C    C N N 202 
HIS O    O N N 203 
HIS CB   C N N 204 
HIS CG   C Y N 205 
HIS ND1  N Y N 206 
HIS CD2  C Y N 207 
HIS CE1  C Y N 208 
HIS NE2  N Y N 209 
HIS OXT  O N N 210 
HIS H    H N N 211 
HIS H2   H N N 212 
HIS HA   H N N 213 
HIS HB2  H N N 214 
HIS HB3  H N N 215 
HIS HD1  H N N 216 
HIS HD2  H N N 217 
HIS HE1  H N N 218 
HIS HE2  H N N 219 
HIS HXT  H N N 220 
HOH O    O N N 221 
HOH H1   H N N 222 
HOH H2   H N N 223 
HYP N    N N N 224 
HYP CA   C N S 225 
HYP C    C N N 226 
HYP O    O N N 227 
HYP CB   C N N 228 
HYP CG   C N R 229 
HYP CD   C N N 230 
HYP OD1  O N N 231 
HYP OXT  O N N 232 
HYP H    H N N 233 
HYP HA   H N N 234 
HYP HB2  H N N 235 
HYP HB3  H N N 236 
HYP HG   H N N 237 
HYP HD22 H N N 238 
HYP HD23 H N N 239 
HYP HD1  H N N 240 
HYP HXT  H N N 241 
ILE N    N N N 242 
ILE CA   C N S 243 
ILE C    C N N 244 
ILE O    O N N 245 
ILE CB   C N S 246 
ILE CG1  C N N 247 
ILE CG2  C N N 248 
ILE CD1  C N N 249 
ILE OXT  O N N 250 
ILE H    H N N 251 
ILE H2   H N N 252 
ILE HA   H N N 253 
ILE HB   H N N 254 
ILE HG12 H N N 255 
ILE HG13 H N N 256 
ILE HG21 H N N 257 
ILE HG22 H N N 258 
ILE HG23 H N N 259 
ILE HD11 H N N 260 
ILE HD12 H N N 261 
ILE HD13 H N N 262 
ILE HXT  H N N 263 
LEU N    N N N 264 
LEU CA   C N S 265 
LEU C    C N N 266 
LEU O    O N N 267 
LEU CB   C N N 268 
LEU CG   C N N 269 
LEU CD1  C N N 270 
LEU CD2  C N N 271 
LEU OXT  O N N 272 
LEU H    H N N 273 
LEU H2   H N N 274 
LEU HA   H N N 275 
LEU HB2  H N N 276 
LEU HB3  H N N 277 
LEU HG   H N N 278 
LEU HD11 H N N 279 
LEU HD12 H N N 280 
LEU HD13 H N N 281 
LEU HD21 H N N 282 
LEU HD22 H N N 283 
LEU HD23 H N N 284 
LEU HXT  H N N 285 
LYS N    N N N 286 
LYS CA   C N S 287 
LYS C    C N N 288 
LYS O    O N N 289 
LYS CB   C N N 290 
LYS CG   C N N 291 
LYS CD   C N N 292 
LYS CE   C N N 293 
LYS NZ   N N N 294 
LYS OXT  O N N 295 
LYS H    H N N 296 
LYS H2   H N N 297 
LYS HA   H N N 298 
LYS HB2  H N N 299 
LYS HB3  H N N 300 
LYS HG2  H N N 301 
LYS HG3  H N N 302 
LYS HD2  H N N 303 
LYS HD3  H N N 304 
LYS HE2  H N N 305 
LYS HE3  H N N 306 
LYS HZ1  H N N 307 
LYS HZ2  H N N 308 
LYS HZ3  H N N 309 
LYS HXT  H N N 310 
MET N    N N N 311 
MET CA   C N S 312 
MET C    C N N 313 
MET O    O N N 314 
MET CB   C N N 315 
MET CG   C N N 316 
MET SD   S N N 317 
MET CE   C N N 318 
MET OXT  O N N 319 
MET H    H N N 320 
MET H2   H N N 321 
MET HA   H N N 322 
MET HB2  H N N 323 
MET HB3  H N N 324 
MET HG2  H N N 325 
MET HG3  H N N 326 
MET HE1  H N N 327 
MET HE2  H N N 328 
MET HE3  H N N 329 
MET HXT  H N N 330 
PHE N    N N N 331 
PHE CA   C N S 332 
PHE C    C N N 333 
PHE O    O N N 334 
PHE CB   C N N 335 
PHE CG   C Y N 336 
PHE CD1  C Y N 337 
PHE CD2  C Y N 338 
PHE CE1  C Y N 339 
PHE CE2  C Y N 340 
PHE CZ   C Y N 341 
PHE OXT  O N N 342 
PHE H    H N N 343 
PHE H2   H N N 344 
PHE HA   H N N 345 
PHE HB2  H N N 346 
PHE HB3  H N N 347 
PHE HD1  H N N 348 
PHE HD2  H N N 349 
PHE HE1  H N N 350 
PHE HE2  H N N 351 
PHE HZ   H N N 352 
PHE HXT  H N N 353 
PRO N    N N N 354 
PRO CA   C N S 355 
PRO C    C N N 356 
PRO O    O N N 357 
PRO CB   C N N 358 
PRO CG   C N N 359 
PRO CD   C N N 360 
PRO OXT  O N N 361 
PRO H    H N N 362 
PRO HA   H N N 363 
PRO HB2  H N N 364 
PRO HB3  H N N 365 
PRO HG2  H N N 366 
PRO HG3  H N N 367 
PRO HD2  H N N 368 
PRO HD3  H N N 369 
PRO HXT  H N N 370 
SER N    N N N 371 
SER CA   C N S 372 
SER C    C N N 373 
SER O    O N N 374 
SER CB   C N N 375 
SER OG   O N N 376 
SER OXT  O N N 377 
SER H    H N N 378 
SER H2   H N N 379 
SER HA   H N N 380 
SER HB2  H N N 381 
SER HB3  H N N 382 
SER HG   H N N 383 
SER HXT  H N N 384 
THR N    N N N 385 
THR CA   C N S 386 
THR C    C N N 387 
THR O    O N N 388 
THR CB   C N R 389 
THR OG1  O N N 390 
THR CG2  C N N 391 
THR OXT  O N N 392 
THR H    H N N 393 
THR H2   H N N 394 
THR HA   H N N 395 
THR HB   H N N 396 
THR HG1  H N N 397 
THR HG21 H N N 398 
THR HG22 H N N 399 
THR HG23 H N N 400 
THR HXT  H N N 401 
TYR N    N N N 402 
TYR CA   C N S 403 
TYR C    C N N 404 
TYR O    O N N 405 
TYR CB   C N N 406 
TYR CG   C Y N 407 
TYR CD1  C Y N 408 
TYR CD2  C Y N 409 
TYR CE1  C Y N 410 
TYR CE2  C Y N 411 
TYR CZ   C Y N 412 
TYR OH   O N N 413 
TYR OXT  O N N 414 
TYR H    H N N 415 
TYR H2   H N N 416 
TYR HA   H N N 417 
TYR HB2  H N N 418 
TYR HB3  H N N 419 
TYR HD1  H N N 420 
TYR HD2  H N N 421 
TYR HE1  H N N 422 
TYR HE2  H N N 423 
TYR HH   H N N 424 
TYR HXT  H N N 425 
VAL N    N N N 426 
VAL CA   C N S 427 
VAL C    C N N 428 
VAL O    O N N 429 
VAL CB   C N N 430 
VAL CG1  C N N 431 
VAL CG2  C N N 432 
VAL OXT  O N N 433 
VAL H    H N N 434 
VAL H2   H N N 435 
VAL HA   H N N 436 
VAL HB   H N N 437 
VAL HG11 H N N 438 
VAL HG12 H N N 439 
VAL HG13 H N N 440 
VAL HG21 H N N 441 
VAL HG22 H N N 442 
VAL HG23 H N N 443 
VAL HXT  H N N 444 
# 
loop_
_chem_comp_bond.comp_id 
_chem_comp_bond.atom_id_1 
_chem_comp_bond.atom_id_2 
_chem_comp_bond.value_order 
_chem_comp_bond.pdbx_aromatic_flag 
_chem_comp_bond.pdbx_stereo_config 
_chem_comp_bond.pdbx_ordinal 
ACT C   O    doub N N 1   
ACT C   OXT  sing N N 2   
ACT C   CH3  sing N N 3   
ACT CH3 H1   sing N N 4   
ACT CH3 H2   sing N N 5   
ACT CH3 H3   sing N N 6   
ALA N   CA   sing N N 7   
ALA N   H    sing N N 8   
ALA N   H2   sing N N 9   
ALA CA  C    sing N N 10  
ALA CA  CB   sing N N 11  
ALA CA  HA   sing N N 12  
ALA C   O    doub N N 13  
ALA C   OXT  sing N N 14  
ALA CB  HB1  sing N N 15  
ALA CB  HB2  sing N N 16  
ALA CB  HB3  sing N N 17  
ALA OXT HXT  sing N N 18  
ARG N   CA   sing N N 19  
ARG N   H    sing N N 20  
ARG N   H2   sing N N 21  
ARG CA  C    sing N N 22  
ARG CA  CB   sing N N 23  
ARG CA  HA   sing N N 24  
ARG C   O    doub N N 25  
ARG C   OXT  sing N N 26  
ARG CB  CG   sing N N 27  
ARG CB  HB2  sing N N 28  
ARG CB  HB3  sing N N 29  
ARG CG  CD   sing N N 30  
ARG CG  HG2  sing N N 31  
ARG CG  HG3  sing N N 32  
ARG CD  NE   sing N N 33  
ARG CD  HD2  sing N N 34  
ARG CD  HD3  sing N N 35  
ARG NE  CZ   sing N N 36  
ARG NE  HE   sing N N 37  
ARG CZ  NH1  sing N N 38  
ARG CZ  NH2  doub N N 39  
ARG NH1 HH11 sing N N 40  
ARG NH1 HH12 sing N N 41  
ARG NH2 HH21 sing N N 42  
ARG NH2 HH22 sing N N 43  
ARG OXT HXT  sing N N 44  
ASN N   CA   sing N N 45  
ASN N   H    sing N N 46  
ASN N   H2   sing N N 47  
ASN CA  C    sing N N 48  
ASN CA  CB   sing N N 49  
ASN CA  HA   sing N N 50  
ASN C   O    doub N N 51  
ASN C   OXT  sing N N 52  
ASN CB  CG   sing N N 53  
ASN CB  HB2  sing N N 54  
ASN CB  HB3  sing N N 55  
ASN CG  OD1  doub N N 56  
ASN CG  ND2  sing N N 57  
ASN ND2 HD21 sing N N 58  
ASN ND2 HD22 sing N N 59  
ASN OXT HXT  sing N N 60  
ASP N   CA   sing N N 61  
ASP N   H    sing N N 62  
ASP N   H2   sing N N 63  
ASP CA  C    sing N N 64  
ASP CA  CB   sing N N 65  
ASP CA  HA   sing N N 66  
ASP C   O    doub N N 67  
ASP C   OXT  sing N N 68  
ASP CB  CG   sing N N 69  
ASP CB  HB2  sing N N 70  
ASP CB  HB3  sing N N 71  
ASP CG  OD1  doub N N 72  
ASP CG  OD2  sing N N 73  
ASP OD2 HD2  sing N N 74  
ASP OXT HXT  sing N N 75  
CSO N   CA   sing N N 76  
CSO N   H    sing N N 77  
CSO N   H2   sing N N 78  
CSO CA  CB   sing N N 79  
CSO CA  C    sing N N 80  
CSO CA  HA   sing N N 81  
CSO CB  SG   sing N N 82  
CSO CB  HB2  sing N N 83  
CSO CB  HB3  sing N N 84  
CSO SG  OD   sing N N 85  
CSO C   O    doub N N 86  
CSO C   OXT  sing N N 87  
CSO OXT HXT  sing N N 88  
CSO OD  HD   sing N N 89  
CYS N   CA   sing N N 90  
CYS N   H    sing N N 91  
CYS N   H2   sing N N 92  
CYS CA  C    sing N N 93  
CYS CA  CB   sing N N 94  
CYS CA  HA   sing N N 95  
CYS C   O    doub N N 96  
CYS C   OXT  sing N N 97  
CYS CB  SG   sing N N 98  
CYS CB  HB2  sing N N 99  
CYS CB  HB3  sing N N 100 
CYS SG  HG   sing N N 101 
CYS OXT HXT  sing N N 102 
DMS S   O    doub N N 103 
DMS S   C1   sing N N 104 
DMS S   C2   sing N N 105 
DMS C1  H11  sing N N 106 
DMS C1  H12  sing N N 107 
DMS C1  H13  sing N N 108 
DMS C2  H21  sing N N 109 
DMS C2  H22  sing N N 110 
DMS C2  H23  sing N N 111 
GLN N   CA   sing N N 112 
GLN N   H    sing N N 113 
GLN N   H2   sing N N 114 
GLN CA  C    sing N N 115 
GLN CA  CB   sing N N 116 
GLN CA  HA   sing N N 117 
GLN C   O    doub N N 118 
GLN C   OXT  sing N N 119 
GLN CB  CG   sing N N 120 
GLN CB  HB2  sing N N 121 
GLN CB  HB3  sing N N 122 
GLN CG  CD   sing N N 123 
GLN CG  HG2  sing N N 124 
GLN CG  HG3  sing N N 125 
GLN CD  OE1  doub N N 126 
GLN CD  NE2  sing N N 127 
GLN NE2 HE21 sing N N 128 
GLN NE2 HE22 sing N N 129 
GLN OXT HXT  sing N N 130 
GLU N   CA   sing N N 131 
GLU N   H    sing N N 132 
GLU N   H2   sing N N 133 
GLU CA  C    sing N N 134 
GLU CA  CB   sing N N 135 
GLU CA  HA   sing N N 136 
GLU C   O    doub N N 137 
GLU C   OXT  sing N N 138 
GLU CB  CG   sing N N 139 
GLU CB  HB2  sing N N 140 
GLU CB  HB3  sing N N 141 
GLU CG  CD   sing N N 142 
GLU CG  HG2  sing N N 143 
GLU CG  HG3  sing N N 144 
GLU CD  OE1  doub N N 145 
GLU CD  OE2  sing N N 146 
GLU OE2 HE2  sing N N 147 
GLU OXT HXT  sing N N 148 
GLY N   CA   sing N N 149 
GLY N   H    sing N N 150 
GLY N   H2   sing N N 151 
GLY CA  C    sing N N 152 
GLY CA  HA2  sing N N 153 
GLY CA  HA3  sing N N 154 
GLY C   O    doub N N 155 
GLY C   OXT  sing N N 156 
GLY OXT HXT  sing N N 157 
H54 C11 C10  doub Y N 158 
H54 C11 C12  sing Y N 159 
H54 C10 C9   sing Y N 160 
H54 O1  C8   doub N N 161 
H54 C12 N2   doub Y N 162 
H54 C8  C7   sing N N 163 
H54 C8  N1   sing N N 164 
H54 C9  N1   sing N N 165 
H54 C9  C13  doub Y N 166 
H54 C7  C6   sing N N 167 
H54 C5  C6   doub Y N 168 
H54 C5  C4   sing Y N 169 
H54 N2  C13  sing Y N 170 
H54 C6  C14  sing Y N 171 
H54 C4  C3   doub Y N 172 
H54 C14 C2   doub Y N 173 
H54 C3  C2   sing Y N 174 
H54 C2  C1   sing N N 175 
H54 N1  H1   sing N N 176 
H54 C4  H2   sing N N 177 
H54 C5  H3   sing N N 178 
H54 C7  H4   sing N N 179 
H54 C7  H5   sing N N 180 
H54 C10 H6   sing N N 181 
H54 C13 H7   sing N N 182 
H54 C1  H8   sing N N 183 
H54 C1  H9   sing N N 184 
H54 C1  H10  sing N N 185 
H54 C3  H11  sing N N 186 
H54 C11 H12  sing N N 187 
H54 C12 H13  sing N N 188 
H54 C14 H14  sing N N 189 
HIS N   CA   sing N N 190 
HIS N   H    sing N N 191 
HIS N   H2   sing N N 192 
HIS CA  C    sing N N 193 
HIS CA  CB   sing N N 194 
HIS CA  HA   sing N N 195 
HIS C   O    doub N N 196 
HIS C   OXT  sing N N 197 
HIS CB  CG   sing N N 198 
HIS CB  HB2  sing N N 199 
HIS CB  HB3  sing N N 200 
HIS CG  ND1  sing Y N 201 
HIS CG  CD2  doub Y N 202 
HIS ND1 CE1  doub Y N 203 
HIS ND1 HD1  sing N N 204 
HIS CD2 NE2  sing Y N 205 
HIS CD2 HD2  sing N N 206 
HIS CE1 NE2  sing Y N 207 
HIS CE1 HE1  sing N N 208 
HIS NE2 HE2  sing N N 209 
HIS OXT HXT  sing N N 210 
HOH O   H1   sing N N 211 
HOH O   H2   sing N N 212 
HYP N   CA   sing N N 213 
HYP N   CD   sing N N 214 
HYP N   H    sing N N 215 
HYP CA  C    sing N N 216 
HYP CA  CB   sing N N 217 
HYP CA  HA   sing N N 218 
HYP C   O    doub N N 219 
HYP C   OXT  sing N N 220 
HYP CB  CG   sing N N 221 
HYP CB  HB2  sing N N 222 
HYP CB  HB3  sing N N 223 
HYP CG  CD   sing N N 224 
HYP CG  OD1  sing N N 225 
HYP CG  HG   sing N N 226 
HYP CD  HD22 sing N N 227 
HYP CD  HD23 sing N N 228 
HYP OD1 HD1  sing N N 229 
HYP OXT HXT  sing N N 230 
ILE N   CA   sing N N 231 
ILE N   H    sing N N 232 
ILE N   H2   sing N N 233 
ILE CA  C    sing N N 234 
ILE CA  CB   sing N N 235 
ILE CA  HA   sing N N 236 
ILE C   O    doub N N 237 
ILE C   OXT  sing N N 238 
ILE CB  CG1  sing N N 239 
ILE CB  CG2  sing N N 240 
ILE CB  HB   sing N N 241 
ILE CG1 CD1  sing N N 242 
ILE CG1 HG12 sing N N 243 
ILE CG1 HG13 sing N N 244 
ILE CG2 HG21 sing N N 245 
ILE CG2 HG22 sing N N 246 
ILE CG2 HG23 sing N N 247 
ILE CD1 HD11 sing N N 248 
ILE CD1 HD12 sing N N 249 
ILE CD1 HD13 sing N N 250 
ILE OXT HXT  sing N N 251 
LEU N   CA   sing N N 252 
LEU N   H    sing N N 253 
LEU N   H2   sing N N 254 
LEU CA  C    sing N N 255 
LEU CA  CB   sing N N 256 
LEU CA  HA   sing N N 257 
LEU C   O    doub N N 258 
LEU C   OXT  sing N N 259 
LEU CB  CG   sing N N 260 
LEU CB  HB2  sing N N 261 
LEU CB  HB3  sing N N 262 
LEU CG  CD1  sing N N 263 
LEU CG  CD2  sing N N 264 
LEU CG  HG   sing N N 265 
LEU CD1 HD11 sing N N 266 
LEU CD1 HD12 sing N N 267 
LEU CD1 HD13 sing N N 268 
LEU CD2 HD21 sing N N 269 
LEU CD2 HD22 sing N N 270 
LEU CD2 HD23 sing N N 271 
LEU OXT HXT  sing N N 272 
LYS N   CA   sing N N 273 
LYS N   H    sing N N 274 
LYS N   H2   sing N N 275 
LYS CA  C    sing N N 276 
LYS CA  CB   sing N N 277 
LYS CA  HA   sing N N 278 
LYS C   O    doub N N 279 
LYS C   OXT  sing N N 280 
LYS CB  CG   sing N N 281 
LYS CB  HB2  sing N N 282 
LYS CB  HB3  sing N N 283 
LYS CG  CD   sing N N 284 
LYS CG  HG2  sing N N 285 
LYS CG  HG3  sing N N 286 
LYS CD  CE   sing N N 287 
LYS CD  HD2  sing N N 288 
LYS CD  HD3  sing N N 289 
LYS CE  NZ   sing N N 290 
LYS CE  HE2  sing N N 291 
LYS CE  HE3  sing N N 292 
LYS NZ  HZ1  sing N N 293 
LYS NZ  HZ2  sing N N 294 
LYS NZ  HZ3  sing N N 295 
LYS OXT HXT  sing N N 296 
MET N   CA   sing N N 297 
MET N   H    sing N N 298 
MET N   H2   sing N N 299 
MET CA  C    sing N N 300 
MET CA  CB   sing N N 301 
MET CA  HA   sing N N 302 
MET C   O    doub N N 303 
MET C   OXT  sing N N 304 
MET CB  CG   sing N N 305 
MET CB  HB2  sing N N 306 
MET CB  HB3  sing N N 307 
MET CG  SD   sing N N 308 
MET CG  HG2  sing N N 309 
MET CG  HG3  sing N N 310 
MET SD  CE   sing N N 311 
MET CE  HE1  sing N N 312 
MET CE  HE2  sing N N 313 
MET CE  HE3  sing N N 314 
MET OXT HXT  sing N N 315 
PHE N   CA   sing N N 316 
PHE N   H    sing N N 317 
PHE N   H2   sing N N 318 
PHE CA  C    sing N N 319 
PHE CA  CB   sing N N 320 
PHE CA  HA   sing N N 321 
PHE C   O    doub N N 322 
PHE C   OXT  sing N N 323 
PHE CB  CG   sing N N 324 
PHE CB  HB2  sing N N 325 
PHE CB  HB3  sing N N 326 
PHE CG  CD1  doub Y N 327 
PHE CG  CD2  sing Y N 328 
PHE CD1 CE1  sing Y N 329 
PHE CD1 HD1  sing N N 330 
PHE CD2 CE2  doub Y N 331 
PHE CD2 HD2  sing N N 332 
PHE CE1 CZ   doub Y N 333 
PHE CE1 HE1  sing N N 334 
PHE CE2 CZ   sing Y N 335 
PHE CE2 HE2  sing N N 336 
PHE CZ  HZ   sing N N 337 
PHE OXT HXT  sing N N 338 
PRO N   CA   sing N N 339 
PRO N   CD   sing N N 340 
PRO N   H    sing N N 341 
PRO CA  C    sing N N 342 
PRO CA  CB   sing N N 343 
PRO CA  HA   sing N N 344 
PRO C   O    doub N N 345 
PRO C   OXT  sing N N 346 
PRO CB  CG   sing N N 347 
PRO CB  HB2  sing N N 348 
PRO CB  HB3  sing N N 349 
PRO CG  CD   sing N N 350 
PRO CG  HG2  sing N N 351 
PRO CG  HG3  sing N N 352 
PRO CD  HD2  sing N N 353 
PRO CD  HD3  sing N N 354 
PRO OXT HXT  sing N N 355 
SER N   CA   sing N N 356 
SER N   H    sing N N 357 
SER N   H2   sing N N 358 
SER CA  C    sing N N 359 
SER CA  CB   sing N N 360 
SER CA  HA   sing N N 361 
SER C   O    doub N N 362 
SER C   OXT  sing N N 363 
SER CB  OG   sing N N 364 
SER CB  HB2  sing N N 365 
SER CB  HB3  sing N N 366 
SER OG  HG   sing N N 367 
SER OXT HXT  sing N N 368 
THR N   CA   sing N N 369 
THR N   H    sing N N 370 
THR N   H2   sing N N 371 
THR CA  C    sing N N 372 
THR CA  CB   sing N N 373 
THR CA  HA   sing N N 374 
THR C   O    doub N N 375 
THR C   OXT  sing N N 376 
THR CB  OG1  sing N N 377 
THR CB  CG2  sing N N 378 
THR CB  HB   sing N N 379 
THR OG1 HG1  sing N N 380 
THR CG2 HG21 sing N N 381 
THR CG2 HG22 sing N N 382 
THR CG2 HG23 sing N N 383 
THR OXT HXT  sing N N 384 
TYR N   CA   sing N N 385 
TYR N   H    sing N N 386 
TYR N   H2   sing N N 387 
TYR CA  C    sing N N 388 
TYR CA  CB   sing N N 389 
TYR CA  HA   sing N N 390 
TYR C   O    doub N N 391 
TYR C   OXT  sing N N 392 
TYR CB  CG   sing N N 393 
TYR CB  HB2  sing N N 394 
TYR CB  HB3  sing N N 395 
TYR CG  CD1  doub Y N 396 
TYR CG  CD2  sing Y N 397 
TYR CD1 CE1  sing Y N 398 
TYR CD1 HD1  sing N N 399 
TYR CD2 CE2  doub Y N 400 
TYR CD2 HD2  sing N N 401 
TYR CE1 CZ   doub Y N 402 
TYR CE1 HE1  sing N N 403 
TYR CE2 CZ   sing Y N 404 
TYR CE2 HE2  sing N N 405 
TYR CZ  OH   sing N N 406 
TYR OH  HH   sing N N 407 
TYR OXT HXT  sing N N 408 
VAL N   CA   sing N N 409 
VAL N   H    sing N N 410 
VAL N   H2   sing N N 411 
VAL CA  C    sing N N 412 
VAL CA  CB   sing N N 413 
VAL CA  HA   sing N N 414 
VAL C   O    doub N N 415 
VAL C   OXT  sing N N 416 
VAL CB  CG1  sing N N 417 
VAL CB  CG2  sing N N 418 
VAL CB  HB   sing N N 419 
VAL CG1 HG11 sing N N 420 
VAL CG1 HG12 sing N N 421 
VAL CG1 HG13 sing N N 422 
VAL CG2 HG21 sing N N 423 
VAL CG2 HG22 sing N N 424 
VAL CG2 HG23 sing N N 425 
VAL OXT HXT  sing N N 426 
# 
_pdbx_deposit_group.group_id            G_1002045 
_pdbx_deposit_group.group_description   
;human NUDT7 screened against the 3D-Fragment Consortium Library by X-ray Crystallography at the XChem facility of Diamond Light Source beamline I04-1
;
_pdbx_deposit_group.group_title         'PanDDA analysis group deposition of models with modelled events (e.g. bound ligands)' 
_pdbx_deposit_group.group_type          'changed state' 
# 
loop_
_pdbx_entity_nonpoly.entity_id 
_pdbx_entity_nonpoly.name 
_pdbx_entity_nonpoly.comp_id 
2 'ACETATE ION'                                  ACT 
3 'DIMETHYL SULFOXIDE'                           DMS 
4 '2-(3-methylphenyl)-N-(pyridin-3-yl)acetamide' H54 
5 water                                          HOH 
# 
_pdbx_related_exp_data_set.ordinal              1 
_pdbx_related_exp_data_set.data_reference       10.5281/zenodo.1244111 
_pdbx_related_exp_data_set.metadata_reference   10.5281/zenodo.1244111 
_pdbx_related_exp_data_set.data_set_type        'other data' 
_pdbx_related_exp_data_set.details              'Complete PanDDA analysis' 
# 
